data_5E7P
#
_entry.id   5E7P
#
_cell.length_a   86.801
_cell.length_b   111.816
_cell.length_c   151.705
_cell.angle_alpha   90.00
_cell.angle_beta   90.00
_cell.angle_gamma   90.00
#
_symmetry.space_group_name_H-M   'P 21 21 21'
#
loop_
_entity.id
_entity.type
_entity.pdbx_description
1 polymer 'Cell division control protein Cdc48'
2 non-polymer "ADENOSINE-5'-DIPHOSPHATE"
3 non-polymer 'TETRAETHYLENE GLYCOL'
4 non-polymer GLYCEROL
5 non-polymer 'TRIETHYLENE GLYCOL'
6 water water
#
_entity_poly.entity_id   1
_entity_poly.type   'polypeptide(L)'
_entity_poly.pdbx_seq_one_letter_code
;MSQGFDDEFGGADQYDTPLSHLRLTARLNTSALDSRRGVVRLHPEVLAALGIREWDAVALTGTRTTAAVAGVAGPGVPAG
TALLDDVTLSNAGVRENAAVLVSPVTVYGARSVTVSGSRLATQSISPATLRMALLGKVMTVGDTVSLLPRDLGPGTSTSA
ATSALASSVGITWTSELLTVTAVDPPGTVSVQPNSVVSWGTGTPEDPAPPPTGRHTVSPQRSEQPVSFDDVKVTHPQAVK
LDEWLRLSLDEPELLKTLGATPHLGVLVSGPAGVGKATMVRAVCASRRVVELDGPEVGALQVDERLRSVTSAVAAVTESG
GVLFIADVDALLPAGNEMRPPEPVATLILAELRKAVATPGVAFIATSAVPENVDARLRAPEVCDRELGLSLPDATARRSL
LEMLLRGVPSEDLDLGDIADHTPGFVVADLAAVVREGALRAAARASSSDDDPVLRHADLEGALTVIRPLSRSASEEVSVG
SVTLDDVGDMVETKRALTEAVLWPLQHPDTFSRLGIDPPRGVLLYGPPGCGKTFVVRALASSGRLSVHAVKGSELMDKWV
GSSEKAVRELFARARDSAPSLVFLDEIDALAPRRGQNFDSGVTDKVVASLLTELDGIEPLRDVVVLGATNRPDLIDPALL
RPGRLERLVFVEPPDAAARRDILRTAGKSIPLADDVDLDSLADDLDGYSAADCVALLRESAMTAMRRSIDAADVTAADVA
KARETVRPSLDPAQVESLREFAEKR
;
_entity_poly.pdbx_strand_id   A,B
#
# COMPACT_ATOMS: atom_id res chain seq x y z
N THR A 17 -13.04 -25.91 -37.33
CA THR A 17 -14.30 -25.28 -36.96
C THR A 17 -14.90 -24.50 -38.13
N PRO A 18 -16.18 -24.75 -38.43
CA PRO A 18 -16.90 -24.09 -39.53
C PRO A 18 -16.93 -22.57 -39.38
N LEU A 19 -16.62 -21.87 -40.48
CA LEU A 19 -16.54 -20.42 -40.46
C LEU A 19 -17.87 -19.79 -40.82
N SER A 20 -18.63 -19.39 -39.79
CA SER A 20 -19.94 -18.79 -40.00
C SER A 20 -19.82 -17.40 -40.64
N HIS A 21 -20.84 -17.00 -41.37
CA HIS A 21 -20.81 -15.74 -42.10
C HIS A 21 -22.20 -15.29 -42.51
N LEU A 22 -22.37 -13.99 -42.72
CA LEU A 22 -23.65 -13.43 -43.15
C LEU A 22 -23.44 -12.27 -44.10
N ARG A 23 -24.33 -12.15 -45.08
CA ARG A 23 -24.35 -10.96 -45.93
C ARG A 23 -25.31 -9.96 -45.31
N LEU A 24 -24.84 -8.74 -45.10
CA LEU A 24 -25.68 -7.69 -44.53
C LEU A 24 -25.65 -6.44 -45.41
N THR A 25 -26.53 -5.50 -45.11
CA THR A 25 -26.51 -4.21 -45.77
C THR A 25 -25.65 -3.25 -44.97
N ALA A 26 -24.73 -2.57 -45.63
CA ALA A 26 -23.80 -1.67 -44.96
C ALA A 26 -24.26 -0.23 -45.06
N ARG A 27 -24.75 0.32 -43.96
CA ARG A 27 -25.17 1.71 -43.90
C ARG A 27 -24.11 2.58 -43.22
N LEU A 28 -24.00 3.83 -43.68
CA LEU A 28 -23.01 4.76 -43.16
C LEU A 28 -23.39 5.23 -41.76
N ASN A 29 -22.51 4.99 -40.79
CA ASN A 29 -22.71 5.48 -39.44
C ASN A 29 -22.59 7.00 -39.42
N THR A 30 -23.70 7.67 -39.11
CA THR A 30 -23.76 9.12 -39.19
C THR A 30 -23.25 9.83 -37.94
N SER A 31 -23.12 9.08 -36.84
CA SER A 31 -22.64 9.65 -35.59
C SER A 31 -21.13 9.82 -35.59
N ALA A 32 -20.67 11.07 -35.50
CA ALA A 32 -19.25 11.38 -35.53
C ALA A 32 -18.52 10.85 -34.29
N LEU A 33 -19.25 10.74 -33.19
CA LEU A 33 -18.67 10.25 -31.93
C LEU A 33 -18.59 8.73 -31.90
N ASP A 34 -19.11 8.08 -32.94
CA ASP A 34 -19.12 6.63 -33.01
C ASP A 34 -18.26 6.17 -34.19
N SER A 35 -17.80 7.13 -34.97
CA SER A 35 -17.10 6.83 -36.22
C SER A 35 -15.58 6.99 -36.10
N ARG A 36 -14.86 6.30 -36.97
CA ARG A 36 -13.41 6.40 -37.05
C ARG A 36 -12.72 5.98 -35.74
N ARG A 37 -13.29 4.96 -35.11
CA ARG A 37 -12.73 4.42 -33.86
C ARG A 37 -12.51 2.91 -33.95
N GLY A 38 -12.67 2.37 -35.15
CA GLY A 38 -12.46 0.96 -35.38
C GLY A 38 -13.61 0.09 -34.90
N VAL A 39 -14.82 0.63 -34.94
CA VAL A 39 -15.99 -0.06 -34.43
C VAL A 39 -17.10 -0.18 -35.47
N VAL A 40 -17.57 -1.40 -35.69
CA VAL A 40 -18.71 -1.64 -36.57
C VAL A 40 -19.92 -2.08 -35.75
N ARG A 41 -21.09 -1.49 -36.02
CA ARG A 41 -22.29 -1.75 -35.24
C ARG A 41 -23.13 -2.90 -35.82
N LEU A 42 -23.29 -3.96 -35.03
CA LEU A 42 -24.05 -5.13 -35.44
C LEU A 42 -25.21 -5.40 -34.49
N HIS A 43 -26.31 -5.90 -35.03
CA HIS A 43 -27.43 -6.34 -34.21
C HIS A 43 -27.00 -7.53 -33.38
N PRO A 44 -27.51 -7.64 -32.14
CA PRO A 44 -27.16 -8.76 -31.26
C PRO A 44 -27.47 -10.13 -31.88
N GLU A 45 -28.50 -10.20 -32.72
CA GLU A 45 -28.84 -11.45 -33.38
C GLU A 45 -27.74 -11.90 -34.33
N VAL A 46 -27.06 -10.93 -34.95
CA VAL A 46 -25.92 -11.22 -35.81
C VAL A 46 -24.78 -11.80 -34.98
N LEU A 47 -24.52 -11.18 -33.83
CA LEU A 47 -23.50 -11.65 -32.90
C LEU A 47 -23.79 -13.08 -32.47
N ALA A 48 -25.06 -13.36 -32.20
CA ALA A 48 -25.47 -14.69 -31.79
C ALA A 48 -25.34 -15.70 -32.95
N ALA A 49 -25.77 -15.28 -34.13
CA ALA A 49 -25.72 -16.15 -35.32
C ALA A 49 -24.28 -16.46 -35.72
N LEU A 50 -23.40 -15.48 -35.54
CA LEU A 50 -21.99 -15.66 -35.90
C LEU A 50 -21.22 -16.43 -34.83
N GLY A 51 -21.77 -16.47 -33.61
CA GLY A 51 -21.14 -17.19 -32.53
C GLY A 51 -20.10 -16.37 -31.78
N ILE A 52 -20.30 -15.06 -31.77
CA ILE A 52 -19.37 -14.15 -31.09
C ILE A 52 -20.08 -13.27 -30.08
N ARG A 53 -19.30 -12.65 -29.20
CA ARG A 53 -19.82 -11.67 -28.25
C ARG A 53 -19.49 -10.28 -28.74
N GLU A 54 -19.96 -9.27 -28.01
CA GLU A 54 -19.55 -7.90 -28.28
C GLU A 54 -18.04 -7.77 -28.06
N TRP A 55 -17.41 -6.84 -28.78
CA TRP A 55 -15.97 -6.57 -28.72
C TRP A 55 -15.09 -7.58 -29.46
N ASP A 56 -15.67 -8.68 -29.91
CA ASP A 56 -14.91 -9.58 -30.78
C ASP A 56 -14.75 -8.96 -32.16
N ALA A 57 -13.65 -9.24 -32.83
CA ALA A 57 -13.40 -8.68 -34.15
C ALA A 57 -14.14 -9.48 -35.22
N VAL A 58 -14.55 -8.79 -36.28
CA VAL A 58 -15.16 -9.45 -37.43
C VAL A 58 -14.41 -9.11 -38.71
N ALA A 59 -14.43 -10.04 -39.65
CA ALA A 59 -13.91 -9.77 -40.98
C ALA A 59 -15.00 -9.11 -41.80
N LEU A 60 -14.67 -8.03 -42.49
CA LEU A 60 -15.62 -7.33 -43.35
C LEU A 60 -15.13 -7.34 -44.78
N THR A 61 -15.93 -7.93 -45.68
CA THR A 61 -15.47 -8.20 -47.04
C THR A 61 -16.40 -7.64 -48.12
N GLY A 62 -15.86 -6.75 -48.94
CA GLY A 62 -16.52 -6.32 -50.15
C GLY A 62 -15.64 -6.68 -51.34
N THR A 63 -15.08 -5.67 -52.00
CA THR A 63 -14.08 -5.91 -53.03
C THR A 63 -12.73 -6.12 -52.36
N ARG A 64 -12.64 -5.67 -51.11
CA ARG A 64 -11.45 -5.86 -50.29
C ARG A 64 -11.82 -6.55 -48.98
N THR A 65 -10.81 -6.99 -48.25
CA THR A 65 -11.02 -7.61 -46.94
C THR A 65 -10.38 -6.77 -45.84
N THR A 66 -11.19 -6.40 -44.85
CA THR A 66 -10.67 -5.66 -43.69
C THR A 66 -11.21 -6.28 -42.41
N ALA A 67 -10.95 -5.63 -41.28
CA ALA A 67 -11.46 -6.11 -40.00
C ALA A 67 -11.82 -4.96 -39.07
N ALA A 68 -12.83 -5.18 -38.24
CA ALA A 68 -13.24 -4.18 -37.27
C ALA A 68 -13.75 -4.85 -35.99
N VAL A 69 -13.92 -4.06 -34.95
CA VAL A 69 -14.43 -4.57 -33.67
C VAL A 69 -15.95 -4.52 -33.65
N ALA A 70 -16.57 -5.64 -33.31
CA ALA A 70 -18.03 -5.70 -33.27
C ALA A 70 -18.58 -4.99 -32.03
N GLY A 71 -19.31 -3.91 -32.26
CA GLY A 71 -20.02 -3.22 -31.20
C GLY A 71 -21.51 -3.41 -31.40
N VAL A 72 -22.25 -3.49 -30.29
CA VAL A 72 -23.69 -3.69 -30.38
C VAL A 72 -24.40 -2.47 -30.93
N ALA A 73 -25.24 -2.68 -31.95
CA ALA A 73 -25.98 -1.58 -32.57
C ALA A 73 -27.08 -1.09 -31.63
N GLY A 74 -27.33 0.21 -31.68
CA GLY A 74 -28.40 0.81 -30.89
C GLY A 74 -29.76 0.43 -31.44
N PRO A 75 -30.82 0.86 -30.75
CA PRO A 75 -32.19 0.59 -31.22
C PRO A 75 -32.48 1.31 -32.52
N GLY A 76 -33.34 0.73 -33.36
CA GLY A 76 -33.66 1.32 -34.63
C GLY A 76 -32.82 0.77 -35.75
N VAL A 77 -31.97 -0.20 -35.41
CA VAL A 77 -31.14 -0.87 -36.42
C VAL A 77 -31.55 -2.32 -36.57
N PRO A 78 -32.20 -2.65 -37.69
CA PRO A 78 -32.68 -4.00 -37.99
C PRO A 78 -31.53 -5.00 -38.07
N ALA A 79 -31.83 -6.27 -37.84
CA ALA A 79 -30.81 -7.32 -37.80
C ALA A 79 -30.02 -7.45 -39.11
N GLY A 80 -30.62 -7.06 -40.21
CA GLY A 80 -29.98 -7.19 -41.52
C GLY A 80 -29.11 -6.01 -41.90
N THR A 81 -28.86 -5.11 -40.95
CA THR A 81 -28.08 -3.92 -41.22
C THR A 81 -26.83 -3.80 -40.35
N ALA A 82 -25.70 -3.52 -40.99
CA ALA A 82 -24.45 -3.25 -40.28
C ALA A 82 -24.09 -1.78 -40.46
N LEU A 83 -23.66 -1.14 -39.39
CA LEU A 83 -23.26 0.27 -39.45
C LEU A 83 -21.74 0.39 -39.53
N LEU A 84 -21.26 0.98 -40.62
CA LEU A 84 -19.84 1.16 -40.84
C LEU A 84 -19.53 2.65 -40.98
N ASP A 85 -18.40 3.09 -40.42
CA ASP A 85 -17.96 4.46 -40.59
C ASP A 85 -17.31 4.63 -41.97
N ASP A 86 -16.91 5.86 -42.30
CA ASP A 86 -16.37 6.15 -43.62
C ASP A 86 -15.10 5.36 -43.95
N VAL A 87 -14.20 5.23 -42.99
CA VAL A 87 -12.95 4.53 -43.22
C VAL A 87 -13.12 3.02 -43.35
N THR A 88 -14.10 2.46 -42.66
CA THR A 88 -14.37 1.03 -42.74
C THR A 88 -14.98 0.67 -44.09
N LEU A 89 -15.91 1.48 -44.56
CA LEU A 89 -16.49 1.31 -45.88
C LEU A 89 -15.40 1.34 -46.94
N SER A 90 -14.42 2.21 -46.75
CA SER A 90 -13.30 2.33 -47.66
C SER A 90 -12.36 1.14 -47.55
N ASN A 91 -12.08 0.71 -46.33
CA ASN A 91 -11.17 -0.42 -46.09
C ASN A 91 -11.74 -1.76 -46.57
N ALA A 92 -13.06 -1.87 -46.57
CA ALA A 92 -13.73 -3.12 -46.95
C ALA A 92 -14.11 -3.14 -48.42
N GLY A 93 -13.96 -2.00 -49.09
CA GLY A 93 -14.32 -1.89 -50.50
C GLY A 93 -15.82 -2.05 -50.70
N VAL A 94 -16.59 -1.41 -49.83
CA VAL A 94 -18.04 -1.48 -49.89
C VAL A 94 -18.65 -0.09 -50.04
N ARG A 95 -19.55 0.06 -51.00
CA ARG A 95 -20.29 1.32 -51.18
C ARG A 95 -21.36 1.44 -50.10
N GLU A 96 -21.87 2.64 -49.91
CA GLU A 96 -22.94 2.84 -48.93
C GLU A 96 -24.22 2.15 -49.41
N ASN A 97 -24.94 1.53 -48.48
CA ASN A 97 -26.16 0.78 -48.77
C ASN A 97 -25.94 -0.44 -49.65
N ALA A 98 -24.69 -0.87 -49.78
CA ALA A 98 -24.36 -2.07 -50.54
C ALA A 98 -24.20 -3.28 -49.62
N ALA A 99 -23.92 -4.44 -50.20
CA ALA A 99 -23.81 -5.67 -49.42
C ALA A 99 -22.41 -5.83 -48.83
N VAL A 100 -22.36 -6.37 -47.61
CA VAL A 100 -21.08 -6.66 -46.96
C VAL A 100 -21.10 -8.05 -46.32
N LEU A 101 -20.02 -8.79 -46.49
CA LEU A 101 -19.87 -10.09 -45.84
C LEU A 101 -19.22 -9.94 -44.48
N VAL A 102 -19.90 -10.43 -43.44
CA VAL A 102 -19.41 -10.35 -42.08
C VAL A 102 -19.13 -11.76 -41.55
N SER A 103 -18.00 -11.94 -40.88
CA SER A 103 -17.64 -13.24 -40.33
C SER A 103 -16.59 -13.08 -39.24
N PRO A 104 -16.59 -13.98 -38.25
CA PRO A 104 -15.56 -13.96 -37.21
C PRO A 104 -14.18 -14.12 -37.81
N VAL A 105 -13.21 -13.42 -37.24
CA VAL A 105 -11.83 -13.49 -37.74
C VAL A 105 -10.87 -13.75 -36.58
N THR A 106 -9.87 -14.57 -36.84
CA THR A 106 -8.82 -14.80 -35.85
C THR A 106 -7.88 -13.60 -35.85
N VAL A 107 -7.70 -13.00 -34.68
CA VAL A 107 -6.82 -11.84 -34.55
C VAL A 107 -5.69 -12.13 -33.58
N TYR A 108 -4.48 -12.32 -34.10
CA TYR A 108 -3.33 -12.56 -33.24
C TYR A 108 -2.74 -11.24 -32.75
N GLY A 109 -2.00 -11.30 -31.65
CA GLY A 109 -1.23 -10.15 -31.21
C GLY A 109 -0.13 -9.88 -32.22
N ALA A 110 -0.05 -8.65 -32.69
CA ALA A 110 0.95 -8.26 -33.67
C ALA A 110 2.37 -8.35 -33.11
N ARG A 111 3.26 -8.97 -33.87
CA ARG A 111 4.68 -8.86 -33.57
C ARG A 111 5.09 -7.46 -33.98
N SER A 112 4.66 -7.05 -35.16
CA SER A 112 4.93 -5.71 -35.67
C SER A 112 3.78 -5.23 -36.54
N VAL A 113 3.67 -3.91 -36.69
CA VAL A 113 2.76 -3.30 -37.65
C VAL A 113 3.48 -2.12 -38.26
N THR A 114 3.66 -2.14 -39.58
CA THR A 114 4.32 -1.03 -40.26
C THR A 114 3.27 -0.11 -40.88
N VAL A 115 3.36 1.18 -40.57
CA VAL A 115 2.43 2.16 -41.08
C VAL A 115 3.14 3.20 -41.93
N SER A 116 2.39 3.88 -42.79
CA SER A 116 2.95 4.93 -43.63
C SER A 116 2.22 6.24 -43.40
N GLY A 117 2.95 7.35 -43.48
CA GLY A 117 2.37 8.66 -43.31
C GLY A 117 3.22 9.74 -43.93
N SER A 118 2.94 10.99 -43.57
CA SER A 118 3.71 12.12 -44.06
C SER A 118 5.10 12.14 -43.46
N ARG A 119 6.01 12.90 -44.08
CA ARG A 119 7.38 12.99 -43.60
C ARG A 119 7.47 13.71 -42.26
N LEU A 120 6.46 14.52 -41.95
CA LEU A 120 6.43 15.27 -40.70
CA LEU A 120 6.42 15.28 -40.71
C LEU A 120 6.04 14.39 -39.52
N ALA A 121 5.03 13.56 -39.70
CA ALA A 121 4.59 12.65 -38.65
C ALA A 121 5.59 11.52 -38.47
N THR A 122 6.26 11.16 -39.56
CA THR A 122 7.28 10.11 -39.54
C THR A 122 8.49 10.54 -38.70
N GLN A 123 8.72 11.85 -38.66
CA GLN A 123 9.86 12.39 -37.93
C GLN A 123 9.52 12.93 -36.54
N SER A 124 8.23 13.18 -36.30
CA SER A 124 7.81 13.80 -35.04
C SER A 124 7.14 12.85 -34.07
N ILE A 125 6.61 11.73 -34.57
CA ILE A 125 5.89 10.78 -33.72
C ILE A 125 6.65 9.47 -33.54
N SER A 126 7.05 9.20 -32.30
CA SER A 126 7.83 8.02 -31.97
C SER A 126 6.98 6.75 -32.08
N PRO A 127 7.63 5.61 -32.34
CA PRO A 127 6.96 4.30 -32.38
C PRO A 127 6.21 3.97 -31.07
N ALA A 128 6.73 4.44 -29.94
CA ALA A 128 6.06 4.21 -28.66
C ALA A 128 4.73 4.97 -28.60
N THR A 129 4.71 6.17 -29.17
CA THR A 129 3.50 6.96 -29.24
C THR A 129 2.48 6.31 -30.17
N LEU A 130 2.96 5.78 -31.29
CA LEU A 130 2.11 5.06 -32.24
C LEU A 130 1.41 3.88 -31.56
N ARG A 131 2.17 3.10 -30.81
CA ARG A 131 1.65 1.92 -30.14
C ARG A 131 0.63 2.31 -29.07
N MET A 132 0.92 3.38 -28.34
CA MET A 132 0.01 3.89 -27.33
C MET A 132 -1.33 4.32 -27.95
N ALA A 133 -1.24 5.03 -29.07
CA ALA A 133 -2.42 5.58 -29.72
C ALA A 133 -3.29 4.51 -30.39
N LEU A 134 -2.66 3.41 -30.79
CA LEU A 134 -3.36 2.36 -31.53
C LEU A 134 -3.52 1.09 -30.70
N LEU A 135 -3.26 1.19 -29.40
CA LEU A 135 -3.29 0.03 -28.51
C LEU A 135 -4.66 -0.65 -28.53
N GLY A 136 -4.66 -1.95 -28.83
CA GLY A 136 -5.88 -2.74 -28.81
C GLY A 136 -6.63 -2.80 -30.13
N LYS A 137 -6.32 -1.90 -31.05
CA LYS A 137 -7.02 -1.83 -32.32
C LYS A 137 -6.55 -2.89 -33.32
N VAL A 138 -7.46 -3.34 -34.18
CA VAL A 138 -7.14 -4.35 -35.19
C VAL A 138 -6.58 -3.73 -36.47
N MET A 139 -5.59 -4.40 -37.05
CA MET A 139 -4.92 -3.91 -38.24
C MET A 139 -4.96 -4.95 -39.34
N THR A 140 -5.05 -4.47 -40.59
CA THR A 140 -4.97 -5.32 -41.76
C THR A 140 -4.20 -4.55 -42.82
N VAL A 141 -3.37 -5.24 -43.59
CA VAL A 141 -2.57 -4.58 -44.62
C VAL A 141 -3.45 -3.85 -45.63
N GLY A 142 -3.15 -2.58 -45.86
CA GLY A 142 -3.89 -1.76 -46.80
C GLY A 142 -4.94 -0.88 -46.13
N ASP A 143 -5.19 -1.14 -44.85
CA ASP A 143 -6.18 -0.37 -44.10
C ASP A 143 -5.78 1.07 -43.89
N THR A 144 -6.77 1.95 -43.80
CA THR A 144 -6.53 3.33 -43.39
C THR A 144 -6.97 3.50 -41.93
N VAL A 145 -6.00 3.77 -41.06
CA VAL A 145 -6.30 3.97 -39.65
C VAL A 145 -6.10 5.42 -39.24
N SER A 146 -6.87 5.85 -38.24
CA SER A 146 -6.75 7.20 -37.71
C SER A 146 -6.29 7.15 -36.26
N LEU A 147 -5.27 7.95 -35.95
CA LEU A 147 -4.75 8.02 -34.59
C LEU A 147 -5.71 8.77 -33.68
N LEU A 148 -6.42 9.73 -34.25
CA LEU A 148 -7.35 10.56 -33.49
C LEU A 148 -8.56 10.89 -34.35
N PRO A 149 -9.77 10.64 -33.82
CA PRO A 149 -11.02 10.88 -34.55
C PRO A 149 -11.27 12.35 -34.82
N ARG A 150 -10.90 13.22 -33.89
CA ARG A 150 -11.14 14.65 -34.03
C ARG A 150 -9.87 15.47 -33.81
N ASP A 151 -10.05 16.74 -33.47
CA ASP A 151 -8.92 17.62 -33.20
C ASP A 151 -9.08 18.36 -31.87
N SER A 159 -10.00 26.91 -28.05
CA SER A 159 -9.05 25.94 -28.54
C SER A 159 -7.79 25.89 -27.66
N ALA A 160 -7.53 26.98 -26.95
CA ALA A 160 -6.40 27.03 -26.04
C ALA A 160 -6.66 26.16 -24.82
N ALA A 161 -7.93 26.07 -24.43
CA ALA A 161 -8.33 25.24 -23.31
C ALA A 161 -8.48 23.78 -23.74
N THR A 162 -8.74 23.56 -25.02
CA THR A 162 -8.89 22.22 -25.56
C THR A 162 -7.53 21.55 -25.75
N SER A 163 -6.56 22.34 -26.22
CA SER A 163 -5.20 21.84 -26.41
C SER A 163 -4.56 21.52 -25.07
N ALA A 164 -4.83 22.35 -24.08
CA ALA A 164 -4.35 22.11 -22.72
C ALA A 164 -5.00 20.86 -22.16
N LEU A 165 -6.25 20.64 -22.53
CA LEU A 165 -6.99 19.44 -22.10
C LEU A 165 -6.38 18.20 -22.71
N ALA A 166 -6.16 18.23 -24.03
CA ALA A 166 -5.59 17.09 -24.75
C ALA A 166 -4.24 16.68 -24.17
N SER A 167 -3.41 17.66 -23.83
CA SER A 167 -2.09 17.38 -23.28
C SER A 167 -2.16 16.89 -21.84
N SER A 168 -3.14 17.38 -21.09
CA SER A 168 -3.31 16.97 -19.70
C SER A 168 -3.84 15.54 -19.60
N VAL A 169 -4.45 15.08 -20.68
CA VAL A 169 -4.99 13.72 -20.74
C VAL A 169 -3.99 12.80 -21.47
N GLY A 170 -2.97 13.41 -22.08
CA GLY A 170 -1.89 12.65 -22.66
C GLY A 170 -1.95 12.48 -24.16
N ILE A 171 -2.77 13.31 -24.81
CA ILE A 171 -2.85 13.30 -26.26
C ILE A 171 -1.75 14.17 -26.87
N THR A 172 -0.76 13.54 -27.47
CA THR A 172 0.37 14.23 -28.06
C THR A 172 0.30 14.21 -29.58
N TRP A 173 -0.08 13.06 -30.12
CA TRP A 173 -0.20 12.88 -31.57
C TRP A 173 -1.35 13.69 -32.16
N THR A 174 -1.37 13.79 -33.48
CA THR A 174 -2.41 14.54 -34.17
C THR A 174 -3.37 13.61 -34.91
N SER A 175 -4.35 14.19 -35.60
CA SER A 175 -5.35 13.41 -36.31
C SER A 175 -4.98 13.23 -37.79
N GLU A 176 -3.96 12.43 -38.06
CA GLU A 176 -3.55 12.16 -39.43
C GLU A 176 -3.84 10.71 -39.81
N LEU A 177 -4.47 10.53 -40.96
CA LEU A 177 -4.81 9.20 -41.45
C LEU A 177 -3.58 8.49 -42.02
N LEU A 178 -3.32 7.29 -41.52
CA LEU A 178 -2.18 6.50 -41.96
C LEU A 178 -2.67 5.27 -42.71
N THR A 179 -1.74 4.57 -43.36
CA THR A 179 -2.06 3.31 -44.01
C THR A 179 -1.15 2.20 -43.49
N VAL A 180 -1.70 1.00 -43.39
CA VAL A 180 -0.95 -0.16 -42.92
C VAL A 180 -0.27 -0.86 -44.09
N THR A 181 1.05 -0.77 -44.16
CA THR A 181 1.80 -1.34 -45.26
C THR A 181 2.25 -2.77 -44.98
N ALA A 182 2.22 -3.16 -43.71
CA ALA A 182 2.64 -4.50 -43.32
C ALA A 182 2.19 -4.86 -41.90
N VAL A 183 1.88 -6.14 -41.69
CA VAL A 183 1.63 -6.67 -40.37
C VAL A 183 2.39 -7.97 -40.18
N ASP A 184 2.52 -8.41 -38.94
CA ASP A 184 3.22 -9.65 -38.63
C ASP A 184 2.69 -10.22 -37.32
N PRO A 185 2.14 -11.44 -37.35
CA PRO A 185 1.99 -12.36 -38.49
C PRO A 185 1.00 -11.87 -39.54
N PRO A 186 1.06 -12.41 -40.77
CA PRO A 186 0.15 -12.01 -41.85
C PRO A 186 -1.32 -12.20 -41.48
N GLY A 187 -2.19 -11.41 -42.10
CA GLY A 187 -3.62 -11.51 -41.86
C GLY A 187 -4.15 -10.31 -41.09
N THR A 188 -4.76 -10.58 -39.94
CA THR A 188 -5.31 -9.53 -39.10
C THR A 188 -4.73 -9.59 -37.70
N VAL A 189 -4.21 -8.46 -37.23
CA VAL A 189 -3.53 -8.41 -35.95
C VAL A 189 -4.04 -7.26 -35.08
N SER A 190 -3.80 -7.36 -33.78
CA SER A 190 -4.16 -6.32 -32.85
C SER A 190 -2.90 -5.75 -32.20
N VAL A 191 -2.89 -4.44 -31.96
CA VAL A 191 -1.73 -3.80 -31.34
C VAL A 191 -1.69 -4.07 -29.85
N GLN A 192 -0.65 -4.76 -29.41
CA GLN A 192 -0.47 -5.13 -28.02
C GLN A 192 0.72 -4.38 -27.43
N PRO A 193 0.85 -4.36 -26.10
CA PRO A 193 2.03 -3.72 -25.48
C PRO A 193 3.35 -4.35 -25.93
N ASN A 194 3.33 -5.65 -26.25
CA ASN A 194 4.54 -6.32 -26.74
C ASN A 194 4.68 -6.26 -28.26
N SER A 195 3.86 -5.43 -28.88
CA SER A 195 3.97 -5.20 -30.32
C SER A 195 4.92 -4.04 -30.56
N VAL A 196 5.40 -3.93 -31.80
CA VAL A 196 6.13 -2.75 -32.21
C VAL A 196 5.43 -2.10 -33.40
N VAL A 197 5.22 -0.79 -33.33
CA VAL A 197 4.58 -0.07 -34.42
C VAL A 197 5.53 0.98 -34.98
N SER A 198 6.07 0.72 -36.17
CA SER A 198 7.11 1.57 -36.74
C SER A 198 6.74 2.12 -38.12
N TRP A 199 7.42 3.19 -38.51
CA TRP A 199 7.14 3.85 -39.78
C TRP A 199 7.65 3.05 -40.96
N GLY A 200 7.09 3.34 -42.14
CA GLY A 200 7.51 2.68 -43.37
C GLY A 200 8.89 3.13 -43.79
N THR A 201 9.83 2.19 -43.82
CA THR A 201 11.21 2.48 -44.20
C THR A 201 11.56 1.82 -45.52
N GLY A 202 11.43 2.56 -46.61
CA GLY A 202 10.99 3.95 -46.58
C GLY A 202 11.10 4.62 -47.93
N THR A 203 10.26 5.62 -48.15
CA THR A 203 10.27 6.36 -49.41
C THR A 203 11.62 7.05 -49.66
N PRO A 204 12.19 6.82 -50.85
CA PRO A 204 13.51 7.35 -51.23
C PRO A 204 13.58 8.88 -51.17
N GLU A 205 12.49 9.55 -51.53
CA GLU A 205 12.44 11.01 -51.53
C GLU A 205 12.51 11.56 -50.11
N ASP A 206 11.67 11.04 -49.23
CA ASP A 206 11.65 11.48 -47.85
C ASP A 206 12.81 10.91 -47.06
N PRO A 207 13.20 11.60 -45.98
CA PRO A 207 14.30 11.14 -45.14
C PRO A 207 13.92 9.88 -44.37
N ALA A 208 14.89 9.01 -44.17
CA ALA A 208 14.68 7.78 -43.40
C ALA A 208 14.33 8.12 -41.96
N PRO A 209 13.45 7.32 -41.34
CA PRO A 209 13.03 7.59 -39.96
C PRO A 209 14.11 7.19 -38.94
N PRO A 210 14.11 7.84 -37.76
CA PRO A 210 15.09 7.63 -36.69
C PRO A 210 15.29 6.15 -36.33
N PRO A 211 16.50 5.80 -35.87
CA PRO A 211 16.84 4.42 -35.49
C PRO A 211 16.04 3.96 -34.28
N THR A 212 15.73 2.66 -34.24
CA THR A 212 14.95 2.09 -33.15
C THR A 212 15.70 0.94 -32.48
N GLY A 213 15.19 0.49 -31.35
CA GLY A 213 15.75 -0.68 -30.67
C GLY A 213 17.04 -0.41 -29.94
N ARG A 214 17.33 0.86 -29.66
CA ARG A 214 18.51 1.24 -28.90
C ARG A 214 18.13 1.68 -27.49
N HIS A 215 19.06 1.52 -26.54
CA HIS A 215 18.74 1.75 -25.14
C HIS A 215 18.70 3.24 -24.77
N THR A 216 17.88 3.56 -23.78
CA THR A 216 17.84 4.90 -23.20
C THR A 216 18.30 4.83 -21.75
N VAL A 217 18.85 5.94 -21.26
CA VAL A 217 19.31 5.99 -19.88
C VAL A 217 18.55 7.06 -19.09
N SER A 218 17.95 6.63 -17.99
CA SER A 218 17.32 7.58 -17.07
C SER A 218 18.17 7.67 -15.81
N PRO A 219 18.79 8.84 -15.58
CA PRO A 219 19.69 9.05 -14.44
C PRO A 219 19.00 8.85 -13.09
N GLN A 220 19.79 8.72 -12.03
CA GLN A 220 19.26 8.57 -10.68
C GLN A 220 18.36 9.74 -10.30
N ARG A 221 17.26 9.44 -9.61
CA ARG A 221 16.34 10.45 -9.09
C ARG A 221 15.76 11.33 -10.19
N SER A 222 15.52 10.75 -11.36
CA SER A 222 14.97 11.50 -12.48
C SER A 222 13.46 11.71 -12.34
N GLU A 223 12.94 12.70 -13.07
CA GLU A 223 11.52 13.02 -13.03
C GLU A 223 10.68 11.86 -13.57
N GLN A 224 9.72 11.42 -12.78
CA GLN A 224 8.89 10.28 -13.15
C GLN A 224 7.44 10.71 -13.34
N PRO A 225 6.79 10.22 -14.41
CA PRO A 225 5.37 10.53 -14.64
C PRO A 225 4.48 9.91 -13.54
N VAL A 226 4.83 8.71 -13.10
CA VAL A 226 4.07 8.03 -12.05
C VAL A 226 4.97 7.66 -10.88
N SER A 227 4.61 8.13 -9.69
CA SER A 227 5.43 7.92 -8.50
C SER A 227 5.31 6.50 -7.95
N PHE A 228 6.21 6.16 -7.03
CA PHE A 228 6.19 4.85 -6.37
C PHE A 228 4.97 4.72 -5.45
N ASP A 229 4.60 5.82 -4.80
CA ASP A 229 3.42 5.83 -3.94
C ASP A 229 2.14 5.58 -4.74
N ASP A 230 2.07 6.18 -5.92
CA ASP A 230 0.93 6.02 -6.81
C ASP A 230 0.78 4.57 -7.27
N VAL A 231 1.90 3.91 -7.51
CA VAL A 231 1.91 2.56 -8.04
C VAL A 231 1.44 1.52 -7.02
N LYS A 232 1.88 1.66 -5.78
CA LYS A 232 1.65 0.62 -4.78
C LYS A 232 0.26 0.60 -4.17
N VAL A 233 -0.58 1.57 -4.52
CA VAL A 233 -1.95 1.59 -4.01
C VAL A 233 -2.85 0.58 -4.72
N THR A 234 -2.52 0.24 -5.96
CA THR A 234 -3.25 -0.80 -6.68
C THR A 234 -2.35 -1.98 -7.02
N HIS A 235 -1.04 -1.80 -6.85
CA HIS A 235 -0.09 -2.87 -7.08
C HIS A 235 0.82 -3.08 -5.87
N PRO A 236 0.34 -3.87 -4.90
CA PRO A 236 1.04 -4.14 -3.63
C PRO A 236 2.35 -4.90 -3.87
N GLN A 237 2.47 -5.51 -5.04
CA GLN A 237 3.67 -6.26 -5.39
C GLN A 237 4.88 -5.34 -5.59
N ALA A 238 4.61 -4.04 -5.79
CA ALA A 238 5.67 -3.05 -5.95
C ALA A 238 6.48 -2.91 -4.67
N VAL A 239 5.83 -3.12 -3.53
CA VAL A 239 6.51 -3.06 -2.24
C VAL A 239 7.57 -4.17 -2.14
N LYS A 240 7.24 -5.34 -2.65
CA LYS A 240 8.14 -6.48 -2.59
C LYS A 240 9.30 -6.32 -3.57
N LEU A 241 9.00 -5.75 -4.74
CA LEU A 241 10.02 -5.47 -5.74
C LEU A 241 11.02 -4.45 -5.21
N ASP A 242 10.50 -3.42 -4.54
CA ASP A 242 11.33 -2.39 -3.95
C ASP A 242 12.24 -2.97 -2.88
N GLU A 243 11.68 -3.85 -2.05
CA GLU A 243 12.43 -4.47 -0.97
C GLU A 243 13.55 -5.37 -1.50
N TRP A 244 13.28 -6.03 -2.62
CA TRP A 244 14.27 -6.88 -3.26
C TRP A 244 15.43 -6.06 -3.81
N LEU A 245 15.10 -4.96 -4.49
CA LEU A 245 16.10 -4.07 -5.05
C LEU A 245 17.00 -3.47 -3.99
N ARG A 246 16.40 -3.04 -2.88
CA ARG A 246 17.16 -2.38 -1.83
C ARG A 246 18.12 -3.33 -1.14
N LEU A 247 17.69 -4.57 -0.89
CA LEU A 247 18.55 -5.57 -0.29
C LEU A 247 19.74 -5.89 -1.19
N SER A 248 19.46 -6.04 -2.48
CA SER A 248 20.49 -6.38 -3.44
C SER A 248 21.47 -5.23 -3.67
N LEU A 249 20.95 -4.02 -3.85
CA LEU A 249 21.78 -2.89 -4.25
C LEU A 249 22.29 -2.03 -3.10
N ASP A 250 21.50 -1.93 -2.02
CA ASP A 250 21.84 -1.00 -0.94
C ASP A 250 22.33 -1.66 0.35
N GLU A 251 21.82 -2.84 0.67
CA GLU A 251 22.21 -3.54 1.89
C GLU A 251 22.72 -4.96 1.61
N PRO A 252 23.82 -5.07 0.87
CA PRO A 252 24.31 -6.38 0.40
C PRO A 252 24.91 -7.23 1.52
N GLU A 253 25.29 -6.58 2.62
CA GLU A 253 25.89 -7.29 3.73
C GLU A 253 24.85 -8.01 4.58
N LEU A 254 23.59 -7.59 4.48
CA LEU A 254 22.51 -8.28 5.14
C LEU A 254 22.31 -9.64 4.48
N LEU A 255 22.26 -9.64 3.15
CA LEU A 255 22.11 -10.88 2.39
C LEU A 255 23.32 -11.78 2.56
N LYS A 256 24.50 -11.17 2.62
CA LYS A 256 25.75 -11.90 2.77
C LYS A 256 25.81 -12.60 4.13
N THR A 257 25.27 -11.96 5.15
CA THR A 257 25.25 -12.53 6.49
C THR A 257 24.39 -13.80 6.54
N LEU A 258 23.33 -13.81 5.75
CA LEU A 258 22.40 -14.94 5.75
C LEU A 258 22.76 -15.99 4.70
N GLY A 259 23.81 -15.71 3.93
CA GLY A 259 24.27 -16.65 2.91
C GLY A 259 23.46 -16.57 1.62
N ALA A 260 22.58 -15.59 1.54
CA ALA A 260 21.76 -15.38 0.35
C ALA A 260 22.60 -14.77 -0.77
N THR A 261 22.09 -14.87 -1.99
CA THR A 261 22.79 -14.32 -3.15
C THR A 261 22.56 -12.81 -3.27
N PRO A 262 23.62 -12.07 -3.62
CA PRO A 262 23.52 -10.62 -3.80
C PRO A 262 22.91 -10.22 -5.15
N HIS A 263 22.94 -11.14 -6.11
CA HIS A 263 22.43 -10.84 -7.44
C HIS A 263 20.90 -10.80 -7.47
N LEU A 264 20.35 -10.09 -8.45
CA LEU A 264 18.91 -9.93 -8.55
C LEU A 264 18.41 -9.88 -9.99
N GLY A 265 17.61 -10.86 -10.37
CA GLY A 265 16.94 -10.88 -11.65
C GLY A 265 15.46 -11.14 -11.46
N VAL A 266 14.62 -10.26 -11.99
CA VAL A 266 13.19 -10.35 -11.74
C VAL A 266 12.38 -10.33 -13.03
N LEU A 267 11.46 -11.29 -13.17
CA LEU A 267 10.49 -11.28 -14.26
C LEU A 267 9.11 -10.88 -13.75
N VAL A 268 8.64 -9.72 -14.19
CA VAL A 268 7.34 -9.22 -13.77
C VAL A 268 6.29 -9.54 -14.83
N SER A 269 5.19 -10.16 -14.40
CA SER A 269 4.12 -10.53 -15.31
C SER A 269 2.74 -10.05 -14.83
N GLY A 270 1.71 -10.33 -15.62
CA GLY A 270 0.38 -9.85 -15.35
C GLY A 270 -0.28 -9.34 -16.63
N PRO A 271 -1.59 -9.08 -16.58
CA PRO A 271 -2.41 -8.70 -17.74
C PRO A 271 -1.80 -7.56 -18.57
N ALA A 272 -2.09 -7.56 -19.86
CA ALA A 272 -1.56 -6.54 -20.76
C ALA A 272 -2.07 -5.15 -20.39
N GLY A 273 -1.15 -4.20 -20.24
CA GLY A 273 -1.52 -2.84 -19.93
C GLY A 273 -1.96 -2.63 -18.50
N VAL A 274 -1.68 -3.62 -17.65
CA VAL A 274 -2.04 -3.52 -16.24
C VAL A 274 -1.14 -2.52 -15.52
N GLY A 275 0.04 -2.27 -16.09
CA GLY A 275 0.96 -1.29 -15.53
C GLY A 275 2.26 -1.90 -15.03
N LYS A 276 2.74 -2.94 -15.70
CA LYS A 276 3.98 -3.62 -15.29
C LYS A 276 5.21 -2.75 -15.50
N ALA A 277 5.34 -2.14 -16.67
CA ALA A 277 6.50 -1.33 -17.00
C ALA A 277 6.52 -0.04 -16.17
N THR A 278 5.35 0.55 -15.99
CA THR A 278 5.22 1.76 -15.19
C THR A 278 5.63 1.52 -13.74
N MET A 279 5.27 0.35 -13.21
CA MET A 279 5.65 -0.02 -11.86
C MET A 279 7.16 -0.12 -11.72
N VAL A 280 7.81 -0.71 -12.71
CA VAL A 280 9.26 -0.89 -12.68
C VAL A 280 10.00 0.44 -12.69
N ARG A 281 9.55 1.34 -13.56
CA ARG A 281 10.15 2.68 -13.63
C ARG A 281 9.96 3.44 -12.33
N ALA A 282 8.78 3.29 -11.73
CA ALA A 282 8.46 3.97 -10.48
C ALA A 282 9.32 3.44 -9.33
N VAL A 283 9.47 2.12 -9.26
CA VAL A 283 10.27 1.49 -8.21
C VAL A 283 11.75 1.83 -8.34
N CYS A 284 12.22 1.94 -9.58
CA CYS A 284 13.64 2.22 -9.84
C CYS A 284 13.92 3.70 -9.98
N ALA A 285 12.99 4.54 -9.54
CA ALA A 285 13.09 5.99 -9.73
C ALA A 285 14.39 6.60 -9.22
N SER A 286 14.89 6.10 -8.10
CA SER A 286 16.11 6.65 -7.50
C SER A 286 17.37 5.97 -8.05
N ARG A 287 17.17 4.97 -8.90
CA ARG A 287 18.29 4.27 -9.52
C ARG A 287 18.53 4.81 -10.91
N ARG A 288 19.70 4.55 -11.47
CA ARG A 288 19.91 4.81 -12.89
C ARG A 288 19.44 3.58 -13.67
N VAL A 289 18.62 3.82 -14.68
CA VAL A 289 18.03 2.71 -15.41
C VAL A 289 18.45 2.69 -16.87
N VAL A 290 18.98 1.55 -17.30
CA VAL A 290 19.25 1.33 -18.70
C VAL A 290 18.09 0.52 -19.28
N GLU A 291 17.30 1.16 -20.14
CA GLU A 291 16.07 0.55 -20.63
C GLU A 291 16.09 0.21 -22.12
N LEU A 292 15.71 -1.02 -22.43
CA LEU A 292 15.49 -1.44 -23.81
C LEU A 292 14.01 -1.71 -24.00
N ASP A 293 13.49 -1.34 -25.17
CA ASP A 293 12.14 -1.72 -25.53
C ASP A 293 12.19 -3.06 -26.25
N GLY A 294 11.79 -4.12 -25.55
CA GLY A 294 11.77 -5.47 -26.09
C GLY A 294 11.28 -5.64 -27.52
N PRO A 295 10.10 -5.09 -27.84
CA PRO A 295 9.59 -5.20 -29.21
C PRO A 295 10.46 -4.49 -30.25
N GLU A 296 10.93 -3.28 -29.95
CA GLU A 296 11.77 -2.55 -30.90
C GLU A 296 13.08 -3.28 -31.18
N VAL A 297 13.69 -3.82 -30.13
CA VAL A 297 14.92 -4.57 -30.29
C VAL A 297 14.68 -5.91 -30.98
N GLY A 298 13.61 -6.59 -30.58
CA GLY A 298 13.23 -7.85 -31.18
C GLY A 298 12.97 -7.78 -32.68
N ALA A 299 12.61 -6.59 -33.15
CA ALA A 299 12.30 -6.39 -34.57
C ALA A 299 13.56 -6.14 -35.41
N LEU A 300 14.64 -5.77 -34.75
CA LEU A 300 15.91 -5.50 -35.43
C LEU A 300 16.43 -6.75 -36.12
N GLN A 301 17.26 -6.55 -37.14
CA GLN A 301 17.94 -7.66 -37.80
C GLN A 301 18.78 -8.39 -36.77
N VAL A 302 18.80 -9.72 -36.86
CA VAL A 302 19.38 -10.60 -35.86
C VAL A 302 20.74 -10.19 -35.29
N ASP A 303 21.62 -9.65 -36.13
CA ASP A 303 22.96 -9.26 -35.71
C ASP A 303 22.96 -7.88 -35.04
N GLU A 304 22.09 -7.00 -35.51
CA GLU A 304 21.92 -5.68 -34.90
C GLU A 304 21.21 -5.83 -33.56
N ARG A 305 20.42 -6.89 -33.43
CA ARG A 305 19.71 -7.18 -32.20
C ARG A 305 20.70 -7.53 -31.09
N LEU A 306 21.69 -8.36 -31.41
CA LEU A 306 22.69 -8.77 -30.44
C LEU A 306 23.55 -7.59 -29.99
N ARG A 307 23.90 -6.72 -30.93
CA ARG A 307 24.73 -5.55 -30.62
C ARG A 307 24.01 -4.60 -29.68
N SER A 308 22.71 -4.46 -29.87
CA SER A 308 21.90 -3.57 -29.05
C SER A 308 21.86 -4.03 -27.59
N VAL A 309 21.67 -5.33 -27.40
CA VAL A 309 21.67 -5.93 -26.06
C VAL A 309 23.06 -5.81 -25.43
N THR A 310 24.09 -6.02 -26.24
CA THR A 310 25.47 -5.96 -25.80
C THR A 310 25.83 -4.54 -25.35
N SER A 311 25.36 -3.55 -26.11
CA SER A 311 25.62 -2.16 -25.79
C SER A 311 24.91 -1.75 -24.50
N ALA A 312 23.72 -2.28 -24.30
CA ALA A 312 22.92 -1.98 -23.12
C ALA A 312 23.53 -2.60 -21.87
N VAL A 313 24.06 -3.82 -22.01
CA VAL A 313 24.70 -4.51 -20.89
C VAL A 313 26.00 -3.81 -20.45
N ALA A 314 26.79 -3.38 -21.43
CA ALA A 314 28.04 -2.68 -21.13
C ALA A 314 27.79 -1.33 -20.47
N ALA A 315 26.64 -0.73 -20.77
CA ALA A 315 26.29 0.57 -20.22
C ALA A 315 25.84 0.46 -18.77
N VAL A 316 25.10 -0.60 -18.45
CA VAL A 316 24.61 -0.80 -17.09
C VAL A 316 25.72 -1.31 -16.17
N THR A 317 26.71 -1.99 -16.75
CA THR A 317 27.82 -2.53 -15.97
C THR A 317 28.96 -1.53 -15.86
N GLU A 318 28.84 -0.41 -16.58
CA GLU A 318 29.85 0.64 -16.53
C GLU A 318 29.73 1.46 -15.26
N SER A 319 28.51 1.64 -14.78
CA SER A 319 28.28 2.47 -13.60
C SER A 319 27.41 1.76 -12.55
N GLY A 320 26.76 0.68 -12.97
CA GLY A 320 25.85 -0.03 -12.08
C GLY A 320 24.43 0.46 -12.28
N GLY A 321 23.49 -0.16 -11.58
CA GLY A 321 22.09 0.25 -11.69
C GLY A 321 21.18 -0.86 -12.18
N VAL A 322 20.09 -0.47 -12.81
CA VAL A 322 19.09 -1.44 -13.26
C VAL A 322 18.99 -1.54 -14.78
N LEU A 323 19.16 -2.76 -15.29
CA LEU A 323 18.90 -3.04 -16.70
C LEU A 323 17.45 -3.49 -16.82
N PHE A 324 16.65 -2.72 -17.56
CA PHE A 324 15.23 -3.01 -17.69
C PHE A 324 14.82 -3.25 -19.15
N ILE A 325 14.25 -4.42 -19.41
CA ILE A 325 13.70 -4.72 -20.72
C ILE A 325 12.19 -4.90 -20.64
N ALA A 326 11.46 -3.92 -21.17
CA ALA A 326 10.01 -3.98 -21.19
C ALA A 326 9.54 -4.96 -22.25
N ASP A 327 8.67 -5.89 -21.84
CA ASP A 327 8.09 -6.88 -22.75
C ASP A 327 9.16 -7.70 -23.46
N VAL A 328 9.90 -8.46 -22.66
CA VAL A 328 11.05 -9.24 -23.12
C VAL A 328 10.61 -10.46 -23.94
N ASP A 329 9.32 -10.77 -23.93
CA ASP A 329 8.85 -11.93 -24.69
C ASP A 329 8.93 -11.70 -26.21
N ALA A 330 8.99 -10.44 -26.61
CA ALA A 330 9.19 -10.10 -28.02
C ALA A 330 10.67 -10.24 -28.40
N LEU A 331 11.55 -10.05 -27.42
CA LEU A 331 12.98 -10.18 -27.63
C LEU A 331 13.46 -11.61 -27.40
N LEU A 332 12.90 -12.28 -26.40
CA LEU A 332 13.26 -13.67 -26.11
C LEU A 332 12.04 -14.59 -26.07
N PRO A 333 11.45 -14.88 -27.24
CA PRO A 333 10.25 -15.70 -27.33
C PRO A 333 10.52 -17.14 -26.88
N ALA A 334 9.53 -17.78 -26.27
CA ALA A 334 9.72 -19.12 -25.73
C ALA A 334 9.91 -20.18 -26.81
N GLY A 335 9.18 -20.05 -27.90
CA GLY A 335 9.29 -20.99 -29.00
C GLY A 335 8.42 -22.22 -28.84
N ASN A 336 7.95 -22.77 -29.96
CA ASN A 336 7.03 -23.89 -29.94
C ASN A 336 7.54 -25.15 -30.65
N GLU A 337 8.80 -25.49 -30.43
CA GLU A 337 9.41 -26.72 -30.96
C GLU A 337 9.43 -26.84 -32.49
N MET A 338 8.34 -26.49 -33.14
CA MET A 338 8.33 -26.36 -34.60
C MET A 338 9.38 -25.31 -34.96
N ARG A 339 9.32 -24.19 -34.26
CA ARG A 339 10.42 -23.23 -34.26
C ARG A 339 10.95 -23.07 -32.84
N PRO A 340 12.20 -23.52 -32.62
CA PRO A 340 12.87 -23.31 -31.33
C PRO A 340 13.31 -21.86 -31.22
N PRO A 341 13.90 -21.47 -30.08
CA PRO A 341 14.49 -20.12 -30.04
C PRO A 341 15.63 -20.01 -31.04
N GLU A 342 15.79 -18.84 -31.66
CA GLU A 342 16.88 -18.58 -32.58
C GLU A 342 18.23 -18.71 -31.87
N PRO A 343 19.29 -19.04 -32.64
CA PRO A 343 20.65 -19.17 -32.08
C PRO A 343 21.11 -17.90 -31.38
N VAL A 344 20.64 -16.75 -31.84
CA VAL A 344 21.03 -15.46 -31.26
C VAL A 344 20.59 -15.33 -29.80
N ALA A 345 19.54 -16.07 -29.42
CA ALA A 345 19.02 -16.00 -28.07
C ALA A 345 20.05 -16.48 -27.06
N THR A 346 20.86 -17.45 -27.46
CA THR A 346 21.91 -17.97 -26.60
C THR A 346 22.93 -16.89 -26.25
N LEU A 347 23.31 -16.11 -27.25
CA LEU A 347 24.27 -15.02 -27.04
C LEU A 347 23.65 -13.85 -26.28
N ILE A 348 22.37 -13.58 -26.56
CA ILE A 348 21.66 -12.53 -25.84
C ILE A 348 21.56 -12.87 -24.35
N LEU A 349 21.24 -14.13 -24.07
CA LEU A 349 21.16 -14.61 -22.69
C LEU A 349 22.50 -14.55 -21.99
N ALA A 350 23.58 -14.78 -22.74
CA ALA A 350 24.92 -14.73 -22.18
C ALA A 350 25.28 -13.32 -21.74
N GLU A 351 24.81 -12.32 -22.48
CA GLU A 351 25.01 -10.92 -22.12
C GLU A 351 24.23 -10.55 -20.85
N LEU A 352 22.97 -10.96 -20.78
CA LEU A 352 22.13 -10.73 -19.61
C LEU A 352 22.74 -11.40 -18.38
N ARG A 353 23.18 -12.64 -18.55
CA ARG A 353 23.79 -13.41 -17.48
C ARG A 353 25.05 -12.70 -16.95
N LYS A 354 25.81 -12.10 -17.87
CA LYS A 354 26.97 -11.31 -17.52
C LYS A 354 26.57 -10.09 -16.70
N ALA A 355 25.43 -9.50 -17.04
CA ALA A 355 24.93 -8.33 -16.33
C ALA A 355 24.50 -8.68 -14.90
N VAL A 356 23.76 -9.78 -14.77
CA VAL A 356 23.24 -10.21 -13.47
C VAL A 356 24.37 -10.53 -12.49
N ALA A 357 25.48 -11.05 -13.00
CA ALA A 357 26.61 -11.40 -12.15
C ALA A 357 27.45 -10.20 -11.75
N THR A 358 27.14 -9.03 -12.31
CA THR A 358 27.87 -7.81 -12.01
C THR A 358 27.39 -7.15 -10.72
N PRO A 359 28.31 -6.90 -9.79
CA PRO A 359 28.00 -6.20 -8.53
C PRO A 359 27.46 -4.80 -8.79
N GLY A 360 26.39 -4.43 -8.09
CA GLY A 360 25.77 -3.13 -8.27
C GLY A 360 24.84 -3.07 -9.47
N VAL A 361 24.55 -4.23 -10.05
CA VAL A 361 23.65 -4.30 -11.20
C VAL A 361 22.47 -5.24 -10.93
N ALA A 362 21.27 -4.78 -11.24
CA ALA A 362 20.08 -5.62 -11.11
C ALA A 362 19.34 -5.70 -12.45
N PHE A 363 18.63 -6.80 -12.67
CA PHE A 363 17.94 -7.02 -13.94
C PHE A 363 16.44 -7.24 -13.73
N ILE A 364 15.64 -6.41 -14.40
CA ILE A 364 14.19 -6.56 -14.35
C ILE A 364 13.60 -6.58 -15.75
N ALA A 365 12.77 -7.58 -16.03
CA ALA A 365 12.09 -7.66 -17.31
C ALA A 365 10.59 -7.89 -17.11
N THR A 366 9.80 -7.39 -18.06
CA THR A 366 8.36 -7.58 -18.01
C THR A 366 7.87 -8.45 -19.16
N SER A 367 6.69 -9.03 -18.98
CA SER A 367 6.05 -9.85 -19.99
C SER A 367 4.66 -10.21 -19.50
N ALA A 368 3.65 -10.00 -20.34
CA ALA A 368 2.28 -10.31 -19.94
C ALA A 368 2.14 -11.76 -19.50
N VAL A 369 2.55 -12.68 -20.36
CA VAL A 369 2.53 -14.10 -20.05
C VAL A 369 3.96 -14.64 -19.92
N PRO A 370 4.32 -15.11 -18.71
CA PRO A 370 5.70 -15.51 -18.37
C PRO A 370 6.22 -16.65 -19.24
N GLU A 371 5.35 -17.61 -19.57
CA GLU A 371 5.77 -18.76 -20.36
C GLU A 371 5.94 -18.42 -21.85
N ASN A 372 5.71 -17.16 -22.20
CA ASN A 372 6.01 -16.69 -23.55
C ASN A 372 7.46 -16.22 -23.68
N VAL A 373 8.19 -16.23 -22.57
CA VAL A 373 9.59 -15.86 -22.57
C VAL A 373 10.46 -17.11 -22.55
N ASP A 374 11.59 -17.06 -23.26
CA ASP A 374 12.60 -18.12 -23.30
C ASP A 374 12.80 -18.73 -21.92
N ALA A 375 12.71 -20.05 -21.84
CA ALA A 375 12.80 -20.75 -20.56
C ALA A 375 14.10 -20.47 -19.81
N ARG A 376 15.16 -20.20 -20.58
CA ARG A 376 16.48 -19.98 -20.00
C ARG A 376 16.60 -18.64 -19.30
N LEU A 377 15.59 -17.78 -19.46
CA LEU A 377 15.55 -16.51 -18.74
C LEU A 377 14.99 -16.72 -17.34
N ARG A 378 14.03 -17.63 -17.24
CA ARG A 378 13.44 -17.99 -15.96
C ARG A 378 14.30 -19.04 -15.29
N ALA A 379 15.53 -18.64 -14.97
CA ALA A 379 16.53 -19.54 -14.41
C ALA A 379 17.33 -18.76 -13.37
N PRO A 380 17.93 -19.47 -12.40
CA PRO A 380 18.70 -18.84 -11.32
C PRO A 380 19.79 -17.88 -11.82
N GLU A 381 20.33 -18.12 -13.01
CA GLU A 381 21.44 -17.32 -13.52
C GLU A 381 21.00 -15.96 -14.08
N VAL A 382 19.76 -15.87 -14.53
CA VAL A 382 19.23 -14.62 -15.05
C VAL A 382 18.13 -14.08 -14.15
N CYS A 383 16.88 -14.48 -14.41
CA CYS A 383 15.77 -14.12 -13.53
C CYS A 383 15.47 -15.24 -12.56
N ASP A 384 15.92 -15.09 -11.32
CA ASP A 384 15.80 -16.14 -10.32
C ASP A 384 14.43 -16.11 -9.63
N ARG A 385 13.71 -15.00 -9.79
CA ARG A 385 12.42 -14.85 -9.14
C ARG A 385 11.41 -14.10 -10.01
N GLU A 386 10.13 -14.27 -9.70
CA GLU A 386 9.06 -13.70 -10.51
C GLU A 386 8.01 -12.98 -9.68
N LEU A 387 7.25 -12.10 -10.33
CA LEU A 387 6.26 -11.28 -9.67
C LEU A 387 5.05 -11.12 -10.58
N GLY A 388 3.88 -11.54 -10.09
CA GLY A 388 2.66 -11.46 -10.87
C GLY A 388 1.73 -10.36 -10.42
N LEU A 389 1.38 -9.47 -11.34
CA LEU A 389 0.46 -8.37 -11.04
C LEU A 389 -0.99 -8.80 -11.29
N SER A 390 -1.92 -8.03 -10.72
CA SER A 390 -3.33 -8.38 -10.78
C SER A 390 -4.18 -7.27 -11.40
N LEU A 391 -5.32 -7.65 -11.98
CA LEU A 391 -6.31 -6.69 -12.47
C LEU A 391 -6.84 -5.86 -11.30
N PRO A 392 -7.13 -4.59 -11.55
CA PRO A 392 -7.74 -3.73 -10.52
C PRO A 392 -9.20 -4.10 -10.27
N ASP A 393 -9.58 -4.24 -9.00
CA ASP A 393 -11.00 -4.38 -8.68
C ASP A 393 -11.69 -3.03 -8.80
N ALA A 394 -12.99 -2.99 -8.54
CA ALA A 394 -13.77 -1.76 -8.67
C ALA A 394 -13.17 -0.60 -7.88
N THR A 395 -12.72 -0.88 -6.65
CA THR A 395 -12.10 0.12 -5.81
C THR A 395 -10.80 0.65 -6.44
N ALA A 396 -9.95 -0.28 -6.85
CA ALA A 396 -8.69 0.07 -7.49
C ALA A 396 -8.92 0.86 -8.79
N ARG A 397 -9.96 0.50 -9.52
CA ARG A 397 -10.28 1.20 -10.77
C ARG A 397 -10.66 2.65 -10.50
N ARG A 398 -11.41 2.89 -9.42
CA ARG A 398 -11.77 4.26 -9.06
C ARG A 398 -10.54 5.06 -8.68
N SER A 399 -9.60 4.41 -7.99
CA SER A 399 -8.33 5.04 -7.63
C SER A 399 -7.56 5.45 -8.88
N LEU A 400 -7.58 4.58 -9.89
CA LEU A 400 -6.87 4.85 -11.14
C LEU A 400 -7.50 6.02 -11.90
N LEU A 401 -8.83 6.04 -11.96
CA LEU A 401 -9.55 7.08 -12.68
C LEU A 401 -9.28 8.46 -12.08
N GLU A 402 -9.35 8.55 -10.76
CA GLU A 402 -9.04 9.80 -10.06
C GLU A 402 -7.61 10.24 -10.34
N MET A 403 -6.69 9.29 -10.37
CA MET A 403 -5.31 9.56 -10.71
C MET A 403 -5.17 10.07 -12.16
N LEU A 404 -5.90 9.43 -13.07
CA LEU A 404 -5.86 9.81 -14.49
C LEU A 404 -6.51 11.17 -14.74
N LEU A 405 -7.29 11.65 -13.79
CA LEU A 405 -8.05 12.88 -13.99
C LEU A 405 -7.50 14.07 -13.20
N ARG A 406 -6.32 13.93 -12.64
CA ARG A 406 -5.66 15.03 -11.94
C ARG A 406 -5.34 16.15 -12.93
N GLY A 407 -5.72 17.37 -12.58
CA GLY A 407 -5.47 18.51 -13.44
C GLY A 407 -6.33 18.50 -14.68
N VAL A 408 -7.38 17.67 -14.67
CA VAL A 408 -8.31 17.58 -15.78
C VAL A 408 -9.64 18.18 -15.39
N PRO A 409 -10.01 19.31 -16.02
CA PRO A 409 -11.25 20.05 -15.71
C PRO A 409 -12.49 19.18 -15.86
N SER A 410 -13.25 19.04 -14.78
CA SER A 410 -14.41 18.16 -14.77
C SER A 410 -15.52 18.64 -13.83
N GLU A 411 -16.69 18.01 -13.93
CA GLU A 411 -17.84 18.34 -13.08
C GLU A 411 -18.25 17.16 -12.21
N ASP A 412 -19.46 16.65 -12.46
CA ASP A 412 -19.99 15.52 -11.70
C ASP A 412 -19.69 14.22 -12.41
N LEU A 413 -18.49 13.68 -12.21
CA LEU A 413 -18.04 12.51 -12.96
C LEU A 413 -18.68 11.21 -12.51
N ASP A 414 -18.97 11.09 -11.21
CA ASP A 414 -19.51 9.86 -10.64
C ASP A 414 -18.61 8.67 -10.98
N LEU A 415 -17.36 8.75 -10.54
CA LEU A 415 -16.35 7.77 -10.89
C LEU A 415 -16.61 6.37 -10.33
N GLY A 416 -17.40 6.30 -9.27
CA GLY A 416 -17.75 5.02 -8.69
C GLY A 416 -18.58 4.19 -9.64
N ASP A 417 -19.46 4.85 -10.38
CA ASP A 417 -20.32 4.20 -11.36
C ASP A 417 -19.52 3.73 -12.57
N ILE A 418 -18.56 4.56 -12.99
CA ILE A 418 -17.69 4.20 -14.11
C ILE A 418 -16.79 3.02 -13.74
N ALA A 419 -16.29 3.01 -12.51
CA ALA A 419 -15.47 1.92 -12.02
C ALA A 419 -16.28 0.63 -11.91
N ASP A 420 -17.52 0.76 -11.48
CA ASP A 420 -18.41 -0.40 -11.33
C ASP A 420 -18.77 -1.01 -12.68
N HIS A 421 -18.69 -0.22 -13.73
CA HIS A 421 -19.09 -0.67 -15.07
C HIS A 421 -17.91 -0.96 -15.98
N THR A 422 -16.74 -1.17 -15.40
CA THR A 422 -15.56 -1.53 -16.17
C THR A 422 -14.81 -2.75 -15.62
N PRO A 423 -15.52 -3.86 -15.34
CA PRO A 423 -14.72 -5.01 -14.90
C PRO A 423 -13.91 -5.56 -16.07
N GLY A 424 -12.77 -6.16 -15.78
CA GLY A 424 -11.88 -6.66 -16.82
C GLY A 424 -11.04 -5.57 -17.45
N PHE A 425 -11.22 -4.34 -17.00
CA PHE A 425 -10.44 -3.21 -17.49
C PHE A 425 -9.09 -3.09 -16.79
N VAL A 426 -8.12 -2.50 -17.48
CA VAL A 426 -6.84 -2.16 -16.89
C VAL A 426 -6.61 -0.66 -17.01
N VAL A 427 -5.52 -0.18 -16.42
CA VAL A 427 -5.24 1.26 -16.44
C VAL A 427 -5.10 1.80 -17.87
N ALA A 428 -4.53 0.97 -18.75
CA ALA A 428 -4.36 1.34 -20.15
C ALA A 428 -5.72 1.64 -20.78
N ASP A 429 -6.68 0.77 -20.51
CA ASP A 429 -8.04 0.94 -21.03
C ASP A 429 -8.70 2.17 -20.42
N LEU A 430 -8.55 2.31 -19.10
CA LEU A 430 -9.13 3.43 -18.37
C LEU A 430 -8.56 4.76 -18.87
N ALA A 431 -7.26 4.75 -19.19
CA ALA A 431 -6.62 5.92 -19.78
C ALA A 431 -7.25 6.24 -21.12
N ALA A 432 -7.47 5.21 -21.94
CA ALA A 432 -8.12 5.36 -23.23
C ALA A 432 -9.56 5.84 -23.06
N VAL A 433 -10.22 5.35 -22.02
CA VAL A 433 -11.57 5.80 -21.69
C VAL A 433 -11.58 7.30 -21.42
N VAL A 434 -10.59 7.76 -20.67
CA VAL A 434 -10.49 9.18 -20.31
C VAL A 434 -10.14 10.05 -21.53
N ARG A 435 -9.23 9.56 -22.37
CA ARG A 435 -8.87 10.28 -23.59
C ARG A 435 -10.08 10.47 -24.50
N GLU A 436 -10.89 9.41 -24.61
CA GLU A 436 -12.12 9.47 -25.39
C GLU A 436 -13.10 10.45 -24.76
N GLY A 437 -13.15 10.45 -23.43
CA GLY A 437 -14.00 11.36 -22.69
C GLY A 437 -13.64 12.81 -22.96
N ALA A 438 -12.35 13.04 -23.17
CA ALA A 438 -11.84 14.38 -23.46
C ALA A 438 -12.27 14.84 -24.86
N LEU A 439 -12.45 13.87 -25.76
CA LEU A 439 -12.89 14.15 -27.11
C LEU A 439 -14.38 14.51 -27.14
N ARG A 440 -15.16 13.79 -26.34
CA ARG A 440 -16.59 14.05 -26.25
C ARG A 440 -16.84 15.41 -25.61
N ALA A 441 -15.96 15.79 -24.68
CA ALA A 441 -16.06 17.10 -24.04
C ALA A 441 -15.65 18.20 -25.00
N ALA A 442 -14.60 17.95 -25.78
CA ALA A 442 -14.12 18.92 -26.75
C ALA A 442 -15.11 19.11 -27.89
N ALA A 443 -15.85 18.04 -28.21
CA ALA A 443 -16.86 18.10 -29.26
C ALA A 443 -18.08 18.88 -28.77
N ARG A 444 -18.44 18.67 -27.51
CA ARG A 444 -19.55 19.39 -26.90
C ARG A 444 -19.16 20.86 -26.74
N ALA A 445 -17.87 21.10 -26.52
CA ALA A 445 -17.37 22.45 -26.30
C ALA A 445 -17.40 23.30 -27.55
N SER A 446 -16.97 22.73 -28.68
CA SER A 446 -16.91 23.46 -29.94
C SER A 446 -18.27 23.97 -30.39
N SER A 447 -19.31 23.20 -30.11
CA SER A 447 -20.67 23.59 -30.47
C SER A 447 -21.20 24.67 -29.54
N SER A 448 -20.87 24.55 -28.25
CA SER A 448 -21.33 25.50 -27.24
C SER A 448 -20.39 26.70 -27.11
N ASP A 449 -19.23 26.61 -27.76
CA ASP A 449 -18.19 27.64 -27.72
C ASP A 449 -17.51 27.77 -26.35
N ASP A 450 -18.07 27.10 -25.34
CA ASP A 450 -17.50 27.11 -24.00
C ASP A 450 -16.19 26.33 -23.95
N ASP A 451 -15.45 26.50 -22.87
CA ASP A 451 -14.26 25.72 -22.61
C ASP A 451 -14.65 24.31 -22.16
N PRO A 452 -13.98 23.28 -22.70
CA PRO A 452 -14.34 21.89 -22.46
C PRO A 452 -14.23 21.47 -21.00
N VAL A 453 -15.27 20.82 -20.49
CA VAL A 453 -15.27 20.33 -19.11
C VAL A 453 -15.92 18.94 -19.02
N LEU A 454 -15.13 17.96 -18.58
CA LEU A 454 -15.58 16.58 -18.54
C LEU A 454 -16.76 16.33 -17.61
N ARG A 455 -17.77 15.64 -18.10
CA ARG A 455 -18.91 15.24 -17.29
C ARG A 455 -19.08 13.73 -17.34
N HIS A 456 -20.02 13.21 -16.55
CA HIS A 456 -20.25 11.78 -16.47
C HIS A 456 -20.69 11.19 -17.81
N ALA A 457 -21.44 11.98 -18.57
CA ALA A 457 -21.94 11.57 -19.87
C ALA A 457 -20.80 11.17 -20.81
N ASP A 458 -19.70 11.90 -20.73
CA ASP A 458 -18.54 11.66 -21.61
C ASP A 458 -17.88 10.32 -21.32
N LEU A 459 -17.67 10.03 -20.03
CA LEU A 459 -17.03 8.78 -19.64
C LEU A 459 -17.92 7.59 -19.95
N GLU A 460 -19.21 7.73 -19.67
CA GLU A 460 -20.17 6.67 -19.96
C GLU A 460 -20.31 6.47 -21.47
N GLY A 461 -20.25 7.57 -22.22
CA GLY A 461 -20.30 7.50 -23.67
C GLY A 461 -19.04 6.85 -24.23
N ALA A 462 -17.93 7.05 -23.54
CA ALA A 462 -16.65 6.45 -23.94
C ALA A 462 -16.71 4.93 -23.86
N LEU A 463 -17.47 4.43 -22.90
CA LEU A 463 -17.59 2.98 -22.68
C LEU A 463 -18.25 2.27 -23.86
N THR A 464 -18.94 3.02 -24.72
CA THR A 464 -19.61 2.43 -25.87
C THR A 464 -18.66 2.21 -27.04
N VAL A 465 -17.43 2.74 -26.95
CA VAL A 465 -16.48 2.64 -28.06
C VAL A 465 -15.10 2.12 -27.67
N ILE A 466 -14.80 2.07 -26.38
CA ILE A 466 -13.49 1.63 -25.92
C ILE A 466 -13.47 0.15 -25.53
N ARG A 467 -12.71 -0.65 -26.28
CA ARG A 467 -12.58 -2.06 -25.95
C ARG A 467 -11.44 -2.30 -24.98
N PRO A 468 -11.74 -2.97 -23.85
CA PRO A 468 -10.70 -3.36 -22.91
C PRO A 468 -9.71 -4.31 -23.56
N LEU A 469 -8.43 -4.14 -23.22
CA LEU A 469 -7.35 -4.95 -23.78
C LEU A 469 -7.58 -6.44 -23.52
N SER A 470 -8.28 -6.75 -22.43
CA SER A 470 -8.60 -8.13 -22.09
C SER A 470 -9.56 -8.77 -23.09
N ARG A 471 -10.19 -7.96 -23.95
CA ARG A 471 -11.11 -8.47 -24.94
C ARG A 471 -10.55 -8.38 -26.36
N SER A 472 -9.26 -8.09 -26.48
CA SER A 472 -8.66 -7.81 -27.79
C SER A 472 -8.05 -9.05 -28.45
N ALA A 473 -8.10 -10.18 -27.76
CA ALA A 473 -7.52 -11.41 -28.29
C ALA A 473 -8.23 -12.64 -27.72
N GLU A 476 -10.50 -15.40 -25.50
CA GLU A 476 -10.47 -15.81 -24.10
C GLU A 476 -9.04 -16.17 -23.68
N VAL A 477 -8.91 -16.83 -22.53
CA VAL A 477 -7.62 -17.16 -21.91
C VAL A 477 -6.86 -15.90 -21.46
N SER A 478 -7.46 -14.74 -21.71
CA SER A 478 -6.96 -13.49 -21.14
C SER A 478 -7.78 -13.18 -19.88
N VAL A 479 -7.09 -13.00 -18.76
CA VAL A 479 -7.73 -12.69 -17.50
C VAL A 479 -8.52 -11.39 -17.63
N GLY A 480 -9.83 -11.48 -17.38
CA GLY A 480 -10.69 -10.31 -17.47
C GLY A 480 -11.66 -10.34 -18.64
N SER A 481 -11.44 -11.28 -19.57
CA SER A 481 -12.30 -11.39 -20.74
C SER A 481 -13.66 -11.96 -20.38
N VAL A 482 -13.70 -12.75 -19.31
CA VAL A 482 -14.94 -13.36 -18.84
C VAL A 482 -15.27 -12.87 -17.44
N THR A 483 -16.51 -12.42 -17.24
CA THR A 483 -16.98 -12.04 -15.91
C THR A 483 -18.17 -12.91 -15.53
N LEU A 484 -18.54 -12.90 -14.24
CA LEU A 484 -19.61 -13.75 -13.74
C LEU A 484 -20.96 -13.50 -14.41
N ASP A 485 -21.13 -12.30 -14.96
CA ASP A 485 -22.37 -11.95 -15.66
C ASP A 485 -22.50 -12.71 -16.97
N ASP A 486 -21.36 -12.98 -17.61
CA ASP A 486 -21.34 -13.71 -18.88
C ASP A 486 -21.61 -15.19 -18.65
N VAL A 487 -21.57 -15.60 -17.39
CA VAL A 487 -21.86 -16.98 -17.02
C VAL A 487 -23.33 -17.13 -16.64
N GLY A 488 -24.07 -17.86 -17.46
CA GLY A 488 -25.46 -18.16 -17.15
C GLY A 488 -25.54 -19.28 -16.14
N ASP A 489 -26.48 -19.15 -15.21
CA ASP A 489 -26.69 -20.17 -14.17
C ASP A 489 -25.48 -20.34 -13.23
N MET A 490 -25.04 -21.58 -13.06
CA MET A 490 -24.04 -22.00 -12.08
C MET A 490 -24.18 -21.36 -10.69
N VAL A 491 -25.43 -21.18 -10.25
CA VAL A 491 -25.72 -20.60 -8.95
C VAL A 491 -24.97 -21.30 -7.82
N GLU A 492 -25.14 -22.62 -7.73
CA GLU A 492 -24.52 -23.40 -6.68
C GLU A 492 -23.00 -23.44 -6.80
N THR A 493 -22.51 -23.56 -8.03
CA THR A 493 -21.07 -23.57 -8.26
C THR A 493 -20.45 -22.22 -7.92
N LYS A 494 -21.07 -21.14 -8.39
CA LYS A 494 -20.62 -19.79 -8.06
C LYS A 494 -20.59 -19.60 -6.55
N ARG A 495 -21.63 -20.06 -5.89
CA ARG A 495 -21.77 -19.94 -4.45
C ARG A 495 -20.62 -20.66 -3.74
N ALA A 496 -20.39 -21.91 -4.11
CA ALA A 496 -19.35 -22.72 -3.51
C ALA A 496 -17.95 -22.11 -3.75
N LEU A 497 -17.71 -21.67 -4.98
CA LEU A 497 -16.41 -21.10 -5.32
C LEU A 497 -16.17 -19.75 -4.66
N THR A 498 -17.21 -18.93 -4.61
CA THR A 498 -17.15 -17.64 -3.93
C THR A 498 -16.74 -17.84 -2.48
N GLU A 499 -17.35 -18.82 -1.83
CA GLU A 499 -17.10 -19.07 -0.42
C GLU A 499 -15.76 -19.77 -0.17
N ALA A 500 -15.36 -20.63 -1.09
CA ALA A 500 -14.12 -21.39 -0.94
C ALA A 500 -12.89 -20.63 -1.41
N VAL A 501 -13.08 -19.70 -2.35
CA VAL A 501 -11.95 -19.03 -2.97
C VAL A 501 -11.93 -17.52 -2.72
N LEU A 502 -12.99 -16.83 -3.13
CA LEU A 502 -13.03 -15.37 -3.02
C LEU A 502 -13.09 -14.85 -1.58
N TRP A 503 -13.99 -15.41 -0.78
CA TRP A 503 -14.14 -15.00 0.62
C TRP A 503 -12.85 -15.04 1.45
N PRO A 504 -12.11 -16.17 1.43
CA PRO A 504 -10.88 -16.17 2.23
C PRO A 504 -9.81 -15.20 1.74
N LEU A 505 -9.67 -15.04 0.43
CA LEU A 505 -8.66 -14.13 -0.12
C LEU A 505 -9.02 -12.67 0.09
N GLN A 506 -10.32 -12.36 0.00
CA GLN A 506 -10.79 -10.99 0.16
C GLN A 506 -10.90 -10.56 1.62
N HIS A 507 -10.83 -11.53 2.54
CA HIS A 507 -10.92 -11.25 3.97
C HIS A 507 -9.94 -12.11 4.78
N PRO A 508 -8.64 -11.80 4.67
CA PRO A 508 -7.61 -12.63 5.29
C PRO A 508 -7.65 -12.58 6.82
N ASP A 509 -7.77 -11.38 7.39
CA ASP A 509 -7.68 -11.21 8.83
C ASP A 509 -8.88 -11.78 9.58
N THR A 510 -10.07 -11.57 9.04
CA THR A 510 -11.28 -12.06 9.69
C THR A 510 -11.29 -13.58 9.77
N PHE A 511 -10.84 -14.24 8.69
CA PHE A 511 -10.75 -15.68 8.68
C PHE A 511 -9.75 -16.21 9.71
N SER A 512 -8.62 -15.52 9.84
CA SER A 512 -7.58 -15.95 10.78
C SER A 512 -8.01 -15.76 12.23
N ARG A 513 -8.64 -14.62 12.52
CA ARG A 513 -9.04 -14.31 13.89
C ARG A 513 -10.28 -15.09 14.31
N LEU A 514 -10.98 -15.65 13.34
CA LEU A 514 -12.13 -16.51 13.63
C LEU A 514 -11.72 -17.97 13.77
N GLY A 515 -10.44 -18.23 13.55
CA GLY A 515 -9.91 -19.58 13.65
C GLY A 515 -10.32 -20.47 12.48
N ILE A 516 -10.73 -19.85 11.38
CA ILE A 516 -11.05 -20.58 10.17
C ILE A 516 -9.77 -21.13 9.57
N ASP A 517 -9.81 -22.38 9.10
CA ASP A 517 -8.66 -22.98 8.44
C ASP A 517 -8.24 -22.18 7.22
N PRO A 518 -6.94 -22.19 6.92
CA PRO A 518 -6.44 -21.61 5.66
C PRO A 518 -7.17 -22.25 4.49
N PRO A 519 -7.34 -21.51 3.38
CA PRO A 519 -8.10 -21.98 2.21
C PRO A 519 -7.66 -23.38 1.77
N ARG A 520 -8.63 -24.29 1.66
CA ARG A 520 -8.34 -25.66 1.27
C ARG A 520 -8.24 -25.75 -0.26
N GLY A 521 -7.41 -26.69 -0.72
CA GLY A 521 -7.28 -26.95 -2.14
C GLY A 521 -8.60 -27.44 -2.73
N VAL A 522 -8.91 -26.97 -3.92
CA VAL A 522 -10.18 -27.29 -4.56
C VAL A 522 -10.00 -28.11 -5.82
N LEU A 523 -10.73 -29.22 -5.91
CA LEU A 523 -10.81 -29.97 -7.17
C LEU A 523 -12.18 -29.77 -7.80
N LEU A 524 -12.19 -29.08 -8.93
CA LEU A 524 -13.42 -28.79 -9.65
C LEU A 524 -13.55 -29.78 -10.80
N TYR A 525 -14.65 -30.53 -10.83
CA TYR A 525 -14.83 -31.55 -11.86
C TYR A 525 -16.26 -31.70 -12.33
N GLY A 526 -16.42 -31.91 -13.63
CA GLY A 526 -17.73 -32.14 -14.21
C GLY A 526 -17.62 -32.57 -15.65
N PRO A 527 -18.75 -32.96 -16.27
CA PRO A 527 -18.77 -33.34 -17.68
C PRO A 527 -18.45 -32.14 -18.57
N PRO A 528 -17.91 -32.39 -19.77
CA PRO A 528 -17.49 -31.33 -20.69
C PRO A 528 -18.64 -30.39 -21.06
N GLY A 529 -18.31 -29.14 -21.37
CA GLY A 529 -19.28 -28.16 -21.80
C GLY A 529 -20.29 -27.77 -20.75
N CYS A 530 -19.88 -27.82 -19.48
CA CYS A 530 -20.79 -27.47 -18.39
C CYS A 530 -20.27 -26.30 -17.55
N GLY A 531 -19.15 -25.73 -17.96
CA GLY A 531 -18.65 -24.49 -17.39
C GLY A 531 -17.66 -24.57 -16.25
N LYS A 532 -17.15 -25.77 -15.98
CA LYS A 532 -16.18 -25.96 -14.90
C LYS A 532 -14.93 -25.11 -15.10
N THR A 533 -14.54 -24.89 -16.36
CA THR A 533 -13.43 -24.01 -16.66
C THR A 533 -13.92 -22.57 -16.83
N PHE A 534 -15.05 -22.42 -17.52
CA PHE A 534 -15.64 -21.12 -17.81
C PHE A 534 -15.87 -20.29 -16.54
N VAL A 535 -16.41 -20.92 -15.50
CA VAL A 535 -16.74 -20.21 -14.27
C VAL A 535 -15.48 -19.79 -13.50
N VAL A 536 -14.40 -20.55 -13.63
CA VAL A 536 -13.14 -20.22 -12.96
C VAL A 536 -12.54 -18.96 -13.58
N ARG A 537 -12.64 -18.85 -14.90
CA ARG A 537 -12.14 -17.67 -15.61
C ARG A 537 -12.95 -16.44 -15.26
N ALA A 538 -14.25 -16.63 -15.04
CA ALA A 538 -15.12 -15.54 -14.64
C ALA A 538 -14.79 -15.11 -13.21
N LEU A 539 -14.51 -16.10 -12.38
CA LEU A 539 -14.14 -15.89 -10.99
C LEU A 539 -12.82 -15.13 -10.89
N ALA A 540 -11.91 -15.47 -11.80
CA ALA A 540 -10.56 -14.93 -11.79
C ALA A 540 -10.47 -13.52 -12.36
N SER A 541 -11.61 -12.88 -12.60
CA SER A 541 -11.62 -11.52 -13.15
C SER A 541 -12.08 -10.52 -12.12
N SER A 542 -12.19 -10.98 -10.87
CA SER A 542 -12.69 -10.15 -9.78
C SER A 542 -11.80 -8.95 -9.49
N GLY A 543 -10.49 -9.14 -9.57
CA GLY A 543 -9.53 -8.10 -9.25
C GLY A 543 -8.91 -8.35 -7.89
N ARG A 544 -7.90 -7.54 -7.54
CA ARG A 544 -7.20 -7.63 -6.23
C ARG A 544 -6.84 -9.08 -5.91
N LEU A 545 -6.34 -9.79 -6.92
CA LEU A 545 -6.09 -11.21 -6.82
C LEU A 545 -5.30 -11.63 -8.05
N SER A 546 -4.02 -11.91 -7.87
CA SER A 546 -3.18 -12.31 -9.00
C SER A 546 -3.49 -13.75 -9.41
N VAL A 547 -3.68 -13.96 -10.71
CA VAL A 547 -4.04 -15.29 -11.23
C VAL A 547 -2.85 -15.92 -11.93
N HIS A 548 -2.59 -17.19 -11.60
CA HIS A 548 -1.48 -17.93 -12.17
C HIS A 548 -2.02 -19.28 -12.64
N ALA A 549 -2.24 -19.39 -13.95
CA ALA A 549 -2.96 -20.53 -14.50
C ALA A 549 -2.18 -21.28 -15.57
N VAL A 550 -2.27 -22.61 -15.54
CA VAL A 550 -1.68 -23.45 -16.57
C VAL A 550 -2.64 -24.54 -17.03
N LYS A 551 -2.49 -24.96 -18.29
CA LYS A 551 -3.18 -26.15 -18.79
C LYS A 551 -2.23 -27.33 -18.68
N GLY A 552 -2.69 -28.40 -18.02
CA GLY A 552 -1.88 -29.58 -17.78
C GLY A 552 -1.13 -30.11 -19.00
N SER A 553 -1.81 -30.13 -20.14
CA SER A 553 -1.21 -30.63 -21.38
C SER A 553 -0.06 -29.76 -21.85
N GLU A 554 -0.29 -28.45 -21.89
CA GLU A 554 0.68 -27.51 -22.46
C GLU A 554 1.98 -27.45 -21.67
N LEU A 555 1.88 -27.43 -20.35
CA LEU A 555 3.06 -27.39 -19.49
C LEU A 555 3.91 -28.65 -19.68
N MET A 556 3.24 -29.77 -19.89
CA MET A 556 3.92 -31.06 -19.99
C MET A 556 4.46 -31.33 -21.39
N ASP A 557 3.66 -31.05 -22.41
CA ASP A 557 3.97 -31.48 -23.77
C ASP A 557 4.47 -30.37 -24.69
N LYS A 558 3.90 -29.17 -24.55
CA LYS A 558 4.17 -28.09 -25.51
C LYS A 558 5.34 -27.19 -25.13
N TRP A 559 5.50 -26.94 -23.82
CA TRP A 559 6.53 -26.00 -23.37
C TRP A 559 7.95 -26.53 -23.52
N VAL A 560 8.83 -25.69 -24.08
CA VAL A 560 10.25 -26.00 -24.14
C VAL A 560 10.91 -25.65 -22.81
N GLY A 561 11.42 -26.65 -22.12
CA GLY A 561 12.03 -26.46 -20.82
C GLY A 561 11.57 -27.52 -19.84
N SER A 562 12.22 -27.59 -18.69
CA SER A 562 11.87 -28.58 -17.67
C SER A 562 10.48 -28.32 -17.11
N SER A 563 9.64 -29.36 -17.17
CA SER A 563 8.28 -29.27 -16.65
C SER A 563 8.29 -29.17 -15.12
N GLU A 564 9.22 -29.91 -14.50
CA GLU A 564 9.35 -29.93 -13.06
C GLU A 564 9.68 -28.53 -12.52
N LYS A 565 10.55 -27.82 -13.23
CA LYS A 565 10.92 -26.47 -12.83
C LYS A 565 9.81 -25.47 -13.13
N ALA A 566 8.97 -25.78 -14.12
CA ALA A 566 7.83 -24.93 -14.45
C ALA A 566 6.83 -24.95 -13.30
N VAL A 567 6.72 -26.10 -12.63
CA VAL A 567 5.83 -26.24 -11.50
C VAL A 567 6.29 -25.38 -10.33
N ARG A 568 7.55 -25.55 -9.94
CA ARG A 568 8.14 -24.79 -8.84
C ARG A 568 8.11 -23.29 -9.15
N GLU A 569 8.34 -22.95 -10.41
CA GLU A 569 8.29 -21.56 -10.86
C GLU A 569 6.89 -20.98 -10.64
N LEU A 570 5.88 -21.70 -11.13
CA LEU A 570 4.49 -21.28 -11.03
C LEU A 570 4.08 -20.97 -9.59
N PHE A 571 4.37 -21.89 -8.68
CA PHE A 571 3.99 -21.73 -7.29
C PHE A 571 4.81 -20.64 -6.60
N ALA A 572 6.09 -20.56 -6.93
CA ALA A 572 6.95 -19.51 -6.38
C ALA A 572 6.47 -18.12 -6.79
N ARG A 573 5.97 -18.01 -8.01
CA ARG A 573 5.40 -16.74 -8.48
C ARG A 573 4.11 -16.43 -7.75
N ALA A 574 3.35 -17.48 -7.45
CA ALA A 574 2.08 -17.31 -6.75
C ALA A 574 2.31 -16.88 -5.31
N ARG A 575 3.26 -17.53 -4.65
CA ARG A 575 3.61 -17.18 -3.27
C ARG A 575 4.10 -15.73 -3.17
N ASP A 576 4.90 -15.31 -4.14
CA ASP A 576 5.48 -13.97 -4.14
C ASP A 576 4.48 -12.89 -4.57
N SER A 577 3.37 -13.30 -5.15
CA SER A 577 2.39 -12.36 -5.69
C SER A 577 1.08 -12.32 -4.89
N ALA A 578 1.05 -13.01 -3.75
CA ALA A 578 -0.14 -13.11 -2.92
C ALA A 578 -0.80 -11.76 -2.65
N PRO A 579 -2.15 -11.71 -2.62
CA PRO A 579 -3.11 -12.82 -2.74
C PRO A 579 -3.18 -13.43 -4.13
N SER A 580 -3.12 -14.76 -4.20
CA SER A 580 -2.98 -15.46 -5.48
C SER A 580 -3.92 -16.64 -5.63
N LEU A 581 -4.42 -16.82 -6.85
CA LEU A 581 -5.13 -18.03 -7.22
C LEU A 581 -4.26 -18.85 -8.17
N VAL A 582 -4.09 -20.12 -7.85
CA VAL A 582 -3.34 -21.03 -8.70
C VAL A 582 -4.30 -21.97 -9.41
N PHE A 583 -4.49 -21.75 -10.70
CA PHE A 583 -5.43 -22.54 -11.49
C PHE A 583 -4.69 -23.61 -12.29
N LEU A 584 -4.86 -24.87 -11.89
CA LEU A 584 -4.31 -26.00 -12.61
C LEU A 584 -5.41 -26.69 -13.42
N ASP A 585 -5.69 -26.15 -14.60
CA ASP A 585 -6.69 -26.73 -15.47
C ASP A 585 -6.14 -28.01 -16.10
N GLU A 586 -7.04 -28.93 -16.42
CA GLU A 586 -6.67 -30.25 -16.92
C GLU A 586 -5.62 -30.90 -16.01
N ILE A 587 -5.93 -30.92 -14.73
CA ILE A 587 -5.02 -31.40 -13.70
C ILE A 587 -4.70 -32.90 -13.87
N ASP A 588 -5.54 -33.61 -14.61
CA ASP A 588 -5.30 -35.04 -14.86
C ASP A 588 -4.09 -35.27 -15.76
N ALA A 589 -3.85 -34.34 -16.67
CA ALA A 589 -2.68 -34.43 -17.56
C ALA A 589 -1.41 -34.04 -16.81
N LEU A 590 -1.55 -33.06 -15.93
CA LEU A 590 -0.41 -32.56 -15.15
C LEU A 590 0.03 -33.60 -14.13
N ALA A 591 -0.93 -34.34 -13.57
CA ALA A 591 -0.62 -35.38 -12.58
C ALA A 591 -1.47 -36.63 -12.75
N PRO A 592 -1.16 -37.44 -13.77
CA PRO A 592 -1.89 -38.69 -14.02
C PRO A 592 -1.48 -39.79 -13.06
N ARG A 593 -2.24 -40.87 -13.03
CA ARG A 593 -1.92 -42.00 -12.14
C ARG A 593 -0.62 -42.66 -12.57
N ARG A 594 0.11 -43.19 -11.59
CA ARG A 594 1.36 -43.89 -11.85
C ARG A 594 1.11 -45.09 -12.76
N GLY A 595 1.86 -45.15 -13.86
CA GLY A 595 1.68 -46.21 -14.84
C GLY A 595 1.16 -45.68 -16.16
N GLN A 596 0.46 -44.56 -16.12
CA GLN A 596 -0.09 -43.97 -17.34
C GLN A 596 1.00 -43.43 -18.27
N ASN A 597 2.08 -42.93 -17.68
CA ASN A 597 3.19 -42.37 -18.44
C ASN A 597 4.52 -43.06 -18.18
N PHE A 598 5.36 -43.10 -19.21
CA PHE A 598 6.73 -43.59 -19.08
C PHE A 598 7.66 -42.69 -19.89
N ASP A 599 8.27 -41.73 -19.21
CA ASP A 599 9.15 -40.77 -19.87
C ASP A 599 10.47 -40.59 -19.12
N SER A 600 11.06 -41.70 -18.70
CA SER A 600 12.31 -41.70 -17.93
C SER A 600 12.19 -40.91 -16.62
N GLY A 601 11.02 -41.02 -15.98
CA GLY A 601 10.82 -40.43 -14.68
C GLY A 601 10.50 -38.94 -14.69
N VAL A 602 10.22 -38.40 -15.87
CA VAL A 602 9.86 -36.99 -15.99
C VAL A 602 8.55 -36.68 -15.28
N THR A 603 7.54 -37.51 -15.52
CA THR A 603 6.23 -37.37 -14.88
C THR A 603 6.34 -37.52 -13.36
N ASP A 604 7.11 -38.50 -12.92
CA ASP A 604 7.32 -38.75 -11.50
C ASP A 604 7.81 -37.51 -10.76
N LYS A 605 8.88 -36.92 -11.29
CA LYS A 605 9.47 -35.73 -10.68
C LYS A 605 8.48 -34.57 -10.65
N VAL A 606 7.67 -34.44 -11.69
CA VAL A 606 6.68 -33.37 -11.77
C VAL A 606 5.62 -33.53 -10.67
N VAL A 607 5.06 -34.73 -10.59
CA VAL A 607 4.04 -35.04 -9.59
C VAL A 607 4.56 -34.88 -8.16
N ALA A 608 5.74 -35.45 -7.90
CA ALA A 608 6.37 -35.33 -6.59
C ALA A 608 6.64 -33.87 -6.25
N SER A 609 7.06 -33.11 -7.25
CA SER A 609 7.29 -31.68 -7.07
C SER A 609 5.96 -30.97 -6.82
N LEU A 610 4.92 -31.43 -7.52
CA LEU A 610 3.58 -30.86 -7.36
C LEU A 610 3.06 -31.07 -5.94
N LEU A 611 3.18 -32.30 -5.45
CA LEU A 611 2.78 -32.63 -4.07
C LEU A 611 3.53 -31.76 -3.08
N THR A 612 4.83 -31.57 -3.34
CA THR A 612 5.67 -30.74 -2.49
C THR A 612 5.17 -29.29 -2.46
N GLU A 613 4.86 -28.77 -3.63
CA GLU A 613 4.36 -27.40 -3.74
C GLU A 613 2.98 -27.24 -3.10
N LEU A 614 2.11 -28.23 -3.29
CA LEU A 614 0.78 -28.20 -2.69
C LEU A 614 0.86 -28.17 -1.17
N ASP A 615 1.87 -28.87 -0.63
CA ASP A 615 2.03 -28.93 0.82
C ASP A 615 2.60 -27.64 1.38
N GLY A 616 3.29 -26.87 0.55
CA GLY A 616 3.81 -25.59 0.97
C GLY A 616 2.74 -24.50 0.92
N ILE A 617 1.69 -24.76 0.15
CA ILE A 617 0.60 -23.81 -0.01
C ILE A 617 -0.46 -23.98 1.07
N GLU A 618 -0.59 -25.22 1.56
CA GLU A 618 -1.57 -25.58 2.58
C GLU A 618 -1.69 -24.61 3.77
N PRO A 619 -0.58 -24.21 4.39
CA PRO A 619 -0.75 -23.32 5.55
C PRO A 619 -0.99 -21.85 5.20
N LEU A 620 -0.72 -21.46 3.96
CA LEU A 620 -0.85 -20.06 3.55
C LEU A 620 -2.31 -19.62 3.49
N ARG A 621 -2.55 -18.34 3.78
CA ARG A 621 -3.91 -17.81 3.79
C ARG A 621 -4.22 -16.95 2.57
N ASP A 622 -3.18 -16.47 1.90
CA ASP A 622 -3.35 -15.58 0.76
C ASP A 622 -3.08 -16.30 -0.57
N VAL A 623 -3.03 -17.63 -0.53
CA VAL A 623 -2.87 -18.41 -1.75
C VAL A 623 -3.86 -19.57 -1.80
N VAL A 624 -4.65 -19.63 -2.86
CA VAL A 624 -5.57 -20.75 -3.08
C VAL A 624 -5.17 -21.51 -4.34
N VAL A 625 -5.22 -22.83 -4.27
CA VAL A 625 -4.93 -23.66 -5.43
C VAL A 625 -6.19 -24.42 -5.86
N LEU A 626 -6.50 -24.34 -7.15
CA LEU A 626 -7.68 -25.02 -7.69
C LEU A 626 -7.32 -25.84 -8.92
N GLY A 627 -7.68 -27.12 -8.90
CA GLY A 627 -7.52 -27.97 -10.05
C GLY A 627 -8.85 -28.28 -10.72
N ALA A 628 -8.85 -28.36 -12.04
CA ALA A 628 -10.05 -28.69 -12.80
C ALA A 628 -9.81 -29.86 -13.74
N THR A 629 -10.83 -30.70 -13.90
CA THR A 629 -10.71 -31.86 -14.77
C THR A 629 -12.07 -32.43 -15.16
N ASN A 630 -12.14 -33.06 -16.33
CA ASN A 630 -13.33 -33.79 -16.74
C ASN A 630 -13.24 -35.25 -16.32
N ARG A 631 -12.05 -35.67 -15.93
CA ARG A 631 -11.80 -37.05 -15.53
C ARG A 631 -10.98 -37.12 -14.24
N PRO A 632 -11.66 -36.99 -13.09
CA PRO A 632 -11.00 -36.99 -11.77
C PRO A 632 -10.39 -38.35 -11.42
N ASP A 633 -10.92 -39.42 -12.00
CA ASP A 633 -10.44 -40.76 -11.69
C ASP A 633 -9.05 -41.04 -12.28
N LEU A 634 -8.60 -40.16 -13.17
CA LEU A 634 -7.29 -40.32 -13.80
C LEU A 634 -6.22 -39.51 -13.08
N ILE A 635 -6.59 -38.90 -11.96
CA ILE A 635 -5.64 -38.15 -11.14
C ILE A 635 -5.02 -39.05 -10.09
N ASP A 636 -3.71 -38.90 -9.88
CA ASP A 636 -3.03 -39.60 -8.79
C ASP A 636 -3.71 -39.25 -7.46
N PRO A 637 -4.27 -40.27 -6.78
CA PRO A 637 -5.02 -40.12 -5.53
C PRO A 637 -4.29 -39.32 -4.45
N ALA A 638 -2.96 -39.28 -4.52
CA ALA A 638 -2.17 -38.52 -3.56
C ALA A 638 -2.47 -37.02 -3.65
N LEU A 639 -3.02 -36.59 -4.79
CA LEU A 639 -3.41 -35.21 -5.00
C LEU A 639 -4.65 -34.84 -4.18
N LEU A 640 -5.43 -35.86 -3.81
CA LEU A 640 -6.75 -35.63 -3.22
C LEU A 640 -6.77 -35.82 -1.71
N ARG A 641 -5.60 -36.01 -1.12
CA ARG A 641 -5.49 -36.20 0.32
C ARG A 641 -5.61 -34.86 1.06
N PRO A 642 -6.04 -34.91 2.33
CA PRO A 642 -6.16 -33.70 3.16
C PRO A 642 -4.88 -32.86 3.16
N GLY A 643 -5.04 -31.55 3.21
CA GLY A 643 -3.92 -30.63 3.08
C GLY A 643 -3.66 -30.25 1.64
N ARG A 644 -4.18 -31.07 0.73
CA ARG A 644 -4.01 -30.82 -0.70
C ARG A 644 -5.35 -30.48 -1.35
N LEU A 645 -5.65 -31.10 -2.48
CA LEU A 645 -6.92 -30.85 -3.17
C LEU A 645 -8.04 -31.68 -2.54
N GLU A 646 -8.59 -31.19 -1.43
CA GLU A 646 -9.52 -32.00 -0.63
C GLU A 646 -10.97 -31.54 -0.71
N ARG A 647 -11.19 -30.30 -1.15
CA ARG A 647 -12.54 -29.81 -1.33
C ARG A 647 -13.06 -30.16 -2.73
N LEU A 648 -13.83 -31.24 -2.81
CA LEU A 648 -14.35 -31.73 -4.08
C LEU A 648 -15.64 -31.02 -4.48
N VAL A 649 -15.57 -30.18 -5.51
CA VAL A 649 -16.75 -29.52 -6.02
C VAL A 649 -17.17 -30.13 -7.36
N PHE A 650 -18.34 -30.77 -7.36
CA PHE A 650 -18.87 -31.38 -8.57
C PHE A 650 -19.79 -30.41 -9.30
N VAL A 651 -19.46 -30.13 -10.56
CA VAL A 651 -20.28 -29.28 -11.40
C VAL A 651 -21.28 -30.14 -12.18
N GLU A 652 -22.53 -30.11 -11.73
CA GLU A 652 -23.61 -30.87 -12.37
C GLU A 652 -23.87 -30.37 -13.77
N PRO A 653 -24.32 -31.27 -14.66
CA PRO A 653 -24.84 -30.82 -15.96
C PRO A 653 -26.13 -30.03 -15.70
N PRO A 654 -26.38 -28.99 -16.51
CA PRO A 654 -27.49 -28.08 -16.23
C PRO A 654 -28.86 -28.75 -16.33
N ASP A 655 -29.62 -28.75 -15.22
CA ASP A 655 -30.97 -29.29 -15.25
C ASP A 655 -31.95 -28.28 -15.84
N ALA A 656 -33.24 -28.56 -15.67
CA ALA A 656 -34.29 -27.72 -16.25
C ALA A 656 -34.20 -26.26 -15.79
N ALA A 657 -33.95 -26.07 -14.50
CA ALA A 657 -33.79 -24.75 -13.92
C ALA A 657 -32.56 -24.07 -14.50
N ALA A 658 -31.45 -24.80 -14.50
CA ALA A 658 -30.18 -24.28 -14.99
C ALA A 658 -30.24 -23.93 -16.48
N ARG A 659 -30.91 -24.76 -17.27
CA ARG A 659 -31.01 -24.53 -18.71
C ARG A 659 -31.83 -23.28 -19.04
N ARG A 660 -32.79 -22.96 -18.18
CA ARG A 660 -33.57 -21.74 -18.34
C ARG A 660 -32.67 -20.52 -18.22
N ASP A 661 -31.83 -20.50 -17.20
CA ASP A 661 -30.89 -19.40 -16.96
C ASP A 661 -29.92 -19.24 -18.12
N ILE A 662 -29.32 -20.36 -18.53
CA ILE A 662 -28.35 -20.37 -19.63
C ILE A 662 -28.96 -19.86 -20.93
N LEU A 663 -30.15 -20.36 -21.27
CA LEU A 663 -30.84 -19.88 -22.46
C LEU A 663 -31.16 -18.39 -22.36
N ARG A 664 -31.71 -17.97 -21.22
CA ARG A 664 -32.07 -16.57 -21.02
C ARG A 664 -30.86 -15.64 -21.02
N THR A 665 -29.77 -16.09 -20.39
CA THR A 665 -28.54 -15.31 -20.38
C THR A 665 -28.00 -15.09 -21.78
N ALA A 666 -27.87 -16.18 -22.54
CA ALA A 666 -27.29 -16.11 -23.89
C ALA A 666 -28.26 -15.55 -24.92
N GLY A 667 -29.55 -15.81 -24.74
CA GLY A 667 -30.54 -15.40 -25.71
C GLY A 667 -31.26 -14.12 -25.35
N LYS A 668 -30.66 -13.33 -24.46
CA LYS A 668 -31.32 -12.15 -23.91
C LYS A 668 -31.71 -11.11 -24.96
N SER A 669 -30.85 -10.90 -25.95
CA SER A 669 -31.09 -9.85 -26.94
C SER A 669 -31.47 -10.40 -28.31
N ILE A 670 -31.74 -11.69 -28.38
CA ILE A 670 -32.22 -12.31 -29.62
C ILE A 670 -33.72 -12.16 -29.69
N PRO A 671 -34.21 -11.43 -30.71
CA PRO A 671 -35.66 -11.25 -30.90
C PRO A 671 -36.33 -12.59 -31.15
N LEU A 672 -37.37 -12.90 -30.39
CA LEU A 672 -38.07 -14.17 -30.53
C LEU A 672 -39.48 -13.98 -31.09
N ALA A 673 -39.97 -15.01 -31.76
CA ALA A 673 -41.36 -15.03 -32.19
C ALA A 673 -42.21 -15.50 -31.02
N ASP A 674 -43.49 -15.15 -31.05
CA ASP A 674 -44.40 -15.45 -29.92
C ASP A 674 -44.54 -16.94 -29.62
N ASP A 675 -44.41 -17.77 -30.65
CA ASP A 675 -44.53 -19.21 -30.50
C ASP A 675 -43.26 -19.87 -29.96
N VAL A 676 -42.35 -19.03 -29.46
CA VAL A 676 -41.11 -19.52 -28.85
C VAL A 676 -41.13 -19.30 -27.34
N ASP A 677 -41.05 -20.40 -26.60
CA ASP A 677 -41.06 -20.35 -25.14
C ASP A 677 -39.79 -20.99 -24.58
N LEU A 678 -38.86 -20.14 -24.14
CA LEU A 678 -37.56 -20.62 -23.65
C LEU A 678 -37.68 -21.55 -22.44
N ASP A 679 -38.76 -21.39 -21.69
CA ASP A 679 -38.95 -22.21 -20.49
C ASP A 679 -39.33 -23.64 -20.83
N SER A 680 -40.36 -23.82 -21.65
CA SER A 680 -40.75 -25.15 -22.08
C SER A 680 -39.65 -25.80 -22.91
N LEU A 681 -38.93 -24.98 -23.68
CA LEU A 681 -37.77 -25.46 -24.44
C LEU A 681 -36.72 -26.05 -23.51
N ALA A 682 -36.52 -25.40 -22.37
CA ALA A 682 -35.54 -25.88 -21.40
C ALA A 682 -35.89 -27.27 -20.87
N ASP A 683 -37.18 -27.49 -20.63
CA ASP A 683 -37.65 -28.78 -20.12
C ASP A 683 -37.42 -29.90 -21.13
N ASP A 684 -37.39 -29.55 -22.42
CA ASP A 684 -37.22 -30.54 -23.47
C ASP A 684 -35.75 -30.82 -23.81
N LEU A 685 -34.85 -30.04 -23.23
CA LEU A 685 -33.43 -30.13 -23.57
C LEU A 685 -32.62 -30.98 -22.60
N ASP A 686 -33.18 -32.09 -22.15
CA ASP A 686 -32.43 -33.02 -21.31
C ASP A 686 -31.30 -33.66 -22.12
N GLY A 687 -30.12 -33.69 -21.54
CA GLY A 687 -28.95 -34.24 -22.22
C GLY A 687 -28.12 -33.18 -22.89
N TYR A 688 -28.65 -31.97 -22.97
CA TYR A 688 -27.91 -30.83 -23.50
C TYR A 688 -27.04 -30.20 -22.42
N SER A 689 -25.74 -30.13 -22.66
CA SER A 689 -24.84 -29.44 -21.75
C SER A 689 -25.03 -27.95 -21.89
N ALA A 690 -24.33 -27.18 -21.08
CA ALA A 690 -24.40 -25.72 -21.15
C ALA A 690 -23.95 -25.24 -22.52
N ALA A 691 -22.84 -25.81 -23.01
CA ALA A 691 -22.31 -25.44 -24.32
C ALA A 691 -23.30 -25.82 -25.43
N ASP A 692 -24.00 -26.94 -25.25
CA ASP A 692 -25.01 -27.37 -26.22
C ASP A 692 -26.15 -26.37 -26.34
N CYS A 693 -26.56 -25.82 -25.21
CA CYS A 693 -27.64 -24.84 -25.18
C CYS A 693 -27.23 -23.55 -25.89
N VAL A 694 -26.02 -23.09 -25.58
CA VAL A 694 -25.45 -21.90 -26.22
C VAL A 694 -25.38 -22.09 -27.74
N ALA A 695 -25.04 -23.31 -28.16
CA ALA A 695 -24.93 -23.62 -29.58
C ALA A 695 -26.28 -23.73 -30.25
N LEU A 696 -27.30 -24.13 -29.48
CA LEU A 696 -28.65 -24.23 -30.02
C LEU A 696 -29.23 -22.85 -30.31
N LEU A 697 -28.87 -21.86 -29.51
CA LEU A 697 -29.32 -20.48 -29.73
C LEU A 697 -28.57 -19.87 -30.90
N ARG A 698 -27.28 -20.15 -30.96
CA ARG A 698 -26.42 -19.72 -32.05
C ARG A 698 -26.95 -20.26 -33.38
N GLU A 699 -27.23 -21.56 -33.41
CA GLU A 699 -27.75 -22.19 -34.61
C GLU A 699 -29.14 -21.71 -34.95
N SER A 700 -29.96 -21.49 -33.93
CA SER A 700 -31.33 -21.01 -34.13
C SER A 700 -31.32 -19.63 -34.78
N ALA A 701 -30.50 -18.73 -34.23
CA ALA A 701 -30.40 -17.38 -34.75
C ALA A 701 -29.91 -17.38 -36.18
N MET A 702 -28.93 -18.23 -36.47
CA MET A 702 -28.38 -18.35 -37.82
C MET A 702 -29.41 -18.93 -38.79
N THR A 703 -30.18 -19.90 -38.32
CA THR A 703 -31.25 -20.49 -39.12
C THR A 703 -32.27 -19.44 -39.50
N ALA A 704 -32.56 -18.53 -38.57
CA ALA A 704 -33.53 -17.47 -38.81
C ALA A 704 -32.99 -16.39 -39.75
N MET A 705 -31.72 -16.03 -39.59
CA MET A 705 -31.09 -15.02 -40.42
C MET A 705 -31.02 -15.47 -41.88
N ARG A 706 -30.68 -16.74 -42.09
CA ARG A 706 -30.58 -17.29 -43.44
C ARG A 706 -31.96 -17.46 -44.08
N ARG A 707 -32.94 -17.84 -43.26
CA ARG A 707 -34.31 -18.03 -43.75
C ARG A 707 -34.88 -16.74 -44.32
N SER A 708 -34.94 -15.70 -43.48
CA SER A 708 -35.39 -14.39 -43.93
C SER A 708 -34.67 -13.29 -43.16
N ILE A 709 -33.92 -12.47 -43.88
CA ILE A 709 -33.14 -11.39 -43.29
C ILE A 709 -34.02 -10.31 -42.65
N ASP A 710 -35.10 -9.95 -43.35
CA ASP A 710 -36.00 -8.90 -42.87
C ASP A 710 -37.02 -9.44 -41.86
N ALA A 711 -37.21 -10.75 -41.83
CA ALA A 711 -38.06 -11.38 -40.84
C ALA A 711 -37.19 -12.19 -39.89
N ALA A 712 -36.29 -11.50 -39.21
CA ALA A 712 -35.23 -12.13 -38.44
C ALA A 712 -35.71 -12.92 -37.22
N ASP A 713 -36.83 -12.51 -36.64
CA ASP A 713 -37.34 -13.11 -35.40
C ASP A 713 -37.32 -14.63 -35.40
N VAL A 714 -36.56 -15.21 -34.47
CA VAL A 714 -36.42 -16.66 -34.36
C VAL A 714 -37.75 -17.33 -34.06
N THR A 715 -38.16 -18.24 -34.95
CA THR A 715 -39.43 -18.93 -34.80
C THR A 715 -39.23 -20.30 -34.17
N ALA A 716 -40.34 -20.97 -33.86
CA ALA A 716 -40.30 -22.31 -33.28
C ALA A 716 -39.73 -23.32 -34.28
N ALA A 717 -40.00 -23.09 -35.56
CA ALA A 717 -39.50 -23.94 -36.61
C ALA A 717 -37.98 -23.79 -36.74
N ASP A 718 -37.50 -22.57 -36.55
CA ASP A 718 -36.07 -22.30 -36.58
C ASP A 718 -35.34 -23.10 -35.51
N VAL A 719 -35.92 -23.14 -34.32
CA VAL A 719 -35.36 -23.89 -33.21
C VAL A 719 -35.44 -25.39 -33.49
N ALA A 720 -36.58 -25.81 -34.04
CA ALA A 720 -36.80 -27.22 -34.38
C ALA A 720 -35.77 -27.72 -35.39
N LYS A 721 -35.45 -26.89 -36.37
CA LYS A 721 -34.44 -27.22 -37.37
C LYS A 721 -33.05 -27.22 -36.74
N ALA A 722 -32.78 -26.24 -35.89
CA ALA A 722 -31.50 -26.14 -35.20
C ALA A 722 -31.22 -27.40 -34.38
N ARG A 723 -32.27 -27.95 -33.78
CA ARG A 723 -32.15 -29.15 -32.94
C ARG A 723 -31.75 -30.38 -33.74
N GLU A 724 -31.85 -30.29 -35.08
CA GLU A 724 -31.47 -31.41 -35.93
C GLU A 724 -29.95 -31.50 -36.04
N THR A 725 -29.29 -30.34 -36.02
CA THR A 725 -27.83 -30.30 -36.11
C THR A 725 -27.17 -30.21 -34.73
N VAL A 726 -27.83 -29.56 -33.79
CA VAL A 726 -27.33 -29.46 -32.42
C VAL A 726 -27.94 -30.54 -31.53
N ARG A 727 -27.16 -31.60 -31.29
CA ARG A 727 -27.65 -32.76 -30.58
C ARG A 727 -27.20 -32.78 -29.12
N PRO A 728 -27.89 -33.56 -28.27
CA PRO A 728 -27.42 -33.72 -26.88
C PRO A 728 -26.08 -34.46 -26.84
N SER A 729 -25.19 -34.04 -25.94
CA SER A 729 -23.84 -34.59 -25.89
C SER A 729 -23.54 -35.35 -24.60
N LEU A 730 -24.40 -35.18 -23.59
CA LEU A 730 -24.15 -35.77 -22.28
C LEU A 730 -24.44 -37.27 -22.21
N ASP A 731 -23.48 -38.03 -21.67
CA ASP A 731 -23.65 -39.45 -21.42
C ASP A 731 -24.12 -39.65 -19.98
N PRO A 732 -25.35 -40.14 -19.81
CA PRO A 732 -25.97 -40.35 -18.48
C PRO A 732 -25.17 -41.30 -17.59
N ALA A 733 -24.44 -42.23 -18.20
CA ALA A 733 -23.60 -43.15 -17.44
C ALA A 733 -22.35 -42.45 -16.93
N GLN A 734 -21.72 -41.66 -17.80
CA GLN A 734 -20.52 -40.91 -17.42
C GLN A 734 -20.85 -39.79 -16.44
N VAL A 735 -22.05 -39.22 -16.59
CA VAL A 735 -22.50 -38.19 -15.67
C VAL A 735 -22.74 -38.80 -14.29
N GLU A 736 -23.30 -40.01 -14.28
CA GLU A 736 -23.51 -40.75 -13.05
C GLU A 736 -22.16 -41.09 -12.41
N SER A 737 -21.20 -41.45 -13.25
CA SER A 737 -19.87 -41.83 -12.78
C SER A 737 -19.14 -40.67 -12.09
N LEU A 738 -19.38 -39.46 -12.56
CA LEU A 738 -18.76 -38.27 -11.99
C LEU A 738 -19.44 -37.87 -10.68
N ARG A 739 -20.76 -38.02 -10.63
CA ARG A 739 -21.53 -37.65 -9.45
C ARG A 739 -21.20 -38.56 -8.27
N GLU A 740 -20.91 -39.82 -8.55
CA GLU A 740 -20.61 -40.80 -7.51
C GLU A 740 -19.15 -40.74 -7.06
N PHE A 741 -18.33 -39.99 -7.78
CA PHE A 741 -16.89 -39.95 -7.53
C PHE A 741 -16.51 -39.59 -6.10
N ALA A 742 -17.17 -38.57 -5.55
CA ALA A 742 -16.82 -38.05 -4.22
C ALA A 742 -17.06 -39.07 -3.10
N GLU A 743 -17.97 -40.01 -3.32
CA GLU A 743 -18.32 -41.00 -2.31
C GLU A 743 -17.53 -42.30 -2.44
N LYS A 744 -17.25 -42.70 -3.69
CA LYS A 744 -16.53 -43.94 -3.95
C LYS A 744 -15.13 -43.93 -3.33
N PRO B 18 15.92 15.81 44.39
CA PRO B 18 17.09 16.68 44.32
C PRO B 18 17.43 17.06 42.87
N LEU B 19 16.87 18.16 42.39
CA LEU B 19 17.10 18.59 41.03
C LEU B 19 17.85 19.93 40.99
N SER B 20 18.76 20.05 40.02
CA SER B 20 19.70 21.17 40.00
C SER B 20 19.11 22.47 39.44
N HIS B 21 19.93 23.51 39.46
CA HIS B 21 19.53 24.83 39.01
C HIS B 21 20.77 25.67 38.72
N LEU B 22 20.61 26.72 37.93
CA LEU B 22 21.74 27.61 37.61
C LEU B 22 21.27 29.04 37.42
N ARG B 23 22.10 29.99 37.84
CA ARG B 23 21.83 31.40 37.61
C ARG B 23 22.64 31.88 36.40
N LEU B 24 21.93 32.27 35.35
CA LEU B 24 22.57 32.77 34.15
C LEU B 24 22.14 34.21 33.89
N THR B 25 22.70 34.81 32.85
CA THR B 25 22.30 36.15 32.44
C THR B 25 21.43 36.09 31.19
N ALA B 26 20.23 36.65 31.29
CA ALA B 26 19.26 36.56 30.19
C ALA B 26 19.43 37.66 29.16
N ARG B 27 20.01 37.32 28.01
CA ARG B 27 20.15 38.27 26.92
C ARG B 27 19.03 38.08 25.89
N LEU B 28 18.59 39.17 25.28
CA LEU B 28 17.54 39.12 24.27
C LEU B 28 18.01 38.40 23.01
N ASN B 29 17.15 37.54 22.48
CA ASN B 29 17.47 36.77 21.28
C ASN B 29 17.34 37.63 20.03
N THR B 30 18.45 37.83 19.34
CA THR B 30 18.50 38.75 18.19
C THR B 30 17.77 38.23 16.94
N SER B 31 17.62 36.91 16.84
CA SER B 31 17.00 36.32 15.66
C SER B 31 15.47 36.32 15.72
N ALA B 32 14.84 36.89 14.70
CA ALA B 32 13.39 36.92 14.63
C ALA B 32 12.85 35.55 14.24
N LEU B 33 13.69 34.77 13.56
CA LEU B 33 13.31 33.41 13.15
C LEU B 33 13.44 32.43 14.31
N ASP B 34 14.02 32.89 15.42
CA ASP B 34 14.26 32.04 16.57
C ASP B 34 13.37 32.45 17.74
N SER B 35 12.53 33.45 17.53
CA SER B 35 11.76 34.04 18.62
C SER B 35 10.25 33.80 18.52
N ARG B 36 9.58 33.84 19.66
CA ARG B 36 8.14 33.58 19.77
C ARG B 36 7.74 32.20 19.23
N ARG B 37 8.58 31.21 19.52
CA ARG B 37 8.31 29.83 19.14
C ARG B 37 8.47 28.89 20.33
N GLY B 38 8.68 29.47 21.50
CA GLY B 38 8.71 28.73 22.76
C GLY B 38 10.06 28.13 23.11
N VAL B 39 11.12 28.66 22.52
CA VAL B 39 12.46 28.11 22.73
C VAL B 39 13.41 29.07 23.44
N VAL B 40 14.09 28.56 24.46
CA VAL B 40 15.16 29.31 25.12
C VAL B 40 16.52 28.68 24.80
N ARG B 41 17.48 29.49 24.39
CA ARG B 41 18.79 28.98 24.01
C ARG B 41 19.72 28.82 25.21
N LEU B 42 20.24 27.61 25.38
CA LEU B 42 21.17 27.31 26.45
C LEU B 42 22.42 26.63 25.90
N HIS B 43 23.57 26.99 26.44
CA HIS B 43 24.82 26.34 26.09
C HIS B 43 24.76 24.89 26.53
N PRO B 44 25.32 23.98 25.72
CA PRO B 44 25.33 22.53 26.02
C PRO B 44 25.86 22.17 27.41
N GLU B 45 26.77 22.97 27.95
CA GLU B 45 27.26 22.70 29.30
C GLU B 45 26.15 22.92 30.34
N VAL B 46 25.25 23.85 30.06
CA VAL B 46 24.11 24.08 30.93
C VAL B 46 23.20 22.86 30.93
N LEU B 47 22.87 22.38 29.74
CA LEU B 47 22.04 21.20 29.57
C LEU B 47 22.65 20.01 30.30
N ALA B 48 23.97 19.89 30.19
CA ALA B 48 24.69 18.80 30.84
C ALA B 48 24.67 18.96 32.36
N ALA B 49 24.91 20.18 32.82
CA ALA B 49 24.94 20.47 34.26
C ALA B 49 23.58 20.24 34.91
N LEU B 50 22.51 20.58 34.20
CA LEU B 50 21.16 20.43 34.71
C LEU B 50 20.67 18.99 34.63
N GLY B 51 21.32 18.19 33.79
CA GLY B 51 20.94 16.81 33.62
C GLY B 51 19.80 16.62 32.65
N ILE B 52 19.74 17.47 31.63
CA ILE B 52 18.70 17.39 30.62
C ILE B 52 19.29 17.34 29.22
N ARG B 53 18.46 16.98 28.25
CA ARG B 53 18.88 16.97 26.86
C ARG B 53 18.28 18.17 26.12
N GLU B 54 18.65 18.34 24.87
CA GLU B 54 18.00 19.32 24.02
C GLU B 54 16.53 18.94 23.90
N TRP B 55 15.67 19.95 23.78
CA TRP B 55 14.20 19.79 23.67
C TRP B 55 13.49 19.50 24.99
N ASP B 56 14.24 19.32 26.07
CA ASP B 56 13.63 19.23 27.39
C ASP B 56 13.20 20.62 27.85
N ALA B 57 12.17 20.68 28.69
CA ALA B 57 11.69 21.95 29.22
C ALA B 57 12.49 22.40 30.43
N VAL B 58 12.64 23.71 30.59
CA VAL B 58 13.25 24.27 31.79
C VAL B 58 12.34 25.31 32.42
N ALA B 59 12.41 25.42 33.74
CA ALA B 59 11.74 26.49 34.44
C ALA B 59 12.61 27.74 34.38
N LEU B 60 11.98 28.89 34.15
CA LEU B 60 12.71 30.15 34.09
C LEU B 60 12.13 31.11 35.12
N THR B 61 12.93 31.46 36.12
CA THR B 61 12.45 32.24 37.26
C THR B 61 13.07 33.63 37.34
N GLY B 62 12.22 34.64 37.52
CA GLY B 62 12.66 35.98 37.80
C GLY B 62 11.80 36.54 38.92
N THR B 63 10.98 37.55 38.60
CA THR B 63 9.99 38.04 39.55
C THR B 63 8.81 37.07 39.57
N ARG B 64 8.72 36.25 38.54
CA ARG B 64 7.70 35.20 38.46
C ARG B 64 8.26 33.96 37.76
N THR B 65 7.46 32.90 37.69
CA THR B 65 7.93 31.62 37.16
C THR B 65 7.23 31.22 35.86
N THR B 66 8.03 30.83 34.87
CA THR B 66 7.50 30.32 33.60
C THR B 66 8.32 29.13 33.13
N ALA B 67 8.02 28.64 31.93
CA ALA B 67 8.78 27.55 31.34
C ALA B 67 8.96 27.70 29.83
N ALA B 68 9.99 27.06 29.30
CA ALA B 68 10.26 27.07 27.87
C ALA B 68 11.03 25.82 27.48
N VAL B 69 11.12 25.57 26.18
CA VAL B 69 11.82 24.39 25.66
C VAL B 69 13.28 24.71 25.37
N ALA B 70 14.18 23.89 25.88
CA ALA B 70 15.61 24.14 25.76
C ALA B 70 16.19 23.74 24.39
N GLY B 71 16.58 24.75 23.62
CA GLY B 71 17.32 24.51 22.38
C GLY B 71 18.78 24.82 22.59
N VAL B 72 19.66 24.12 21.86
CA VAL B 72 21.08 24.35 22.00
C VAL B 72 21.46 25.74 21.49
N ALA B 73 22.28 26.45 22.26
CA ALA B 73 22.70 27.80 21.89
C ALA B 73 23.67 27.78 20.73
N GLY B 74 23.65 28.83 19.92
CA GLY B 74 24.57 28.95 18.81
C GLY B 74 25.98 29.21 19.28
N PRO B 75 26.95 29.18 18.36
CA PRO B 75 28.35 29.43 18.70
C PRO B 75 28.56 30.88 19.11
N GLY B 76 29.48 31.12 20.04
CA GLY B 76 29.76 32.46 20.50
C GLY B 76 28.96 32.83 21.73
N VAL B 77 28.01 31.98 22.08
CA VAL B 77 27.21 32.18 23.30
C VAL B 77 27.87 31.49 24.48
N PRO B 78 28.33 32.27 25.46
CA PRO B 78 29.01 31.75 26.64
C PRO B 78 28.08 30.88 27.49
N ALA B 79 28.64 29.97 28.26
CA ALA B 79 27.87 29.04 29.06
C ALA B 79 27.00 29.73 30.11
N GLY B 80 27.38 30.93 30.51
CA GLY B 80 26.64 31.67 31.52
C GLY B 80 25.51 32.52 30.96
N THR B 81 25.24 32.36 29.66
CA THR B 81 24.23 33.19 29.01
C THR B 81 23.07 32.38 28.43
N ALA B 82 21.86 32.86 28.66
CA ALA B 82 20.66 32.27 28.06
C ALA B 82 20.00 33.27 27.13
N LEU B 83 19.60 32.82 25.93
CA LEU B 83 18.91 33.68 24.99
C LEU B 83 17.40 33.52 25.09
N LEU B 84 16.73 34.56 25.58
CA LEU B 84 15.28 34.55 25.72
C LEU B 84 14.65 35.56 24.76
N ASP B 85 13.55 35.17 24.14
CA ASP B 85 12.81 36.10 23.28
C ASP B 85 12.03 37.09 24.13
N ASP B 86 11.31 38.00 23.48
CA ASP B 86 10.61 39.07 24.17
C ASP B 86 9.55 38.57 25.17
N VAL B 87 8.72 37.62 24.74
CA VAL B 87 7.63 37.14 25.60
C VAL B 87 8.13 36.25 26.74
N THR B 88 9.23 35.55 26.52
CA THR B 88 9.79 34.67 27.55
C THR B 88 10.36 35.51 28.68
N LEU B 89 10.99 36.63 28.34
CA LEU B 89 11.47 37.58 29.33
C LEU B 89 10.31 38.14 30.14
N SER B 90 9.22 38.46 29.44
CA SER B 90 8.01 38.97 30.07
C SER B 90 7.39 37.94 31.00
N ASN B 91 7.26 36.71 30.51
CA ASN B 91 6.67 35.62 31.29
C ASN B 91 7.50 35.25 32.51
N ALA B 92 8.82 35.39 32.39
CA ALA B 92 9.72 35.03 33.49
C ALA B 92 9.90 36.19 34.46
N GLY B 93 9.50 37.38 34.03
CA GLY B 93 9.65 38.57 34.85
C GLY B 93 11.12 38.91 35.03
N VAL B 94 11.82 38.99 33.89
CA VAL B 94 13.24 39.31 33.90
C VAL B 94 13.52 40.40 32.87
N ARG B 95 14.15 41.49 33.30
CA ARG B 95 14.55 42.54 32.37
C ARG B 95 15.72 42.04 31.53
N GLU B 96 15.98 42.69 30.41
CA GLU B 96 17.08 42.29 29.55
C GLU B 96 18.42 42.43 30.28
N ASN B 97 19.31 41.48 30.05
CA ASN B 97 20.64 41.43 30.66
C ASN B 97 20.64 41.16 32.17
N ALA B 98 19.47 40.85 32.72
CA ALA B 98 19.36 40.54 34.14
C ALA B 98 19.58 39.05 34.39
N ALA B 99 19.58 38.67 35.67
CA ALA B 99 19.81 37.27 36.05
C ALA B 99 18.53 36.46 35.97
N VAL B 100 18.64 35.22 35.49
CA VAL B 100 17.49 34.31 35.44
C VAL B 100 17.86 32.95 36.02
N LEU B 101 16.98 32.42 36.86
CA LEU B 101 17.17 31.08 37.39
C LEU B 101 16.68 30.05 36.39
N VAL B 102 17.53 29.07 36.09
CA VAL B 102 17.19 28.01 35.14
C VAL B 102 17.29 26.65 35.84
N SER B 103 16.20 25.89 35.77
CA SER B 103 16.16 24.57 36.39
C SER B 103 15.24 23.65 35.60
N PRO B 104 15.50 22.33 35.65
CA PRO B 104 14.60 21.36 35.03
C PRO B 104 13.22 21.44 35.65
N VAL B 105 12.19 21.11 34.87
CA VAL B 105 10.81 21.14 35.36
C VAL B 105 10.06 19.92 34.87
N THR B 106 9.23 19.34 35.73
CA THR B 106 8.38 18.23 35.32
C THR B 106 7.19 18.77 34.54
N VAL B 107 7.02 18.30 33.30
CA VAL B 107 5.92 18.75 32.47
C VAL B 107 5.00 17.58 32.13
N TYR B 108 3.80 17.59 32.70
CA TYR B 108 2.79 16.59 32.36
C TYR B 108 2.01 17.03 31.11
N GLY B 109 1.42 16.07 30.43
CA GLY B 109 0.52 16.39 29.34
C GLY B 109 -0.70 17.08 29.95
N ALA B 110 -1.13 18.16 29.32
CA ALA B 110 -2.27 18.93 29.82
C ALA B 110 -3.57 18.16 29.71
N ARG B 111 -4.40 18.23 30.75
CA ARG B 111 -5.79 17.83 30.62
C ARG B 111 -6.52 18.98 29.94
N SER B 112 -6.30 20.19 30.43
CA SER B 112 -6.86 21.36 29.78
C SER B 112 -5.92 22.56 29.87
N VAL B 113 -6.10 23.49 28.94
CA VAL B 113 -5.39 24.77 28.96
C VAL B 113 -6.40 25.84 28.58
N THR B 114 -6.61 26.79 29.48
CA THR B 114 -7.55 27.87 29.19
C THR B 114 -6.79 29.12 28.77
N VAL B 115 -7.15 29.67 27.62
CA VAL B 115 -6.48 30.85 27.10
C VAL B 115 -7.43 32.03 26.95
N SER B 116 -6.88 33.24 27.03
CA SER B 116 -7.68 34.46 26.89
C SER B 116 -7.28 35.22 25.63
N GLY B 117 -8.28 35.74 24.92
CA GLY B 117 -8.03 36.47 23.69
C GLY B 117 -9.16 37.39 23.31
N SER B 118 -9.09 37.93 22.09
CA SER B 118 -10.11 38.86 21.59
C SER B 118 -11.44 38.16 21.37
N ARG B 119 -12.51 38.94 21.29
CA ARG B 119 -13.85 38.40 21.03
C ARG B 119 -13.90 37.79 19.63
N LEU B 120 -13.09 38.34 18.74
CA LEU B 120 -12.99 37.84 17.37
C LEU B 120 -12.46 36.40 17.37
N ALA B 121 -11.28 36.22 17.95
CA ALA B 121 -10.63 34.91 18.00
C ALA B 121 -11.45 33.93 18.84
N THR B 122 -12.11 34.44 19.86
CA THR B 122 -12.93 33.61 20.73
C THR B 122 -14.16 33.09 19.98
N GLN B 123 -14.54 33.79 18.91
CA GLN B 123 -15.70 33.41 18.13
C GLN B 123 -15.36 32.65 16.84
N SER B 124 -14.20 32.95 16.27
CA SER B 124 -13.84 32.42 14.96
C SER B 124 -12.88 31.23 15.01
N ILE B 125 -12.06 31.16 16.05
CA ILE B 125 -11.07 30.10 16.14
C ILE B 125 -11.50 28.98 17.08
N SER B 126 -11.66 27.77 16.54
CA SER B 126 -12.15 26.63 17.30
C SER B 126 -11.06 26.06 18.19
N PRO B 127 -11.47 25.37 19.28
CA PRO B 127 -10.53 24.68 20.17
C PRO B 127 -9.59 23.74 19.42
N ALA B 128 -10.11 23.03 18.43
CA ALA B 128 -9.30 22.11 17.63
C ALA B 128 -8.16 22.82 16.92
N THR B 129 -8.43 24.03 16.44
CA THR B 129 -7.41 24.84 15.78
C THR B 129 -6.38 25.33 16.80
N LEU B 130 -6.87 25.77 17.96
CA LEU B 130 -6.02 26.20 19.06
C LEU B 130 -5.05 25.10 19.46
N ARG B 131 -5.56 23.87 19.58
CA ARG B 131 -4.72 22.73 19.95
C ARG B 131 -3.68 22.43 18.88
N MET B 132 -4.09 22.53 17.61
CA MET B 132 -3.19 22.28 16.50
C MET B 132 -2.02 23.28 16.47
N ALA B 133 -2.34 24.55 16.70
CA ALA B 133 -1.34 25.61 16.64
C ALA B 133 -0.40 25.62 17.84
N LEU B 134 -0.75 24.86 18.88
CA LEU B 134 0.03 24.88 20.11
C LEU B 134 0.54 23.49 20.52
N LEU B 135 0.43 22.52 19.62
CA LEU B 135 0.82 21.16 19.93
C LEU B 135 2.29 21.05 20.35
N GLY B 136 2.54 20.43 21.50
CA GLY B 136 3.89 20.20 21.97
C GLY B 136 4.47 21.34 22.80
N LYS B 137 3.83 22.49 22.75
CA LYS B 137 4.33 23.67 23.48
C LYS B 137 3.98 23.62 24.96
N VAL B 138 4.88 24.12 25.80
CA VAL B 138 4.65 24.15 27.23
C VAL B 138 3.88 25.40 27.66
N MET B 139 3.01 25.22 28.64
CA MET B 139 2.12 26.30 29.09
C MET B 139 2.16 26.43 30.61
N THR B 140 2.09 27.67 31.08
CA THR B 140 2.01 27.96 32.49
C THR B 140 1.02 29.10 32.67
N VAL B 141 0.29 29.10 33.78
CA VAL B 141 -0.66 30.18 34.06
C VAL B 141 0.08 31.52 34.13
N GLY B 142 -0.47 32.52 33.45
CA GLY B 142 0.12 33.84 33.45
C GLY B 142 0.99 34.09 32.24
N ASP B 143 1.32 33.03 31.51
CA ASP B 143 2.16 33.16 30.32
C ASP B 143 1.46 33.90 29.20
N THR B 144 2.25 34.57 28.38
CA THR B 144 1.77 35.16 27.14
C THR B 144 2.29 34.33 25.97
N VAL B 145 1.38 33.77 25.19
CA VAL B 145 1.77 32.93 24.06
C VAL B 145 1.25 33.49 22.74
N SER B 146 1.96 33.20 21.66
CA SER B 146 1.52 33.57 20.33
C SER B 146 1.32 32.32 19.49
N LEU B 147 0.25 32.29 18.71
CA LEU B 147 -0.04 31.14 17.86
C LEU B 147 0.80 31.21 16.58
N LEU B 148 1.16 32.42 16.20
CA LEU B 148 1.94 32.64 15.00
C LEU B 148 2.90 33.81 15.22
N PRO B 149 4.19 33.61 14.91
CA PRO B 149 5.24 34.61 15.11
C PRO B 149 5.00 35.90 14.33
N ARG B 150 4.61 35.79 13.07
CA ARG B 150 4.37 36.96 12.23
C ARG B 150 3.14 36.80 11.35
N ASP B 151 2.58 37.92 10.91
CA ASP B 151 1.37 37.90 10.08
C ASP B 151 1.23 39.19 9.30
N SER B 159 2.03 39.75 -0.27
CA SER B 159 0.99 39.58 0.74
C SER B 159 -0.21 38.83 0.19
N ALA B 160 -0.23 38.68 -1.14
CA ALA B 160 -1.31 37.94 -1.81
C ALA B 160 -0.83 36.54 -2.16
N ALA B 161 0.45 36.42 -2.49
CA ALA B 161 1.05 35.13 -2.82
C ALA B 161 1.49 34.42 -1.55
N THR B 162 1.64 35.18 -0.47
CA THR B 162 2.02 34.61 0.82
C THR B 162 0.81 34.08 1.57
N SER B 163 -0.30 34.80 1.47
CA SER B 163 -1.53 34.39 2.14
C SER B 163 -2.08 33.10 1.54
N ALA B 164 -1.86 32.90 0.25
CA ALA B 164 -2.26 31.67 -0.42
C ALA B 164 -1.35 30.53 0.02
N LEU B 165 -0.10 30.86 0.31
CA LEU B 165 0.86 29.89 0.81
C LEU B 165 0.44 29.38 2.19
N ALA B 166 0.06 30.32 3.06
CA ALA B 166 -0.34 29.99 4.43
C ALA B 166 -1.54 29.04 4.46
N SER B 167 -2.54 29.34 3.64
CA SER B 167 -3.75 28.53 3.57
C SER B 167 -3.45 27.12 3.06
N SER B 168 -2.49 27.00 2.17
CA SER B 168 -2.12 25.71 1.60
C SER B 168 -1.46 24.82 2.65
N VAL B 169 -0.67 25.42 3.53
CA VAL B 169 0.01 24.67 4.58
C VAL B 169 -0.88 24.54 5.81
N GLY B 170 -2.10 25.07 5.72
CA GLY B 170 -3.09 24.87 6.75
C GLY B 170 -3.05 25.86 7.90
N ILE B 171 -2.35 26.98 7.71
CA ILE B 171 -2.34 28.04 8.70
C ILE B 171 -3.62 28.85 8.60
N THR B 172 -4.38 28.91 9.69
CA THR B 172 -5.66 29.60 9.70
C THR B 172 -5.70 30.70 10.77
N TRP B 173 -5.09 30.42 11.91
CA TRP B 173 -5.03 31.36 13.02
C TRP B 173 -4.22 32.61 12.69
N THR B 174 -4.35 33.63 13.53
CA THR B 174 -3.62 34.88 13.35
C THR B 174 -2.38 34.93 14.24
N SER B 175 -1.83 36.12 14.42
CA SER B 175 -0.61 36.28 15.21
C SER B 175 -0.86 37.01 16.52
N GLU B 176 -2.10 36.94 17.01
CA GLU B 176 -2.48 37.62 18.24
C GLU B 176 -1.83 36.99 19.46
N LEU B 177 -1.41 37.82 20.41
CA LEU B 177 -0.87 37.34 21.67
C LEU B 177 -2.01 36.88 22.59
N LEU B 178 -1.85 35.70 23.17
CA LEU B 178 -2.86 35.15 24.08
C LEU B 178 -2.33 35.06 25.51
N THR B 179 -3.24 34.85 26.45
CA THR B 179 -2.85 34.72 27.85
C THR B 179 -3.42 33.44 28.45
N VAL B 180 -2.53 32.60 28.99
CA VAL B 180 -2.96 31.39 29.67
C VAL B 180 -3.58 31.73 31.02
N THR B 181 -4.86 31.46 31.17
CA THR B 181 -5.58 31.80 32.39
C THR B 181 -5.73 30.64 33.35
N ALA B 182 -5.55 29.42 32.85
CA ALA B 182 -5.64 28.23 33.68
C ALA B 182 -5.03 27.01 33.00
N VAL B 183 -4.48 26.09 33.80
CA VAL B 183 -4.01 24.81 33.29
C VAL B 183 -4.41 23.70 34.24
N ASP B 184 -4.43 22.48 33.72
CA ASP B 184 -4.80 21.31 34.52
C ASP B 184 -4.04 20.10 33.97
N PRO B 185 -3.26 19.42 34.85
CA PRO B 185 -3.01 19.68 36.27
C PRO B 185 -2.21 20.95 36.52
N PRO B 186 -2.21 21.45 37.76
CA PRO B 186 -1.51 22.71 38.06
C PRO B 186 -0.01 22.63 37.80
N GLY B 187 0.59 23.79 37.51
CA GLY B 187 2.02 23.86 37.26
C GLY B 187 2.33 24.17 35.82
N THR B 188 3.22 23.38 35.22
CA THR B 188 3.57 23.55 33.81
C THR B 188 3.13 22.31 33.03
N VAL B 189 2.37 22.53 31.96
CA VAL B 189 1.86 21.44 31.16
C VAL B 189 2.27 21.60 29.70
N SER B 190 2.13 20.53 28.93
CA SER B 190 2.36 20.60 27.49
C SER B 190 1.11 20.23 26.73
N VAL B 191 0.80 20.98 25.68
CA VAL B 191 -0.36 20.70 24.85
C VAL B 191 -0.17 19.41 24.07
N GLN B 192 -1.04 18.44 24.32
CA GLN B 192 -0.97 17.14 23.68
C GLN B 192 -2.23 16.92 22.84
N PRO B 193 -2.21 15.92 21.95
CA PRO B 193 -3.42 15.66 21.15
C PRO B 193 -4.62 15.28 22.01
N ASN B 194 -4.37 14.74 23.21
CA ASN B 194 -5.44 14.39 24.13
C ASN B 194 -5.70 15.50 25.16
N SER B 195 -5.24 16.71 24.86
CA SER B 195 -5.52 17.87 25.69
C SER B 195 -6.65 18.65 25.04
N VAL B 196 -7.34 19.46 25.83
CA VAL B 196 -8.27 20.44 25.27
C VAL B 196 -7.73 21.84 25.51
N VAL B 197 -7.79 22.67 24.48
CA VAL B 197 -7.42 24.08 24.59
C VAL B 197 -8.63 24.93 24.27
N SER B 198 -9.11 25.68 25.24
CA SER B 198 -10.36 26.43 25.07
C SER B 198 -10.27 27.86 25.61
N TRP B 199 -11.17 28.71 25.11
CA TRP B 199 -11.25 30.08 25.56
C TRP B 199 -11.90 30.16 26.94
N GLY B 200 -12.90 29.30 27.16
CA GLY B 200 -13.59 29.25 28.43
C GLY B 200 -13.80 27.83 28.90
N PRO B 210 -18.67 28.65 20.87
CA PRO B 210 -18.76 28.54 22.34
C PRO B 210 -19.27 27.18 22.86
N PRO B 211 -20.34 26.59 22.27
CA PRO B 211 -20.73 25.28 22.81
C PRO B 211 -19.71 24.19 22.48
N THR B 212 -18.97 23.75 23.48
CA THR B 212 -17.94 22.74 23.29
C THR B 212 -18.38 21.36 23.75
N GLY B 213 -17.68 20.33 23.29
CA GLY B 213 -17.93 18.96 23.72
C GLY B 213 -19.13 18.32 23.05
N ARG B 214 -19.69 19.00 22.06
CA ARG B 214 -20.84 18.48 21.33
C ARG B 214 -20.42 17.64 20.14
N HIS B 215 -21.25 16.66 19.77
CA HIS B 215 -20.92 15.79 18.66
C HIS B 215 -21.15 16.46 17.32
N THR B 216 -20.46 15.97 16.29
CA THR B 216 -20.68 16.43 14.93
C THR B 216 -21.03 15.23 14.05
N VAL B 217 -21.83 15.47 13.02
CA VAL B 217 -22.23 14.41 12.10
C VAL B 217 -21.71 14.67 10.70
N SER B 218 -20.81 13.81 10.24
CA SER B 218 -20.27 13.90 8.89
C SER B 218 -21.01 12.94 7.98
N PRO B 219 -21.64 13.46 6.91
CA PRO B 219 -22.50 12.67 6.02
C PRO B 219 -21.71 11.65 5.20
N GLN B 220 -22.42 10.72 4.58
CA GLN B 220 -21.78 9.72 3.73
C GLN B 220 -21.10 10.38 2.54
N ARG B 221 -19.91 9.87 2.21
CA ARG B 221 -19.11 10.40 1.10
C ARG B 221 -18.79 11.89 1.28
N SER B 222 -18.50 12.28 2.52
CA SER B 222 -18.15 13.66 2.82
C SER B 222 -16.69 13.94 2.46
N GLU B 223 -16.37 15.21 2.28
CA GLU B 223 -15.03 15.64 1.90
C GLU B 223 -14.03 15.47 3.04
N GLN B 224 -13.07 14.56 2.85
CA GLN B 224 -11.99 14.38 3.80
C GLN B 224 -10.70 14.96 3.22
N PRO B 225 -9.95 15.71 4.05
CA PRO B 225 -8.68 16.29 3.61
C PRO B 225 -7.63 15.22 3.31
N VAL B 226 -7.77 14.06 3.94
CA VAL B 226 -6.85 12.95 3.71
C VAL B 226 -7.61 11.70 3.27
N SER B 227 -7.25 11.19 2.10
CA SER B 227 -7.94 10.03 1.52
C SER B 227 -7.47 8.71 2.11
N PHE B 228 -8.25 7.66 1.87
CA PHE B 228 -7.90 6.31 2.31
C PHE B 228 -6.59 5.85 1.66
N ASP B 229 -6.39 6.23 0.40
CA ASP B 229 -5.17 5.89 -0.32
C ASP B 229 -3.95 6.58 0.29
N ASP B 230 -4.10 7.84 0.68
CA ASP B 230 -3.01 8.60 1.27
C ASP B 230 -2.69 8.18 2.71
N VAL B 231 -3.55 7.35 3.28
CA VAL B 231 -3.34 6.84 4.63
C VAL B 231 -2.71 5.45 4.56
N LYS B 232 -3.13 4.67 3.57
CA LYS B 232 -2.62 3.34 3.33
C LYS B 232 -1.10 3.30 3.18
N VAL B 233 -0.54 4.33 2.55
CA VAL B 233 0.87 4.36 2.20
C VAL B 233 1.80 4.27 3.43
N THR B 234 1.47 5.02 4.48
CA THR B 234 2.29 5.01 5.69
C THR B 234 1.70 4.15 6.80
N HIS B 235 0.39 3.92 6.76
CA HIS B 235 -0.28 3.10 7.76
C HIS B 235 -1.01 1.92 7.13
N PRO B 236 -0.30 0.80 6.98
CA PRO B 236 -0.86 -0.42 6.38
C PRO B 236 -2.06 -0.94 7.17
N GLN B 237 -2.08 -0.64 8.47
CA GLN B 237 -3.14 -1.12 9.36
C GLN B 237 -4.52 -0.60 8.98
N ALA B 238 -4.57 0.46 8.17
CA ALA B 238 -5.84 1.02 7.71
C ALA B 238 -6.61 0.03 6.85
N VAL B 239 -5.90 -0.86 6.18
CA VAL B 239 -6.51 -1.90 5.36
C VAL B 239 -7.27 -2.89 6.24
N LYS B 240 -6.66 -3.24 7.36
CA LYS B 240 -7.25 -4.16 8.33
C LYS B 240 -8.55 -3.58 8.91
N LEU B 241 -8.51 -2.31 9.28
CA LEU B 241 -9.67 -1.63 9.85
C LEU B 241 -10.78 -1.51 8.81
N ASP B 242 -10.39 -1.26 7.56
CA ASP B 242 -11.34 -1.15 6.47
C ASP B 242 -12.05 -2.47 6.20
N GLU B 243 -11.31 -3.58 6.28
CA GLU B 243 -11.91 -4.90 6.11
C GLU B 243 -12.96 -5.15 7.19
N TRP B 244 -12.57 -4.92 8.44
CA TRP B 244 -13.47 -5.09 9.58
C TRP B 244 -14.76 -4.31 9.42
N LEU B 245 -14.62 -3.03 9.08
CA LEU B 245 -15.75 -2.11 9.00
C LEU B 245 -16.75 -2.49 7.92
N ARG B 246 -16.25 -2.72 6.70
CA ARG B 246 -17.11 -3.08 5.58
C ARG B 246 -17.78 -4.43 5.80
N LEU B 247 -17.12 -5.29 6.58
CA LEU B 247 -17.66 -6.61 6.87
C LEU B 247 -18.83 -6.54 7.83
N SER B 248 -18.69 -5.71 8.87
CA SER B 248 -19.74 -5.55 9.87
C SER B 248 -20.92 -4.74 9.35
N LEU B 249 -20.65 -3.77 8.50
CA LEU B 249 -21.69 -2.83 8.08
C LEU B 249 -22.33 -3.14 6.71
N ASP B 250 -21.56 -3.75 5.81
CA ASP B 250 -22.05 -3.97 4.45
C ASP B 250 -22.32 -5.44 4.12
N GLU B 251 -21.66 -6.35 4.83
CA GLU B 251 -21.81 -7.77 4.56
C GLU B 251 -22.08 -8.60 5.82
N PRO B 252 -23.18 -8.31 6.54
CA PRO B 252 -23.45 -9.04 7.78
C PRO B 252 -23.80 -10.49 7.50
N GLU B 253 -24.40 -10.75 6.34
CA GLU B 253 -24.80 -12.11 5.96
C GLU B 253 -23.60 -13.03 5.86
N LEU B 254 -22.47 -12.48 5.40
CA LEU B 254 -21.21 -13.23 5.36
C LEU B 254 -20.79 -13.62 6.76
N LEU B 255 -20.74 -12.66 7.67
CA LEU B 255 -20.38 -12.91 9.06
C LEU B 255 -21.35 -13.87 9.73
N LYS B 256 -22.62 -13.79 9.32
CA LYS B 256 -23.65 -14.68 9.85
C LYS B 256 -23.39 -16.12 9.39
N THR B 257 -22.89 -16.27 8.16
CA THR B 257 -22.54 -17.58 7.64
C THR B 257 -21.32 -18.13 8.37
N LEU B 258 -20.37 -17.24 8.65
CA LEU B 258 -19.15 -17.63 9.37
C LEU B 258 -19.40 -17.83 10.87
N GLY B 259 -20.63 -17.56 11.30
CA GLY B 259 -20.99 -17.72 12.70
C GLY B 259 -20.40 -16.65 13.59
N ALA B 260 -20.23 -15.45 13.04
CA ALA B 260 -19.66 -14.33 13.78
C ALA B 260 -20.69 -13.23 14.00
N THR B 261 -20.49 -12.46 15.07
CA THR B 261 -21.37 -11.34 15.38
C THR B 261 -20.99 -10.11 14.56
N PRO B 262 -21.97 -9.28 14.21
CA PRO B 262 -21.71 -8.07 13.42
C PRO B 262 -21.24 -6.90 14.27
N HIS B 263 -21.13 -7.11 15.58
CA HIS B 263 -20.72 -6.03 16.49
C HIS B 263 -19.23 -5.70 16.36
N LEU B 264 -18.93 -4.42 16.26
CA LEU B 264 -17.55 -3.99 16.05
C LEU B 264 -17.16 -2.82 16.94
N GLY B 265 -16.22 -3.08 17.85
CA GLY B 265 -15.65 -2.04 18.68
C GLY B 265 -14.14 -2.07 18.57
N VAL B 266 -13.54 -0.95 18.17
CA VAL B 266 -12.11 -0.92 17.89
C VAL B 266 -11.41 0.22 18.60
N LEU B 267 -10.38 -0.11 19.37
CA LEU B 267 -9.51 0.90 19.98
C LEU B 267 -8.22 1.02 19.18
N VAL B 268 -8.00 2.18 18.57
CA VAL B 268 -6.78 2.42 17.79
C VAL B 268 -5.76 3.15 18.65
N SER B 269 -4.56 2.59 18.73
CA SER B 269 -3.46 3.23 19.47
C SER B 269 -2.21 3.45 18.64
N GLY B 270 -1.23 4.12 19.23
CA GLY B 270 -0.02 4.51 18.53
C GLY B 270 0.44 5.87 19.01
N PRO B 271 1.67 6.26 18.64
CA PRO B 271 2.33 7.49 19.12
C PRO B 271 1.50 8.73 18.91
N ALA B 272 1.68 9.73 19.77
CA ALA B 272 0.93 10.97 19.67
C ALA B 272 1.19 11.67 18.35
N GLY B 273 0.11 12.10 17.69
CA GLY B 273 0.22 12.81 16.43
C GLY B 273 0.68 11.96 15.25
N VAL B 274 0.60 10.64 15.40
CA VAL B 274 1.02 9.74 14.34
C VAL B 274 -0.01 9.67 13.21
N GLY B 275 -1.26 10.02 13.52
CA GLY B 275 -2.31 10.04 12.52
C GLY B 275 -3.44 9.05 12.76
N LYS B 276 -3.71 8.76 14.03
CA LYS B 276 -4.75 7.79 14.38
C LYS B 276 -6.15 8.27 14.00
N ALA B 277 -6.49 9.48 14.44
CA ALA B 277 -7.80 10.04 14.15
C ALA B 277 -7.99 10.29 12.66
N THR B 278 -6.90 10.67 12.00
CA THR B 278 -6.93 10.95 10.56
C THR B 278 -7.20 9.69 9.75
N MET B 279 -6.59 8.59 10.18
CA MET B 279 -6.81 7.30 9.53
C MET B 279 -8.27 6.87 9.64
N VAL B 280 -8.84 7.02 10.83
CA VAL B 280 -10.22 6.63 11.08
C VAL B 280 -11.21 7.42 10.22
N ARG B 281 -11.03 8.73 10.16
CA ARG B 281 -11.86 9.56 9.30
C ARG B 281 -11.70 9.18 7.82
N ALA B 282 -10.50 8.71 7.48
CA ALA B 282 -10.20 8.32 6.11
C ALA B 282 -10.88 7.00 5.77
N VAL B 283 -10.81 6.04 6.69
CA VAL B 283 -11.45 4.75 6.49
C VAL B 283 -12.98 4.88 6.46
N CYS B 284 -13.49 5.84 7.21
CA CYS B 284 -14.94 5.99 7.39
C CYS B 284 -15.58 7.02 6.47
N ALA B 285 -14.80 7.54 5.51
CA ALA B 285 -15.25 8.62 4.63
C ALA B 285 -16.61 8.40 3.96
N SER B 286 -16.92 7.15 3.65
CA SER B 286 -18.18 6.83 2.98
C SER B 286 -19.28 6.56 4.00
N ARG B 287 -18.89 6.32 5.25
CA ARG B 287 -19.84 6.04 6.31
C ARG B 287 -20.38 7.34 6.90
N ARG B 288 -21.54 7.24 7.55
CA ARG B 288 -22.03 8.33 8.39
C ARG B 288 -21.31 8.26 9.72
N VAL B 289 -20.68 9.36 10.13
CA VAL B 289 -19.86 9.36 11.33
C VAL B 289 -20.33 10.38 12.36
N VAL B 290 -20.64 9.91 13.56
CA VAL B 290 -20.90 10.80 14.69
C VAL B 290 -19.62 10.88 15.52
N GLU B 291 -19.03 12.06 15.58
CA GLU B 291 -17.74 12.21 16.24
C GLU B 291 -17.77 13.07 17.49
N LEU B 292 -17.16 12.55 18.56
CA LEU B 292 -16.94 13.31 19.79
C LEU B 292 -15.44 13.49 20.00
N ASP B 293 -15.04 14.71 20.31
CA ASP B 293 -13.66 14.95 20.71
C ASP B 293 -13.51 14.62 22.18
N GLY B 294 -12.88 13.48 22.46
CA GLY B 294 -12.63 13.02 23.83
C GLY B 294 -12.23 14.06 24.85
N PRO B 295 -11.19 14.85 24.55
CA PRO B 295 -10.77 15.92 25.45
C PRO B 295 -11.83 16.99 25.72
N GLU B 296 -12.59 17.38 24.71
CA GLU B 296 -13.64 18.39 24.90
C GLU B 296 -14.75 17.90 25.83
N VAL B 297 -15.24 16.71 25.56
CA VAL B 297 -16.29 16.13 26.39
C VAL B 297 -15.77 15.85 27.80
N GLY B 298 -14.57 15.30 27.88
CA GLY B 298 -13.92 15.00 29.15
C GLY B 298 -13.74 16.21 30.05
N ALA B 299 -13.69 17.40 29.46
CA ALA B 299 -13.49 18.63 30.23
C ALA B 299 -14.81 19.23 30.72
N LEU B 300 -15.92 18.81 30.11
CA LEU B 300 -17.23 19.31 30.51
C LEU B 300 -17.55 18.90 31.93
N GLN B 301 -18.46 19.63 32.57
CA GLN B 301 -18.93 19.29 33.90
C GLN B 301 -19.53 17.88 33.86
N VAL B 302 -19.33 17.13 34.94
CA VAL B 302 -19.59 15.69 34.97
C VAL B 302 -21.00 15.28 34.52
N ASP B 303 -22.00 16.10 34.80
CA ASP B 303 -23.38 15.79 34.42
C ASP B 303 -23.63 16.17 32.97
N GLU B 304 -23.02 17.27 32.53
CA GLU B 304 -23.09 17.70 31.15
C GLU B 304 -22.26 16.78 30.26
N ARG B 305 -21.27 16.13 30.87
CA ARG B 305 -20.41 15.20 30.17
C ARG B 305 -21.18 13.94 29.75
N LEU B 306 -22.00 13.42 30.66
CA LEU B 306 -22.81 12.24 30.37
C LEU B 306 -23.86 12.52 29.31
N ARG B 307 -24.41 13.73 29.35
CA ARG B 307 -25.45 14.13 28.41
C ARG B 307 -24.92 14.15 26.98
N SER B 308 -23.70 14.64 26.83
CA SER B 308 -23.07 14.74 25.51
C SER B 308 -22.85 13.37 24.87
N VAL B 309 -22.46 12.39 25.69
CA VAL B 309 -22.28 11.03 25.21
C VAL B 309 -23.62 10.40 24.84
N THR B 310 -24.62 10.63 25.69
CA THR B 310 -25.96 10.10 25.48
C THR B 310 -26.58 10.62 24.18
N SER B 311 -26.38 11.91 23.93
CA SER B 311 -26.89 12.54 22.71
C SER B 311 -26.22 11.96 21.47
N ALA B 312 -24.92 11.71 21.58
CA ALA B 312 -24.15 11.16 20.47
C ALA B 312 -24.53 9.70 20.17
N VAL B 313 -24.77 8.93 21.23
CA VAL B 313 -25.20 7.55 21.08
C VAL B 313 -26.59 7.46 20.43
N ALA B 314 -27.50 8.33 20.85
CA ALA B 314 -28.83 8.38 20.27
C ALA B 314 -28.78 8.81 18.81
N ALA B 315 -27.83 9.68 18.50
CA ALA B 315 -27.69 10.20 17.14
C ALA B 315 -27.19 9.13 16.17
N VAL B 316 -26.27 8.29 16.63
CA VAL B 316 -25.71 7.24 15.79
C VAL B 316 -26.63 6.02 15.73
N THR B 317 -27.40 5.80 16.78
CA THR B 317 -28.38 4.71 16.81
C THR B 317 -29.55 5.07 15.91
N GLU B 318 -29.77 6.37 15.74
CA GLU B 318 -30.83 6.90 14.90
C GLU B 318 -30.80 6.32 13.49
N SER B 319 -29.73 6.61 12.76
CA SER B 319 -29.66 6.21 11.36
C SER B 319 -28.45 5.31 11.06
N GLY B 320 -27.87 4.74 12.11
CA GLY B 320 -26.74 3.84 11.94
C GLY B 320 -25.47 4.53 11.53
N GLY B 321 -24.36 3.81 11.57
CA GLY B 321 -23.09 4.36 11.15
C GLY B 321 -21.98 4.16 12.15
N VAL B 322 -21.05 5.11 12.20
CA VAL B 322 -19.87 4.98 13.05
C VAL B 322 -19.83 6.03 14.15
N LEU B 323 -19.69 5.55 15.38
CA LEU B 323 -19.45 6.44 16.51
C LEU B 323 -17.95 6.52 16.77
N PHE B 324 -17.39 7.71 16.57
CA PHE B 324 -15.95 7.90 16.71
C PHE B 324 -15.61 8.86 17.85
N ILE B 325 -14.80 8.37 18.79
CA ILE B 325 -14.31 9.21 19.88
C ILE B 325 -12.79 9.34 19.81
N ALA B 326 -12.33 10.50 19.35
CA ALA B 326 -10.91 10.77 19.24
C ALA B 326 -10.29 11.01 20.62
N ASP B 327 -9.23 10.27 20.93
CA ASP B 327 -8.52 10.40 22.20
C ASP B 327 -9.46 10.18 23.40
N VAL B 328 -10.03 8.97 23.44
CA VAL B 328 -11.03 8.59 24.42
C VAL B 328 -10.46 8.49 25.85
N ASP B 329 -9.13 8.40 25.96
CA ASP B 329 -8.49 8.31 27.27
C ASP B 329 -8.70 9.59 28.09
N ALA B 330 -9.05 10.67 27.41
CA ALA B 330 -9.38 11.92 28.06
C ALA B 330 -10.81 11.91 28.61
N LEU B 331 -11.64 11.05 28.03
CA LEU B 331 -13.04 10.91 28.43
C LEU B 331 -13.22 9.76 29.41
N LEU B 332 -12.44 8.69 29.22
CA LEU B 332 -12.48 7.54 30.12
C LEU B 332 -11.08 7.17 30.60
N PRO B 333 -10.50 7.99 31.47
CA PRO B 333 -9.15 7.71 31.97
C PRO B 333 -9.10 6.43 32.78
N ALA B 334 -7.98 5.71 32.71
CA ALA B 334 -7.85 4.44 33.41
C ALA B 334 -7.81 4.63 34.92
N GLY B 335 -7.23 5.74 35.36
CA GLY B 335 -7.11 6.03 36.78
C GLY B 335 -6.13 5.12 37.50
N ASN B 336 -5.91 5.42 38.78
CA ASN B 336 -4.94 4.67 39.58
C ASN B 336 -5.45 4.44 41.00
N GLU B 337 -4.75 5.00 41.98
CA GLU B 337 -5.18 4.92 43.37
C GLU B 337 -5.73 6.27 43.84
N MET B 338 -4.98 7.33 43.55
CA MET B 338 -5.38 8.67 43.95
C MET B 338 -6.52 9.22 43.09
N ARG B 339 -6.60 8.73 41.86
CA ARG B 339 -7.62 9.20 40.93
C ARG B 339 -8.36 8.04 40.24
N PRO B 340 -9.13 7.26 41.01
CA PRO B 340 -9.89 6.13 40.43
C PRO B 340 -11.00 6.62 39.51
N PRO B 341 -11.52 5.75 38.63
CA PRO B 341 -12.57 6.13 37.68
C PRO B 341 -13.80 6.74 38.34
N GLU B 342 -14.23 7.90 37.83
CA GLU B 342 -15.40 8.59 38.33
C GLU B 342 -16.67 7.77 38.12
N PRO B 343 -17.72 8.02 38.94
CA PRO B 343 -19.00 7.34 38.78
C PRO B 343 -19.59 7.50 37.38
N VAL B 344 -19.36 8.66 36.76
CA VAL B 344 -19.94 8.95 35.45
C VAL B 344 -19.43 7.99 34.37
N ALA B 345 -18.24 7.41 34.59
CA ALA B 345 -17.65 6.49 33.63
C ALA B 345 -18.56 5.28 33.42
N THR B 346 -19.09 4.77 34.52
CA THR B 346 -20.00 3.63 34.49
C THR B 346 -21.20 3.88 33.58
N LEU B 347 -21.74 5.09 33.66
CA LEU B 347 -22.89 5.46 32.83
C LEU B 347 -22.50 5.73 31.39
N ILE B 348 -21.30 6.24 31.19
CA ILE B 348 -20.79 6.51 29.85
C ILE B 348 -20.54 5.20 29.10
N LEU B 349 -19.95 4.24 29.80
CA LEU B 349 -19.71 2.91 29.24
C LEU B 349 -21.01 2.18 28.91
N ALA B 350 -22.06 2.49 29.68
CA ALA B 350 -23.37 1.91 29.43
C ALA B 350 -23.94 2.40 28.10
N GLU B 351 -23.73 3.69 27.82
CA GLU B 351 -24.18 4.27 26.55
C GLU B 351 -23.43 3.68 25.36
N LEU B 352 -22.11 3.54 25.51
CA LEU B 352 -21.29 2.99 24.45
C LEU B 352 -21.63 1.53 24.19
N ARG B 353 -21.84 0.78 25.27
CA ARG B 353 -22.21 -0.63 25.19
C ARG B 353 -23.51 -0.78 24.41
N LYS B 354 -24.40 0.20 24.56
CA LYS B 354 -25.67 0.22 23.84
C LYS B 354 -25.46 0.44 22.33
N ALA B 355 -24.53 1.33 21.99
CA ALA B 355 -24.26 1.67 20.60
C ALA B 355 -23.62 0.49 19.86
N VAL B 356 -22.66 -0.16 20.51
CA VAL B 356 -22.00 -1.33 19.95
C VAL B 356 -23.00 -2.45 19.66
N ALA B 357 -24.00 -2.59 20.53
CA ALA B 357 -25.00 -3.64 20.40
C ALA B 357 -26.08 -3.31 19.38
N THR B 358 -26.01 -2.11 18.81
CA THR B 358 -27.01 -1.68 17.82
C THR B 358 -26.61 -2.09 16.41
N PRO B 359 -27.51 -2.81 15.71
CA PRO B 359 -27.28 -3.19 14.31
C PRO B 359 -27.06 -1.95 13.42
N GLY B 360 -26.05 -2.02 12.56
CA GLY B 360 -25.74 -0.92 11.67
C GLY B 360 -24.90 0.14 12.34
N VAL B 361 -24.34 -0.19 13.50
CA VAL B 361 -23.49 0.75 14.23
C VAL B 361 -22.13 0.14 14.58
N ALA B 362 -21.07 0.90 14.33
CA ALA B 362 -19.72 0.49 14.72
C ALA B 362 -19.10 1.54 15.64
N PHE B 363 -18.26 1.08 16.56
CA PHE B 363 -17.60 1.99 17.48
C PHE B 363 -16.08 2.00 17.33
N ILE B 364 -15.53 3.17 17.06
CA ILE B 364 -14.08 3.33 16.93
C ILE B 364 -13.58 4.43 17.86
N ALA B 365 -12.53 4.14 18.62
CA ALA B 365 -11.92 5.14 19.48
C ALA B 365 -10.40 5.13 19.36
N THR B 366 -9.79 6.29 19.47
CA THR B 366 -8.34 6.38 19.47
C THR B 366 -7.82 6.73 20.85
N SER B 367 -6.58 6.35 21.12
CA SER B 367 -5.89 6.72 22.35
C SER B 367 -4.42 6.41 22.14
N ALA B 368 -3.55 7.38 22.43
CA ALA B 368 -2.11 7.19 22.24
C ALA B 368 -1.62 5.95 22.98
N VAL B 369 -1.93 5.86 24.26
CA VAL B 369 -1.55 4.72 25.08
C VAL B 369 -2.80 3.99 25.57
N PRO B 370 -2.95 2.71 25.18
CA PRO B 370 -4.19 1.94 25.41
C PRO B 370 -4.50 1.74 26.89
N GLU B 371 -3.48 1.57 27.73
CA GLU B 371 -3.71 1.32 29.15
C GLU B 371 -4.04 2.60 29.92
N ASN B 372 -4.09 3.72 29.23
CA ASN B 372 -4.53 4.98 29.83
C ASN B 372 -6.04 5.13 29.78
N VAL B 373 -6.69 4.19 29.10
CA VAL B 373 -8.16 4.18 29.00
C VAL B 373 -8.73 3.24 30.06
N ASP B 374 -9.91 3.60 30.58
CA ASP B 374 -10.68 2.75 31.48
C ASP B 374 -10.67 1.31 30.98
N ALA B 375 -10.28 0.39 31.86
CA ALA B 375 -10.13 -1.02 31.49
C ALA B 375 -11.43 -1.65 31.00
N ARG B 376 -12.57 -1.09 31.41
CA ARG B 376 -13.86 -1.64 31.02
C ARG B 376 -14.22 -1.35 29.56
N LEU B 377 -13.45 -0.48 28.92
CA LEU B 377 -13.65 -0.19 27.50
C LEU B 377 -12.94 -1.24 26.65
N ARG B 378 -11.83 -1.74 27.17
CA ARG B 378 -11.08 -2.80 26.50
C ARG B 378 -11.69 -4.14 26.89
N ALA B 379 -12.86 -4.42 26.33
CA ALA B 379 -13.66 -5.58 26.69
C ALA B 379 -14.50 -6.00 25.50
N PRO B 380 -14.88 -7.30 25.43
CA PRO B 380 -15.61 -7.84 24.28
C PRO B 380 -16.96 -7.17 23.95
N GLU B 381 -17.57 -6.47 24.90
CA GLU B 381 -18.86 -5.82 24.63
C GLU B 381 -18.74 -4.34 24.29
N VAL B 382 -17.53 -3.79 24.38
CA VAL B 382 -17.29 -2.41 23.94
C VAL B 382 -16.27 -2.40 22.81
N CYS B 383 -14.99 -2.33 23.15
CA CYS B 383 -13.92 -2.43 22.15
C CYS B 383 -13.27 -3.81 22.23
N ASP B 384 -13.73 -4.73 21.39
CA ASP B 384 -13.30 -6.12 21.46
C ASP B 384 -11.93 -6.34 20.81
N ARG B 385 -11.50 -5.40 19.97
CA ARG B 385 -10.21 -5.56 19.29
C ARG B 385 -9.42 -4.26 19.24
N GLU B 386 -8.11 -4.39 19.06
CA GLU B 386 -7.23 -3.23 19.07
C GLU B 386 -6.32 -3.21 17.84
N LEU B 387 -5.75 -2.04 17.57
CA LEU B 387 -4.98 -1.83 16.36
C LEU B 387 -3.96 -0.72 16.62
N GLY B 388 -2.68 -1.10 16.68
CA GLY B 388 -1.62 -0.15 16.98
C GLY B 388 -0.92 0.35 15.74
N LEU B 389 -0.70 1.66 15.67
CA LEU B 389 -0.02 2.27 14.54
C LEU B 389 1.45 2.53 14.88
N SER B 390 2.27 2.75 13.85
CA SER B 390 3.71 2.89 14.06
C SER B 390 4.27 4.22 13.54
N LEU B 391 5.39 4.64 14.11
CA LEU B 391 6.14 5.79 13.64
C LEU B 391 6.55 5.59 12.20
N PRO B 392 6.58 6.67 11.42
CA PRO B 392 7.06 6.59 10.03
C PRO B 392 8.59 6.45 9.97
N ASP B 393 9.08 5.47 9.22
CA ASP B 393 10.51 5.39 8.96
C ASP B 393 10.92 6.47 7.97
N ALA B 394 12.21 6.52 7.64
CA ALA B 394 12.74 7.57 6.77
C ALA B 394 11.97 7.66 5.45
N THR B 395 11.71 6.51 4.85
CA THR B 395 10.97 6.46 3.59
C THR B 395 9.57 7.03 3.76
N ALA B 396 8.88 6.60 4.82
CA ALA B 396 7.52 7.05 5.09
C ALA B 396 7.49 8.55 5.41
N ARG B 397 8.52 9.02 6.12
CA ARG B 397 8.63 10.44 6.44
C ARG B 397 8.77 11.29 5.18
N ARG B 398 9.52 10.80 4.21
CA ARG B 398 9.66 11.50 2.93
C ARG B 398 8.34 11.51 2.18
N SER B 399 7.62 10.40 2.26
CA SER B 399 6.33 10.27 1.60
C SER B 399 5.32 11.24 2.22
N LEU B 400 5.38 11.37 3.54
CA LEU B 400 4.51 12.29 4.26
C LEU B 400 4.82 13.74 3.89
N LEU B 401 6.10 14.08 3.83
CA LEU B 401 6.54 15.43 3.49
C LEU B 401 6.03 15.87 2.12
N GLU B 402 6.17 14.99 1.14
CA GLU B 402 5.66 15.25 -0.21
C GLU B 402 4.15 15.46 -0.20
N MET B 403 3.45 14.69 0.63
CA MET B 403 2.01 14.82 0.77
C MET B 403 1.64 16.19 1.34
N LEU B 404 2.36 16.61 2.38
CA LEU B 404 2.12 17.90 3.02
C LEU B 404 2.43 19.07 2.09
N LEU B 405 3.33 18.83 1.15
CA LEU B 405 3.82 19.89 0.27
C LEU B 405 3.12 19.97 -1.09
N ARG B 406 1.95 19.33 -1.19
CA ARG B 406 1.16 19.41 -2.41
C ARG B 406 0.60 20.82 -2.59
N GLY B 407 0.77 21.38 -3.77
CA GLY B 407 0.26 22.71 -4.07
C GLY B 407 1.04 23.80 -3.36
N VAL B 408 2.23 23.45 -2.88
CA VAL B 408 3.09 24.40 -2.19
C VAL B 408 4.29 24.77 -3.08
N PRO B 409 4.41 26.06 -3.41
CA PRO B 409 5.51 26.55 -4.26
C PRO B 409 6.88 26.31 -3.63
N SER B 410 7.73 25.54 -4.31
CA SER B 410 9.02 25.16 -3.77
C SER B 410 10.02 24.75 -4.84
N GLU B 411 11.30 24.70 -4.49
CA GLU B 411 12.33 24.21 -5.39
C GLU B 411 13.53 23.66 -4.62
N ASP B 412 14.13 22.60 -5.15
CA ASP B 412 15.30 21.95 -4.56
C ASP B 412 15.15 21.71 -3.06
N LEU B 413 14.04 21.08 -2.67
CA LEU B 413 13.75 20.86 -1.25
C LEU B 413 14.67 19.84 -0.61
N ASP B 414 15.09 18.85 -1.39
CA ASP B 414 15.92 17.75 -0.90
C ASP B 414 15.23 17.09 0.29
N LEU B 415 14.01 16.63 0.07
CA LEU B 415 13.17 16.07 1.14
C LEU B 415 13.76 14.81 1.75
N GLY B 416 14.61 14.13 1.00
CA GLY B 416 15.28 12.94 1.51
C GLY B 416 16.24 13.27 2.62
N ASP B 417 16.80 14.48 2.58
CA ASP B 417 17.71 14.94 3.63
C ASP B 417 16.94 15.24 4.90
N ILE B 418 15.83 15.96 4.77
CA ILE B 418 14.99 16.31 5.91
C ILE B 418 14.41 15.06 6.56
N ALA B 419 14.04 14.08 5.74
CA ALA B 419 13.48 12.82 6.21
C ALA B 419 14.49 12.05 7.07
N ASP B 420 15.72 11.98 6.58
CA ASP B 420 16.79 11.26 7.26
C ASP B 420 17.23 11.96 8.55
N HIS B 421 16.92 13.25 8.65
CA HIS B 421 17.31 14.03 9.82
C HIS B 421 16.13 14.30 10.75
N THR B 422 15.08 13.50 10.63
CA THR B 422 13.94 13.61 11.53
C THR B 422 13.47 12.28 12.12
N PRO B 423 14.40 11.45 12.65
CA PRO B 423 13.87 10.22 13.25
C PRO B 423 13.11 10.54 14.53
N GLY B 424 12.03 9.80 14.78
CA GLY B 424 11.20 10.04 15.95
C GLY B 424 10.10 11.04 15.68
N PHE B 425 10.10 11.63 14.49
CA PHE B 425 9.04 12.56 14.11
C PHE B 425 7.78 11.82 13.66
N VAL B 426 6.63 12.43 13.88
CA VAL B 426 5.38 11.91 13.36
C VAL B 426 4.81 12.94 12.40
N VAL B 427 3.70 12.60 11.73
CA VAL B 427 3.12 13.49 10.72
C VAL B 427 2.77 14.87 11.28
N ALA B 428 2.35 14.90 12.55
CA ALA B 428 2.04 16.16 13.21
C ALA B 428 3.27 17.07 13.31
N ASP B 429 4.40 16.48 13.69
CA ASP B 429 5.67 17.20 13.74
C ASP B 429 6.07 17.68 12.34
N LEU B 430 6.01 16.75 11.38
CA LEU B 430 6.38 17.05 10.00
C LEU B 430 5.53 18.17 9.43
N ALA B 431 4.25 18.19 9.81
CA ALA B 431 3.35 19.24 9.38
C ALA B 431 3.77 20.58 9.98
N ALA B 432 4.25 20.55 11.22
CA ALA B 432 4.72 21.75 11.90
C ALA B 432 6.02 22.27 11.26
N VAL B 433 6.89 21.34 10.86
CA VAL B 433 8.14 21.69 10.21
C VAL B 433 7.86 22.47 8.92
N VAL B 434 6.87 22.00 8.16
CA VAL B 434 6.52 22.62 6.88
C VAL B 434 5.89 24.00 7.08
N ARG B 435 5.01 24.13 8.06
CA ARG B 435 4.42 25.43 8.38
C ARG B 435 5.50 26.43 8.75
N GLU B 436 6.46 25.99 9.56
CA GLU B 436 7.58 26.81 9.94
C GLU B 436 8.42 27.19 8.72
N GLY B 437 8.66 26.20 7.86
CA GLY B 437 9.40 26.43 6.63
C GLY B 437 8.72 27.45 5.74
N ALA B 438 7.39 27.45 5.75
CA ALA B 438 6.62 28.41 4.97
C ALA B 438 6.83 29.83 5.48
N LEU B 439 6.91 29.97 6.80
CA LEU B 439 7.12 31.27 7.43
C LEU B 439 8.47 31.85 7.04
N ARG B 440 9.51 31.03 7.11
CA ARG B 440 10.87 31.46 6.77
C ARG B 440 10.97 31.87 5.30
N ALA B 441 10.20 31.20 4.45
CA ALA B 441 10.14 31.54 3.03
C ALA B 441 9.40 32.86 2.84
N ALA B 442 8.35 33.05 3.63
CA ALA B 442 7.58 34.29 3.60
C ALA B 442 8.41 35.45 4.12
N ALA B 443 9.24 35.18 5.13
CA ALA B 443 10.10 36.20 5.72
C ALA B 443 11.14 36.68 4.71
N ARG B 444 11.60 35.76 3.86
CA ARG B 444 12.59 36.09 2.85
C ARG B 444 11.92 36.84 1.69
N ALA B 445 10.65 36.55 1.45
CA ALA B 445 9.92 37.13 0.33
C ALA B 445 9.18 38.41 0.71
N SER B 446 8.97 38.62 2.00
CA SER B 446 8.25 39.80 2.48
C SER B 446 9.02 41.08 2.18
N SER B 447 10.34 41.00 2.31
CA SER B 447 11.20 42.17 2.12
C SER B 447 11.29 42.61 0.67
N SER B 448 11.50 41.65 -0.22
CA SER B 448 11.71 41.94 -1.64
C SER B 448 10.40 42.15 -2.39
N ASP B 449 9.28 42.04 -1.69
CA ASP B 449 7.95 42.07 -2.30
C ASP B 449 7.85 40.99 -3.38
N ASP B 450 8.48 39.86 -3.11
CA ASP B 450 8.54 38.75 -4.06
C ASP B 450 7.56 37.66 -3.64
N ASP B 451 7.38 36.67 -4.52
CA ASP B 451 6.53 35.53 -4.20
C ASP B 451 7.30 34.48 -3.43
N PRO B 452 6.71 33.99 -2.32
CA PRO B 452 7.38 33.04 -1.43
C PRO B 452 7.58 31.66 -2.07
N VAL B 453 8.81 31.17 -2.05
CA VAL B 453 9.11 29.84 -2.57
C VAL B 453 9.95 29.07 -1.55
N LEU B 454 9.44 27.92 -1.09
CA LEU B 454 10.12 27.11 -0.10
C LEU B 454 11.41 26.50 -0.63
N ARG B 455 12.49 26.66 0.13
CA ARG B 455 13.77 26.07 -0.22
C ARG B 455 14.11 24.95 0.74
N HIS B 456 15.23 24.28 0.53
CA HIS B 456 15.71 23.27 1.46
C HIS B 456 16.11 23.93 2.76
N ALA B 457 16.70 25.11 2.65
CA ALA B 457 17.21 25.86 3.80
C ALA B 457 16.08 26.25 4.77
N ASP B 458 14.87 26.39 4.23
CA ASP B 458 13.72 26.76 5.05
C ASP B 458 13.30 25.60 5.95
N LEU B 459 13.27 24.40 5.37
CA LEU B 459 12.89 23.20 6.12
C LEU B 459 13.98 22.82 7.11
N GLU B 460 15.23 22.92 6.68
CA GLU B 460 16.36 22.64 7.55
C GLU B 460 16.40 23.62 8.71
N GLY B 461 16.02 24.86 8.44
CA GLY B 461 15.96 25.89 9.47
C GLY B 461 14.84 25.62 10.46
N ALA B 462 13.78 24.99 9.99
CA ALA B 462 12.64 24.64 10.84
C ALA B 462 13.05 23.64 11.92
N LEU B 463 13.98 22.76 11.59
CA LEU B 463 14.43 21.72 12.49
C LEU B 463 15.15 22.25 13.73
N THR B 464 15.47 23.55 13.72
CA THR B 464 16.12 24.17 14.87
C THR B 464 15.12 24.69 15.90
N VAL B 465 13.86 24.80 15.50
CA VAL B 465 12.84 25.38 16.38
C VAL B 465 11.63 24.48 16.65
N ILE B 466 11.43 23.46 15.83
CA ILE B 466 10.29 22.57 16.01
C ILE B 466 10.66 21.34 16.84
N ARG B 467 10.01 21.19 17.98
CA ARG B 467 10.22 20.02 18.82
C ARG B 467 9.27 18.89 18.43
N PRO B 468 9.82 17.70 18.21
CA PRO B 468 8.98 16.53 17.92
C PRO B 468 8.15 16.18 19.15
N LEU B 469 6.92 15.72 18.90
CA LEU B 469 5.98 15.40 19.95
C LEU B 469 6.52 14.31 20.88
N SER B 470 7.34 13.42 20.34
CA SER B 470 7.93 12.35 21.13
C SER B 470 8.91 12.86 22.19
N ARG B 471 9.36 14.11 22.05
CA ARG B 471 10.30 14.69 23.00
C ARG B 471 9.63 15.68 23.95
N SER B 472 8.30 15.75 23.90
CA SER B 472 7.56 16.75 24.67
C SER B 472 7.00 16.17 25.97
N ALA B 473 7.19 14.87 26.17
CA ALA B 473 6.61 14.20 27.33
C ALA B 473 7.54 14.21 28.53
N SER B 474 6.98 13.92 29.70
CA SER B 474 7.77 13.76 30.92
C SER B 474 8.35 12.36 30.94
N GLU B 475 7.97 11.57 29.94
CA GLU B 475 8.35 10.17 29.87
C GLU B 475 9.21 9.88 28.65
N GLU B 476 10.26 9.09 28.86
CA GLU B 476 11.00 8.50 27.76
C GLU B 476 10.16 7.36 27.21
N VAL B 477 9.07 7.06 27.91
CA VAL B 477 8.13 6.04 27.50
C VAL B 477 7.18 6.59 26.42
N SER B 478 7.75 7.43 25.55
CA SER B 478 7.12 7.83 24.31
C SER B 478 8.06 7.34 23.22
N VAL B 479 7.61 6.38 22.41
CA VAL B 479 8.46 5.84 21.37
C VAL B 479 8.87 6.93 20.39
N GLY B 480 10.15 6.96 20.06
CA GLY B 480 10.68 7.97 19.15
C GLY B 480 11.49 9.06 19.85
N SER B 481 11.47 9.06 21.18
CA SER B 481 12.24 10.03 21.94
C SER B 481 13.72 9.64 21.96
N VAL B 482 13.97 8.35 22.04
CA VAL B 482 15.34 7.83 22.03
C VAL B 482 15.68 7.25 20.66
N THR B 483 16.75 7.76 20.04
CA THR B 483 17.24 7.20 18.79
C THR B 483 18.60 6.56 19.03
N LEU B 484 19.08 5.80 18.06
CA LEU B 484 20.35 5.07 18.20
C LEU B 484 21.56 6.00 18.34
N ASP B 485 21.48 7.20 17.76
CA ASP B 485 22.56 8.16 17.89
C ASP B 485 22.66 8.76 19.28
N ASP B 486 21.60 8.62 20.06
CA ASP B 486 21.59 9.07 21.45
C ASP B 486 22.29 8.05 22.33
N VAL B 487 22.42 6.83 21.82
CA VAL B 487 23.04 5.75 22.57
C VAL B 487 24.51 5.62 22.22
N GLY B 488 25.38 5.97 23.15
CA GLY B 488 26.81 5.78 22.95
C GLY B 488 27.17 4.32 23.14
N ASP B 489 28.20 3.86 22.44
CA ASP B 489 28.70 2.49 22.60
C ASP B 489 27.65 1.46 22.14
N MET B 490 27.66 0.29 22.77
CA MET B 490 26.73 -0.80 22.51
C MET B 490 26.70 -1.23 21.06
N VAL B 491 27.84 -1.05 20.38
CA VAL B 491 28.01 -1.46 18.99
C VAL B 491 27.62 -2.91 18.80
N GLU B 492 28.15 -3.78 19.65
CA GLU B 492 27.83 -5.21 19.61
C GLU B 492 26.36 -5.47 19.91
N THR B 493 25.84 -4.87 20.99
CA THR B 493 24.45 -5.05 21.36
C THR B 493 23.51 -4.51 20.29
N LYS B 494 23.85 -3.36 19.72
CA LYS B 494 23.07 -2.78 18.63
C LYS B 494 22.97 -3.74 17.44
N ARG B 495 24.09 -4.36 17.10
CA ARG B 495 24.12 -5.32 15.99
C ARG B 495 23.33 -6.57 16.31
N ALA B 496 23.55 -7.12 17.50
CA ALA B 496 22.90 -8.35 17.93
C ALA B 496 21.38 -8.20 17.88
N LEU B 497 20.89 -7.10 18.43
CA LEU B 497 19.45 -6.84 18.46
C LEU B 497 18.91 -6.48 17.08
N THR B 498 19.70 -5.76 16.29
CA THR B 498 19.30 -5.42 14.92
C THR B 498 19.06 -6.67 14.10
N GLU B 499 19.95 -7.65 14.24
CA GLU B 499 19.81 -8.92 13.53
C GLU B 499 18.71 -9.80 14.13
N ALA B 500 18.53 -9.71 15.44
CA ALA B 500 17.57 -10.58 16.12
C ALA B 500 16.14 -10.02 16.11
N VAL B 501 16.03 -8.70 16.02
CA VAL B 501 14.73 -8.04 16.13
C VAL B 501 14.33 -7.30 14.87
N LEU B 502 15.15 -6.34 14.44
CA LEU B 502 14.81 -5.50 13.30
C LEU B 502 14.68 -6.28 11.99
N TRP B 503 15.77 -6.93 11.57
CA TRP B 503 15.80 -7.68 10.32
C TRP B 503 14.63 -8.67 10.12
N PRO B 504 14.32 -9.50 11.14
CA PRO B 504 13.19 -10.42 10.95
C PRO B 504 11.85 -9.70 10.79
N LEU B 505 11.68 -8.55 11.45
CA LEU B 505 10.44 -7.80 11.36
C LEU B 505 10.41 -6.91 10.12
N GLN B 506 11.60 -6.54 9.65
CA GLN B 506 11.71 -5.65 8.50
C GLN B 506 11.76 -6.41 7.17
N HIS B 507 12.21 -7.66 7.20
CA HIS B 507 12.31 -8.46 5.98
C HIS B 507 11.87 -9.91 6.21
N PRO B 508 10.58 -10.12 6.57
CA PRO B 508 10.11 -11.47 6.88
C PRO B 508 10.18 -12.39 5.67
N ASP B 509 9.91 -11.84 4.48
CA ASP B 509 9.97 -12.59 3.24
C ASP B 509 11.35 -13.19 3.04
N THR B 510 12.37 -12.36 3.23
CA THR B 510 13.77 -12.75 3.05
C THR B 510 14.15 -13.96 3.90
N PHE B 511 13.67 -14.00 5.13
CA PHE B 511 13.95 -15.11 6.03
C PHE B 511 13.17 -16.37 5.67
N SER B 512 11.94 -16.18 5.18
CA SER B 512 11.09 -17.31 4.81
C SER B 512 11.55 -18.01 3.52
N ARG B 513 12.07 -17.22 2.58
CA ARG B 513 12.59 -17.79 1.33
C ARG B 513 13.76 -18.70 1.59
N LEU B 514 14.60 -18.32 2.55
CA LEU B 514 15.83 -19.05 2.84
C LEU B 514 15.59 -20.23 3.77
N GLY B 515 14.32 -20.51 4.06
CA GLY B 515 13.96 -21.62 4.93
C GLY B 515 14.29 -21.36 6.39
N ILE B 516 14.61 -20.12 6.71
CA ILE B 516 14.95 -19.75 8.09
C ILE B 516 13.71 -19.68 8.96
N ASP B 517 13.78 -20.31 10.13
CA ASP B 517 12.67 -20.38 11.07
C ASP B 517 12.23 -19.00 11.55
N PRO B 518 10.96 -18.87 11.98
CA PRO B 518 10.45 -17.61 12.51
C PRO B 518 11.34 -17.11 13.65
N PRO B 519 11.45 -15.78 13.81
CA PRO B 519 12.37 -15.19 14.78
C PRO B 519 12.12 -15.70 16.20
N ARG B 520 13.20 -15.99 16.92
CA ARG B 520 13.12 -16.50 18.27
C ARG B 520 12.84 -15.39 19.27
N GLY B 521 12.36 -15.75 20.45
CA GLY B 521 12.14 -14.79 21.51
C GLY B 521 13.44 -14.45 22.21
N VAL B 522 13.63 -13.17 22.48
CA VAL B 522 14.89 -12.70 23.06
C VAL B 522 14.75 -12.35 24.54
N LEU B 523 15.72 -12.81 25.34
CA LEU B 523 15.84 -12.34 26.72
C LEU B 523 17.08 -11.45 26.85
N LEU B 524 16.84 -10.16 27.04
CA LEU B 524 17.92 -9.21 27.18
C LEU B 524 18.20 -8.96 28.66
N TYR B 525 19.41 -9.30 29.12
CA TYR B 525 19.73 -9.13 30.53
C TYR B 525 21.12 -8.52 30.75
N GLY B 526 21.25 -7.73 31.81
CA GLY B 526 22.50 -7.09 32.16
C GLY B 526 22.37 -6.30 33.45
N PRO B 527 23.49 -5.80 33.97
CA PRO B 527 23.48 -5.01 35.21
C PRO B 527 22.81 -3.65 35.02
N PRO B 528 22.23 -3.10 36.10
CA PRO B 528 21.52 -1.82 36.06
C PRO B 528 22.39 -0.65 35.60
N GLY B 529 21.83 0.21 34.77
CA GLY B 529 22.50 1.40 34.30
C GLY B 529 23.47 1.15 33.16
N CYS B 530 23.20 0.13 32.35
CA CYS B 530 24.12 -0.26 31.30
C CYS B 530 23.53 -0.21 29.89
N GLY B 531 22.37 0.42 29.75
CA GLY B 531 21.79 0.66 28.44
C GLY B 531 20.82 -0.40 27.97
N LYS B 532 20.56 -1.38 28.83
CA LYS B 532 19.72 -2.52 28.50
C LYS B 532 18.33 -2.12 28.00
N THR B 533 17.64 -1.27 28.76
CA THR B 533 16.33 -0.77 28.34
C THR B 533 16.48 0.38 27.35
N PHE B 534 17.48 1.23 27.58
CA PHE B 534 17.77 2.37 26.73
C PHE B 534 17.90 1.99 25.26
N VAL B 535 18.72 0.97 24.98
CA VAL B 535 18.97 0.56 23.60
C VAL B 535 17.72 -0.04 22.93
N VAL B 536 16.85 -0.65 23.72
CA VAL B 536 15.60 -1.19 23.18
C VAL B 536 14.69 -0.05 22.74
N ARG B 537 14.67 1.02 23.52
CA ARG B 537 13.84 2.19 23.21
C ARG B 537 14.38 2.91 21.98
N ALA B 538 15.67 2.77 21.73
CA ALA B 538 16.29 3.41 20.57
C ALA B 538 15.95 2.67 19.29
N LEU B 539 15.99 1.34 19.35
CA LEU B 539 15.65 0.50 18.21
C LEU B 539 14.17 0.60 17.89
N ALA B 540 13.37 0.87 18.92
CA ALA B 540 11.93 1.01 18.76
C ALA B 540 11.58 2.30 18.02
N SER B 541 12.58 3.11 17.71
CA SER B 541 12.34 4.36 16.98
C SER B 541 12.62 4.22 15.50
N SER B 542 12.89 3.00 15.06
CA SER B 542 13.26 2.72 13.67
C SER B 542 12.15 3.05 12.69
N GLY B 543 10.92 2.81 13.10
CA GLY B 543 9.77 3.07 12.24
C GLY B 543 9.21 1.80 11.61
N ARG B 544 8.03 1.92 11.02
CA ARG B 544 7.34 0.84 10.30
C ARG B 544 6.82 -0.31 11.17
N LEU B 545 7.59 -0.72 12.17
CA LEU B 545 7.16 -1.80 13.06
C LEU B 545 6.50 -1.25 14.33
N SER B 546 5.31 -1.72 14.65
CA SER B 546 4.62 -1.26 15.85
C SER B 546 5.30 -1.79 17.11
N VAL B 547 5.27 -1.00 18.17
CA VAL B 547 5.94 -1.33 19.43
C VAL B 547 4.94 -1.44 20.57
N HIS B 548 4.99 -2.55 21.30
CA HIS B 548 4.04 -2.79 22.38
C HIS B 548 4.78 -3.16 23.67
N ALA B 549 5.14 -2.13 24.44
CA ALA B 549 5.97 -2.31 25.63
C ALA B 549 5.20 -2.15 26.92
N VAL B 550 5.56 -2.97 27.91
CA VAL B 550 5.02 -2.83 29.26
C VAL B 550 6.14 -3.05 30.28
N LYS B 551 6.01 -2.46 31.46
CA LYS B 551 6.89 -2.77 32.56
C LYS B 551 6.19 -3.79 33.46
N GLY B 552 6.90 -4.85 33.82
CA GLY B 552 6.34 -5.91 34.63
C GLY B 552 5.73 -5.42 35.94
N SER B 553 6.36 -4.41 36.53
CA SER B 553 5.87 -3.83 37.78
C SER B 553 4.57 -3.07 37.57
N GLU B 554 4.52 -2.22 36.54
CA GLU B 554 3.33 -1.42 36.25
C GLU B 554 2.14 -2.32 35.93
N LEU B 555 2.39 -3.36 35.13
CA LEU B 555 1.32 -4.28 34.72
C LEU B 555 0.73 -4.99 35.94
N MET B 556 1.59 -5.38 36.87
CA MET B 556 1.13 -6.00 38.10
C MET B 556 1.98 -5.61 39.32
N ASP B 557 1.40 -4.79 40.19
CA ASP B 557 0.04 -4.29 39.98
C ASP B 557 -0.08 -2.79 40.22
N LYS B 558 -0.16 -2.03 39.13
CA LYS B 558 -0.43 -0.61 39.22
C LYS B 558 -1.66 -0.29 38.40
N TRP B 559 -2.01 -1.21 37.49
CA TRP B 559 -3.16 -1.06 36.63
C TRP B 559 -4.45 -1.50 37.31
N VAL B 560 -5.57 -1.05 36.77
CA VAL B 560 -6.88 -1.54 37.20
C VAL B 560 -7.37 -2.59 36.20
N GLY B 561 -7.95 -3.67 36.71
CA GLY B 561 -8.32 -4.80 35.89
C GLY B 561 -7.31 -5.90 36.04
N SER B 562 -7.70 -7.13 35.76
CA SER B 562 -6.83 -8.29 35.94
C SER B 562 -5.59 -8.21 35.06
N SER B 563 -4.45 -8.59 35.63
CA SER B 563 -3.19 -8.61 34.91
C SER B 563 -3.23 -9.66 33.81
N GLU B 564 -4.05 -10.70 34.02
CA GLU B 564 -4.19 -11.79 33.07
C GLU B 564 -4.78 -11.29 31.75
N LYS B 565 -5.82 -10.48 31.83
CA LYS B 565 -6.47 -9.92 30.65
C LYS B 565 -5.54 -8.92 29.94
N ALA B 566 -4.78 -8.16 30.73
CA ALA B 566 -3.84 -7.20 30.17
C ALA B 566 -2.80 -7.91 29.31
N VAL B 567 -2.38 -9.09 29.76
CA VAL B 567 -1.43 -9.92 29.02
C VAL B 567 -2.04 -10.36 27.69
N ARG B 568 -3.25 -10.92 27.75
CA ARG B 568 -3.94 -11.38 26.55
C ARG B 568 -4.24 -10.22 25.59
N GLU B 569 -4.62 -9.08 26.17
CA GLU B 569 -4.91 -7.88 25.38
C GLU B 569 -3.66 -7.39 24.65
N LEU B 570 -2.55 -7.34 25.37
CA LEU B 570 -1.28 -6.86 24.83
C LEU B 570 -0.83 -7.66 23.61
N PHE B 571 -0.90 -8.98 23.71
CA PHE B 571 -0.46 -9.86 22.62
C PHE B 571 -1.45 -9.88 21.46
N ALA B 572 -2.72 -9.71 21.76
CA ALA B 572 -3.74 -9.66 20.72
C ALA B 572 -3.59 -8.38 19.90
N ARG B 573 -3.12 -7.31 20.53
CA ARG B 573 -2.89 -6.05 19.84
C ARG B 573 -1.68 -6.18 18.92
N ALA B 574 -0.67 -6.92 19.38
CA ALA B 574 0.53 -7.13 18.60
C ALA B 574 0.23 -7.87 17.30
N ARG B 575 -0.53 -8.96 17.40
CA ARG B 575 -0.87 -9.76 16.23
C ARG B 575 -1.64 -8.96 15.18
N ASP B 576 -2.53 -8.08 15.64
CA ASP B 576 -3.33 -7.26 14.74
C ASP B 576 -2.53 -6.10 14.14
N SER B 577 -1.44 -5.74 14.79
CA SER B 577 -0.67 -4.56 14.39
C SER B 577 0.65 -4.91 13.69
N ALA B 578 0.87 -6.19 13.47
CA ALA B 578 2.11 -6.69 12.85
C ALA B 578 2.50 -5.94 11.58
N PRO B 579 3.82 -5.78 11.34
CA PRO B 579 4.97 -6.25 12.12
C PRO B 579 5.12 -5.57 13.48
N SER B 580 5.25 -6.36 14.53
CA SER B 580 5.22 -5.83 15.90
C SER B 580 6.34 -6.35 16.78
N LEU B 581 6.81 -5.50 17.67
CA LEU B 581 7.72 -5.90 18.73
C LEU B 581 7.01 -5.82 20.08
N VAL B 582 6.93 -6.94 20.78
CA VAL B 582 6.40 -6.95 22.14
C VAL B 582 7.57 -6.84 23.10
N PHE B 583 7.63 -5.74 23.82
CA PHE B 583 8.72 -5.49 24.76
C PHE B 583 8.25 -5.71 26.19
N LEU B 584 8.74 -6.77 26.81
CA LEU B 584 8.39 -7.10 28.19
C LEU B 584 9.51 -6.72 29.14
N ASP B 585 9.60 -5.43 29.46
CA ASP B 585 10.58 -4.95 30.42
C ASP B 585 10.22 -5.45 31.82
N GLU B 586 11.23 -5.60 32.68
CA GLU B 586 11.05 -6.14 34.02
C GLU B 586 10.29 -7.48 33.98
N ILE B 587 10.76 -8.37 33.13
CA ILE B 587 10.10 -9.66 32.90
C ILE B 587 10.15 -10.55 34.16
N ASP B 588 11.08 -10.24 35.06
CA ASP B 588 11.18 -10.97 36.32
C ASP B 588 10.05 -10.59 37.28
N ALA B 589 9.55 -9.36 37.14
CA ALA B 589 8.40 -8.91 37.92
C ALA B 589 7.11 -9.49 37.35
N LEU B 590 7.14 -9.83 36.07
CA LEU B 590 5.98 -10.43 35.40
C LEU B 590 5.87 -11.91 35.72
N ALA B 591 6.99 -12.61 35.72
CA ALA B 591 6.98 -14.06 35.93
C ALA B 591 8.10 -14.52 36.86
N PRO B 592 7.92 -14.34 38.17
CA PRO B 592 8.87 -14.83 39.17
C PRO B 592 8.86 -16.35 39.26
N ARG B 593 9.79 -16.91 40.01
CA ARG B 593 9.87 -18.36 40.17
C ARG B 593 8.79 -18.88 41.11
N GLY B 601 -3.25 -18.99 43.58
CA GLY B 601 -2.61 -17.71 43.35
C GLY B 601 -2.89 -17.17 41.95
N VAL B 602 -3.10 -15.86 41.86
CA VAL B 602 -3.41 -15.22 40.58
C VAL B 602 -2.15 -15.01 39.74
N THR B 603 -1.00 -14.95 40.40
CA THR B 603 0.28 -14.77 39.73
C THR B 603 0.56 -15.94 38.78
N ASP B 604 0.13 -17.13 39.18
CA ASP B 604 0.26 -18.31 38.33
C ASP B 604 -0.58 -18.17 37.07
N LYS B 605 -1.77 -17.59 37.23
CA LYS B 605 -2.68 -17.39 36.10
C LYS B 605 -2.08 -16.44 35.07
N VAL B 606 -1.33 -15.46 35.55
CA VAL B 606 -0.64 -14.52 34.68
C VAL B 606 0.48 -15.23 33.91
N VAL B 607 1.30 -15.98 34.64
CA VAL B 607 2.40 -16.72 34.03
C VAL B 607 1.88 -17.76 33.04
N ALA B 608 0.85 -18.50 33.45
CA ALA B 608 0.27 -19.54 32.60
C ALA B 608 -0.33 -18.96 31.32
N SER B 609 -0.91 -17.78 31.42
CA SER B 609 -1.47 -17.11 30.25
C SER B 609 -0.35 -16.53 29.38
N LEU B 610 0.71 -16.08 30.04
CA LEU B 610 1.87 -15.55 29.34
C LEU B 610 2.55 -16.64 28.52
N LEU B 611 2.65 -17.84 29.11
CA LEU B 611 3.20 -18.99 28.41
C LEU B 611 2.39 -19.30 27.16
N THR B 612 1.07 -19.23 27.30
CA THR B 612 0.17 -19.50 26.19
C THR B 612 0.34 -18.48 25.07
N GLU B 613 0.44 -17.21 25.44
CA GLU B 613 0.60 -16.14 24.47
C GLU B 613 1.94 -16.25 23.74
N LEU B 614 2.98 -16.58 24.48
CA LEU B 614 4.32 -16.75 23.90
C LEU B 614 4.33 -17.90 22.90
N ASP B 615 3.63 -18.98 23.23
CA ASP B 615 3.56 -20.13 22.34
C ASP B 615 2.76 -19.82 21.09
N GLY B 616 1.79 -18.91 21.21
CA GLY B 616 0.98 -18.50 20.08
C GLY B 616 1.69 -17.51 19.19
N ILE B 617 2.77 -16.92 19.71
CA ILE B 617 3.57 -15.96 18.96
C ILE B 617 4.70 -16.67 18.21
N GLU B 618 5.15 -17.79 18.78
CA GLU B 618 6.29 -18.56 18.28
C GLU B 618 6.32 -18.82 16.76
N PRO B 619 5.19 -19.28 16.16
CA PRO B 619 5.28 -19.56 14.73
C PRO B 619 5.15 -18.31 13.85
N LEU B 620 4.74 -17.18 14.44
CA LEU B 620 4.55 -15.95 13.67
C LEU B 620 5.87 -15.35 13.22
N ARG B 621 5.89 -14.83 11.99
CA ARG B 621 7.11 -14.25 11.42
C ARG B 621 7.14 -12.73 11.52
N ASP B 622 5.99 -12.11 11.74
CA ASP B 622 5.91 -10.67 11.83
C ASP B 622 5.72 -10.16 13.26
N VAL B 623 5.90 -11.06 14.23
CA VAL B 623 5.87 -10.64 15.64
C VAL B 623 7.09 -11.16 16.39
N VAL B 624 7.79 -10.25 17.06
CA VAL B 624 8.92 -10.60 17.90
C VAL B 624 8.67 -10.16 19.33
N VAL B 625 9.00 -11.04 20.27
CA VAL B 625 8.86 -10.72 21.69
C VAL B 625 10.22 -10.63 22.37
N LEU B 626 10.46 -9.55 23.10
CA LEU B 626 11.71 -9.37 23.82
C LEU B 626 11.46 -9.12 25.30
N GLY B 627 12.02 -9.97 26.14
CA GLY B 627 11.96 -9.78 27.58
C GLY B 627 13.27 -9.19 28.10
N ALA B 628 13.16 -8.26 29.05
CA ALA B 628 14.34 -7.62 29.61
C ALA B 628 14.29 -7.61 31.13
N THR B 629 15.46 -7.78 31.75
CA THR B 629 15.54 -7.81 33.21
C THR B 629 16.97 -7.60 33.69
N ASN B 630 17.11 -7.20 34.95
CA ASN B 630 18.40 -7.11 35.61
C ASN B 630 18.63 -8.35 36.45
N ARG B 631 17.57 -9.13 36.65
CA ARG B 631 17.63 -10.32 37.47
C ARG B 631 17.04 -11.53 36.74
N PRO B 632 17.82 -12.11 35.80
CA PRO B 632 17.36 -13.26 35.02
C PRO B 632 17.18 -14.50 35.89
N ASP B 633 17.86 -14.54 37.03
CA ASP B 633 17.78 -15.68 37.93
C ASP B 633 16.47 -15.69 38.71
N LEU B 634 15.73 -14.59 38.64
CA LEU B 634 14.44 -14.49 39.32
C LEU B 634 13.28 -14.83 38.40
N ILE B 635 13.59 -15.15 37.15
CA ILE B 635 12.56 -15.47 36.17
C ILE B 635 12.20 -16.95 36.23
N ASP B 636 10.91 -17.25 36.06
CA ASP B 636 10.43 -18.62 35.94
C ASP B 636 11.10 -19.26 34.73
N PRO B 637 11.86 -20.35 34.96
CA PRO B 637 12.61 -21.05 33.91
C PRO B 637 11.73 -21.57 32.78
N ALA B 638 10.43 -21.62 33.01
CA ALA B 638 9.48 -22.15 32.03
C ALA B 638 9.51 -21.38 30.71
N LEU B 639 9.70 -20.06 30.78
CA LEU B 639 9.67 -19.24 29.58
C LEU B 639 11.04 -18.99 28.96
N LEU B 640 12.04 -19.75 29.40
CA LEU B 640 13.37 -19.71 28.78
C LEU B 640 13.59 -20.96 27.94
N ARG B 641 12.63 -21.88 28.00
CA ARG B 641 12.68 -23.10 27.21
C ARG B 641 12.56 -22.78 25.72
N PRO B 642 12.88 -23.75 24.86
CA PRO B 642 12.74 -23.53 23.41
C PRO B 642 11.32 -23.10 23.02
N GLY B 643 11.21 -22.27 21.99
CA GLY B 643 9.92 -21.80 21.53
C GLY B 643 9.46 -20.53 22.23
N ARG B 644 10.25 -20.08 23.20
CA ARG B 644 9.92 -18.87 23.95
C ARG B 644 11.12 -17.92 23.99
N LEU B 645 11.45 -17.41 25.17
CA LEU B 645 12.59 -16.50 25.31
C LEU B 645 13.90 -17.30 25.35
N GLU B 646 14.27 -17.87 24.21
CA GLU B 646 15.40 -18.78 24.14
C GLU B 646 16.70 -18.11 23.69
N ARG B 647 16.58 -16.97 23.02
CA ARG B 647 17.75 -16.26 22.54
C ARG B 647 18.27 -15.30 23.60
N LEU B 648 19.36 -15.66 24.25
CA LEU B 648 19.91 -14.86 25.35
C LEU B 648 20.94 -13.85 24.86
N VAL B 649 20.73 -12.59 25.23
CA VAL B 649 21.67 -11.53 24.88
C VAL B 649 22.13 -10.81 26.14
N PHE B 650 23.41 -10.96 26.47
CA PHE B 650 23.98 -10.40 27.68
C PHE B 650 24.63 -9.04 27.43
N VAL B 651 24.17 -8.02 28.15
CA VAL B 651 24.73 -6.69 28.03
C VAL B 651 25.82 -6.48 29.07
N GLU B 652 27.08 -6.56 28.62
CA GLU B 652 28.23 -6.32 29.48
C GLU B 652 28.18 -4.91 30.04
N PRO B 653 28.70 -4.72 31.27
CA PRO B 653 28.93 -3.35 31.73
C PRO B 653 30.02 -2.75 30.86
N PRO B 654 30.00 -1.43 30.64
CA PRO B 654 30.89 -0.81 29.67
C PRO B 654 32.38 -0.91 30.05
N ASP B 655 33.19 -1.44 29.12
CA ASP B 655 34.63 -1.46 29.34
C ASP B 655 35.26 -0.11 28.95
N ALA B 656 36.58 -0.04 28.99
CA ALA B 656 37.31 1.21 28.71
C ALA B 656 36.93 1.82 27.36
N ALA B 657 36.90 1.01 26.31
CA ALA B 657 36.46 1.46 25.00
C ALA B 657 35.02 1.96 25.03
N ALA B 658 34.17 1.20 25.69
CA ALA B 658 32.76 1.53 25.82
C ALA B 658 32.56 2.85 26.57
N ARG B 659 33.29 3.01 27.67
CA ARG B 659 33.21 4.24 28.45
C ARG B 659 33.70 5.44 27.65
N ARG B 660 34.73 5.24 26.84
CA ARG B 660 35.21 6.27 25.92
C ARG B 660 34.08 6.80 25.04
N ASP B 661 33.28 5.88 24.51
CA ASP B 661 32.17 6.24 23.64
C ASP B 661 31.05 6.97 24.38
N ILE B 662 30.69 6.45 25.55
CA ILE B 662 29.61 7.02 26.34
C ILE B 662 29.94 8.44 26.78
N LEU B 663 31.18 8.65 27.21
CA LEU B 663 31.63 9.98 27.62
C LEU B 663 31.64 10.98 26.47
N ARG B 664 32.04 10.53 25.28
CA ARG B 664 32.10 11.40 24.12
C ARG B 664 30.72 11.75 23.57
N THR B 665 29.81 10.79 23.62
CA THR B 665 28.44 11.01 23.14
C THR B 665 27.67 11.95 24.08
N ALA B 666 27.77 11.69 25.38
CA ALA B 666 27.09 12.51 26.37
C ALA B 666 27.84 13.81 26.64
N GLY B 667 29.17 13.76 26.50
CA GLY B 667 30.00 14.92 26.79
C GLY B 667 30.21 15.79 25.56
N LYS B 668 29.40 15.56 24.54
CA LYS B 668 29.47 16.34 23.30
C LYS B 668 29.22 17.82 23.56
N SER B 669 30.10 18.65 23.02
CA SER B 669 30.00 20.11 23.11
C SER B 669 30.27 20.68 24.51
N ILE B 670 30.67 19.82 25.44
CA ILE B 670 31.10 20.28 26.75
C ILE B 670 32.56 20.72 26.68
N PRO B 671 32.81 22.03 26.84
CA PRO B 671 34.18 22.57 26.76
C PRO B 671 35.08 22.01 27.84
N LEU B 672 36.20 21.43 27.46
CA LEU B 672 37.13 20.84 28.41
C LEU B 672 38.43 21.64 28.47
N ALA B 673 39.04 21.69 29.65
CA ALA B 673 40.36 22.27 29.79
C ALA B 673 41.38 21.25 29.29
N ASP B 674 42.61 21.71 29.04
CA ASP B 674 43.63 20.86 28.45
C ASP B 674 44.07 19.71 29.34
N ASP B 675 43.91 19.87 30.65
CA ASP B 675 44.29 18.82 31.60
C ASP B 675 43.23 17.71 31.69
N VAL B 676 42.16 17.85 30.92
CA VAL B 676 41.11 16.84 30.87
C VAL B 676 41.22 15.97 29.62
N ASP B 677 41.46 14.68 29.84
CA ASP B 677 41.53 13.73 28.74
C ASP B 677 40.51 12.62 28.95
N LEU B 678 39.43 12.65 28.17
CA LEU B 678 38.35 11.68 28.30
C LEU B 678 38.83 10.24 28.13
N ASP B 679 39.89 10.06 27.35
CA ASP B 679 40.46 8.74 27.11
C ASP B 679 41.04 8.15 28.40
N SER B 680 41.99 8.87 29.00
CA SER B 680 42.63 8.42 30.23
C SER B 680 41.63 8.34 31.38
N LEU B 681 40.63 9.21 31.36
CA LEU B 681 39.57 9.17 32.36
C LEU B 681 38.81 7.85 32.27
N ALA B 682 38.52 7.43 31.04
CA ALA B 682 37.74 6.22 30.80
C ALA B 682 38.42 4.95 31.32
N ASP B 683 39.74 4.88 31.14
CA ASP B 683 40.50 3.73 31.63
C ASP B 683 40.42 3.61 33.15
N ASP B 684 40.31 4.75 33.82
CA ASP B 684 40.31 4.80 35.28
C ASP B 684 38.90 4.63 35.86
N LEU B 685 37.89 4.63 35.01
CA LEU B 685 36.52 4.56 35.48
C LEU B 685 35.97 3.13 35.59
N ASP B 686 36.80 2.23 36.09
CA ASP B 686 36.37 0.86 36.35
C ASP B 686 35.26 0.86 37.41
N GLY B 687 34.25 0.03 37.20
CA GLY B 687 33.15 -0.06 38.14
C GLY B 687 32.05 0.94 37.87
N TYR B 688 32.29 1.85 36.93
CA TYR B 688 31.28 2.81 36.53
C TYR B 688 30.37 2.23 35.46
N SER B 689 29.06 2.27 35.68
CA SER B 689 28.11 1.87 34.67
C SER B 689 27.99 3.01 33.68
N ALA B 690 27.22 2.80 32.62
CA ALA B 690 26.98 3.82 31.62
C ALA B 690 26.31 5.05 32.24
N ALA B 691 25.32 4.80 33.08
CA ALA B 691 24.61 5.87 33.79
C ALA B 691 25.56 6.63 34.70
N ASP B 692 26.49 5.92 35.32
CA ASP B 692 27.50 6.54 36.18
C ASP B 692 28.37 7.51 35.37
N CYS B 693 28.77 7.08 34.19
CA CYS B 693 29.59 7.90 33.30
C CYS B 693 28.84 9.18 32.92
N VAL B 694 27.56 9.03 32.60
CA VAL B 694 26.72 10.16 32.25
C VAL B 694 26.56 11.08 33.45
N ALA B 695 26.37 10.48 34.61
CA ALA B 695 26.22 11.22 35.87
C ALA B 695 27.49 11.99 36.22
N LEU B 696 28.63 11.36 35.97
CA LEU B 696 29.93 11.98 36.24
C LEU B 696 30.14 13.22 35.37
N LEU B 697 29.68 13.16 34.12
CA LEU B 697 29.78 14.31 33.22
C LEU B 697 28.87 15.43 33.68
N ARG B 698 27.68 15.06 34.13
CA ARG B 698 26.72 16.02 34.65
C ARG B 698 27.29 16.79 35.83
N GLU B 699 27.75 16.04 36.82
CA GLU B 699 28.30 16.63 38.04
C GLU B 699 29.56 17.45 37.75
N SER B 700 30.35 17.00 36.77
CA SER B 700 31.59 17.68 36.41
C SER B 700 31.30 19.05 35.80
N ALA B 701 30.33 19.11 34.91
CA ALA B 701 29.99 20.37 34.27
C ALA B 701 29.37 21.34 35.27
N MET B 702 28.55 20.81 36.17
CA MET B 702 27.91 21.62 37.20
C MET B 702 28.95 22.18 38.18
N THR B 703 29.94 21.36 38.50
CA THR B 703 31.02 21.79 39.38
C THR B 703 31.82 22.91 38.72
N ALA B 704 31.94 22.85 37.39
CA ALA B 704 32.65 23.88 36.64
C ALA B 704 31.84 25.16 36.56
N MET B 705 30.53 25.02 36.39
CA MET B 705 29.63 26.17 36.27
C MET B 705 29.53 26.94 37.58
N ARG B 706 29.55 26.20 38.69
CA ARG B 706 29.46 26.83 40.01
C ARG B 706 30.81 27.35 40.51
N ARG B 707 31.89 26.80 39.96
CA ARG B 707 33.23 27.30 40.29
C ARG B 707 33.47 28.67 39.67
N SER B 708 33.14 28.80 38.38
CA SER B 708 33.30 30.06 37.67
C SER B 708 32.44 30.10 36.41
N ILE B 709 31.39 30.91 36.44
CA ILE B 709 30.46 31.01 35.32
C ILE B 709 31.09 31.58 34.04
N ASP B 710 32.04 32.50 34.21
CA ASP B 710 32.71 33.11 33.06
C ASP B 710 33.87 32.26 32.57
N ALA B 711 34.34 31.35 33.41
CA ALA B 711 35.43 30.44 33.04
C ALA B 711 34.97 29.01 33.27
N ALA B 712 33.95 28.60 32.52
CA ALA B 712 33.25 27.36 32.80
C ALA B 712 33.82 26.10 32.14
N ASP B 713 34.99 26.23 31.50
CA ASP B 713 35.63 25.05 30.93
C ASP B 713 35.93 24.03 32.02
N VAL B 714 35.50 22.79 31.81
CA VAL B 714 35.68 21.73 32.79
C VAL B 714 37.16 21.38 32.97
N THR B 715 37.62 21.39 34.20
CA THR B 715 39.01 21.06 34.50
C THR B 715 39.10 19.68 35.16
N ALA B 716 40.33 19.18 35.29
CA ALA B 716 40.55 17.86 35.88
C ALA B 716 40.17 17.84 37.34
N ALA B 717 40.30 18.99 38.01
CA ALA B 717 39.96 19.12 39.42
C ALA B 717 38.44 19.09 39.61
N ASP B 718 37.70 19.62 38.64
CA ASP B 718 36.26 19.57 38.68
C ASP B 718 35.79 18.13 38.59
N VAL B 719 36.45 17.37 37.70
CA VAL B 719 36.14 15.96 37.53
C VAL B 719 36.53 15.18 38.79
N ALA B 720 37.70 15.48 39.32
CA ALA B 720 38.19 14.82 40.52
C ALA B 720 37.29 15.08 41.71
N LYS B 721 36.72 16.29 41.76
CA LYS B 721 35.78 16.63 42.82
C LYS B 721 34.47 15.90 42.58
N ALA B 722 34.08 15.78 41.32
CA ALA B 722 32.84 15.12 40.94
C ALA B 722 32.87 13.63 41.26
N ARG B 723 34.05 13.02 41.15
CA ARG B 723 34.21 11.60 41.42
C ARG B 723 34.02 11.26 42.90
N GLU B 724 34.04 12.28 43.75
CA GLU B 724 33.76 12.10 45.16
C GLU B 724 32.26 11.94 45.37
N THR B 725 31.49 12.60 44.50
CA THR B 725 30.02 12.53 44.56
C THR B 725 29.49 11.35 43.76
N VAL B 726 29.96 11.22 42.52
CA VAL B 726 29.54 10.11 41.67
C VAL B 726 30.49 8.93 41.81
N ARG B 727 30.08 7.94 42.59
CA ARG B 727 30.91 6.76 42.86
C ARG B 727 30.57 5.65 41.87
N PRO B 728 31.51 4.70 41.68
CA PRO B 728 31.20 3.51 40.88
C PRO B 728 30.06 2.71 41.51
N SER B 729 28.99 2.54 40.76
CA SER B 729 27.77 1.95 41.30
C SER B 729 27.63 0.46 41.00
N LEU B 730 28.52 -0.07 40.15
CA LEU B 730 28.47 -1.47 39.79
C LEU B 730 28.84 -2.37 40.97
N ASP B 731 27.98 -3.34 41.23
CA ASP B 731 28.29 -4.38 42.21
C ASP B 731 29.04 -5.50 41.50
N PRO B 732 30.33 -5.68 41.84
CA PRO B 732 31.17 -6.69 41.21
C PRO B 732 30.58 -8.09 41.30
N ALA B 733 29.99 -8.40 42.46
CA ALA B 733 29.42 -9.71 42.70
C ALA B 733 28.27 -10.04 41.75
N GLN B 734 27.46 -9.03 41.44
CA GLN B 734 26.32 -9.21 40.55
C GLN B 734 26.73 -9.29 39.08
N VAL B 735 27.78 -8.56 38.72
CA VAL B 735 28.24 -8.50 37.34
C VAL B 735 28.70 -9.88 36.84
N GLU B 736 29.61 -10.50 37.57
CA GLU B 736 30.10 -11.83 37.20
C GLU B 736 29.01 -12.88 37.38
N SER B 737 28.03 -12.60 38.25
CA SER B 737 26.90 -13.49 38.45
C SER B 737 25.98 -13.48 37.23
N LEU B 738 25.99 -12.38 36.49
CA LEU B 738 25.16 -12.23 35.31
C LEU B 738 25.81 -12.86 34.08
N ARG B 739 27.13 -12.75 34.00
CA ARG B 739 27.87 -13.27 32.87
C ARG B 739 27.84 -14.81 32.87
N GLU B 740 27.73 -15.38 34.06
CA GLU B 740 27.73 -16.83 34.22
C GLU B 740 26.34 -17.44 34.07
N PHE B 741 25.34 -16.60 33.78
CA PHE B 741 23.95 -17.04 33.72
C PHE B 741 23.66 -17.94 32.52
N ALA B 742 24.32 -17.67 31.40
CA ALA B 742 24.04 -18.35 30.14
C ALA B 742 24.22 -19.87 30.22
N GLU B 743 25.46 -20.33 30.36
CA GLU B 743 25.74 -21.76 30.35
C GLU B 743 25.55 -22.41 31.72
N LYS B 744 25.17 -21.61 32.71
CA LYS B 744 24.92 -22.12 34.05
C LYS B 744 23.61 -21.59 34.63
#